data_2BL5
#
_entry.id   2BL5
#
_cell.length_a   1.000
_cell.length_b   1.000
_cell.length_c   1.000
_cell.angle_alpha   90.00
_cell.angle_beta   90.00
_cell.angle_gamma   90.00
#
_symmetry.space_group_name_H-M   'P 1'
#
_entity_poly.entity_id   1
_entity_poly.type   'polypeptide(L)'
_entity_poly.pdbx_seq_one_letter_code
;QLQEKLYVPVKEYPDFNFVGRILGPRGLTAKQLEAETGCKIMVRGKGSMRDKKKEEQNRGKPNWEHLNEDLHVLITVEDA
QNRAELKLKRAVEEVKKLLVPAAEGEDSLKKMKLMELAILNGTYRDANLKSPALHHHHHH
;
_entity_poly.pdbx_strand_id   A
#
# COMPACT_ATOMS: atom_id res chain seq x y z
N GLN A 1 20.84 -4.17 -2.52
CA GLN A 1 19.75 -4.36 -1.53
C GLN A 1 18.62 -5.14 -2.17
N LEU A 2 17.62 -5.48 -1.40
CA LEU A 2 16.49 -6.20 -1.91
C LEU A 2 15.25 -5.33 -1.79
N GLN A 3 14.49 -5.26 -2.87
CA GLN A 3 13.26 -4.48 -2.86
C GLN A 3 12.13 -5.34 -3.42
N GLU A 4 11.00 -5.34 -2.75
CA GLU A 4 9.81 -5.97 -3.28
C GLU A 4 8.73 -4.91 -3.43
N LYS A 5 8.29 -4.69 -4.65
CA LYS A 5 7.38 -3.58 -4.91
C LYS A 5 5.99 -4.10 -5.11
N LEU A 6 5.11 -3.69 -4.24
CA LEU A 6 3.72 -4.08 -4.30
C LEU A 6 2.93 -2.98 -4.98
N TYR A 7 2.71 -3.15 -6.28
CA TYR A 7 2.09 -2.13 -7.11
C TYR A 7 0.60 -1.94 -6.83
N VAL A 8 0.19 -0.69 -6.72
CA VAL A 8 -1.21 -0.33 -6.75
C VAL A 8 -1.43 0.71 -7.83
N PRO A 9 -2.14 0.35 -8.89
CA PRO A 9 -2.30 1.24 -10.04
C PRO A 9 -3.11 2.49 -9.68
N VAL A 10 -2.41 3.56 -9.39
CA VAL A 10 -3.06 4.81 -9.00
C VAL A 10 -3.86 5.37 -10.17
N LYS A 11 -3.51 4.95 -11.37
CA LYS A 11 -4.26 5.30 -12.57
C LYS A 11 -5.62 4.63 -12.53
N GLU A 12 -5.67 3.48 -11.86
CA GLU A 12 -6.88 2.71 -11.70
C GLU A 12 -7.76 3.30 -10.61
N TYR A 13 -7.11 3.87 -9.61
CA TYR A 13 -7.82 4.41 -8.46
C TYR A 13 -7.52 5.89 -8.28
N PRO A 14 -8.11 6.75 -9.12
CA PRO A 14 -7.96 8.20 -8.98
C PRO A 14 -8.69 8.71 -7.75
N ASP A 15 -9.72 7.98 -7.34
CA ASP A 15 -10.56 8.38 -6.22
C ASP A 15 -10.05 7.75 -4.92
N PHE A 16 -9.13 6.81 -5.03
CA PHE A 16 -8.55 6.19 -3.86
C PHE A 16 -7.08 6.55 -3.74
N ASN A 17 -6.80 7.40 -2.79
CA ASN A 17 -5.43 7.82 -2.52
C ASN A 17 -4.70 6.78 -1.68
N PHE A 18 -3.91 5.92 -2.33
CA PHE A 18 -3.13 4.93 -1.59
C PHE A 18 -2.13 5.61 -0.68
N VAL A 19 -1.64 6.77 -1.09
CA VAL A 19 -0.75 7.58 -0.24
C VAL A 19 -1.48 8.05 1.01
N GLY A 20 -2.63 8.68 0.83
CA GLY A 20 -3.42 9.11 1.96
C GLY A 20 -3.96 7.94 2.77
N ARG A 21 -4.01 6.78 2.15
CA ARG A 21 -4.45 5.58 2.82
C ARG A 21 -3.30 4.91 3.57
N ILE A 22 -2.13 4.86 2.95
CA ILE A 22 -1.02 4.10 3.49
C ILE A 22 -0.16 4.92 4.44
N LEU A 23 0.38 6.04 3.97
CA LEU A 23 1.25 6.84 4.81
C LEU A 23 0.56 8.10 5.32
N GLY A 24 -0.67 8.32 4.87
CA GLY A 24 -1.42 9.51 5.27
C GLY A 24 -1.48 9.68 6.79
N PRO A 25 -2.43 9.04 7.46
CA PRO A 25 -2.51 9.06 8.92
C PRO A 25 -1.64 7.98 9.54
N ARG A 26 -1.29 6.97 8.73
CA ARG A 26 -0.58 5.81 9.23
C ARG A 26 0.88 5.80 8.78
N GLY A 27 1.38 6.95 8.35
CA GLY A 27 2.79 7.05 7.98
C GLY A 27 3.72 6.54 9.07
N LEU A 28 3.27 6.64 10.31
CA LEU A 28 3.99 6.14 11.46
C LEU A 28 4.39 4.69 11.26
N THR A 29 3.49 3.89 10.69
CA THR A 29 3.73 2.47 10.52
C THR A 29 4.88 2.22 9.54
N ALA A 30 4.98 3.05 8.50
CA ALA A 30 6.05 2.91 7.53
C ALA A 30 7.40 3.13 8.22
N LYS A 31 7.39 4.07 9.15
CA LYS A 31 8.57 4.38 9.95
C LYS A 31 8.87 3.23 10.92
N GLN A 32 7.82 2.66 11.49
CA GLN A 32 7.98 1.57 12.45
C GLN A 32 8.55 0.34 11.75
N LEU A 33 8.07 0.09 10.54
CA LEU A 33 8.53 -1.05 9.76
C LEU A 33 10.03 -0.94 9.46
N GLU A 34 10.49 0.23 9.06
CA GLU A 34 11.90 0.37 8.74
C GLU A 34 12.75 0.30 10.01
N ALA A 35 12.22 0.85 11.08
CA ALA A 35 12.90 0.83 12.36
C ALA A 35 13.00 -0.58 12.94
N GLU A 36 11.92 -1.33 12.83
CA GLU A 36 11.84 -2.65 13.46
C GLU A 36 12.27 -3.78 12.53
N THR A 37 11.79 -3.78 11.30
CA THR A 37 12.07 -4.89 10.39
C THR A 37 13.43 -4.72 9.73
N GLY A 38 13.95 -3.50 9.74
CA GLY A 38 15.19 -3.21 9.05
C GLY A 38 14.96 -2.96 7.58
N CYS A 39 13.69 -2.84 7.22
CA CYS A 39 13.29 -2.59 5.85
C CYS A 39 12.59 -1.26 5.73
N LYS A 40 13.13 -0.38 4.90
CA LYS A 40 12.54 0.91 4.78
C LYS A 40 11.54 0.86 3.65
N ILE A 41 10.32 0.64 4.01
CA ILE A 41 9.25 0.51 3.07
C ILE A 41 8.84 1.88 2.56
N MET A 42 9.23 2.16 1.33
CA MET A 42 9.02 3.45 0.74
C MET A 42 7.91 3.35 -0.26
N VAL A 43 7.00 4.29 -0.22
CA VAL A 43 5.95 4.30 -1.18
C VAL A 43 6.44 4.99 -2.42
N ARG A 44 6.57 4.24 -3.49
CA ARG A 44 7.10 4.78 -4.72
C ARG A 44 5.96 5.18 -5.62
N GLY A 45 6.28 5.83 -6.71
CA GLY A 45 5.25 6.41 -7.53
C GLY A 45 5.00 7.85 -7.17
N LYS A 46 3.94 8.41 -7.68
CA LYS A 46 3.64 9.81 -7.47
C LYS A 46 2.97 10.03 -6.10
N GLY A 47 3.66 10.74 -5.21
CA GLY A 47 3.04 11.13 -3.96
C GLY A 47 3.76 10.60 -2.73
N SER A 48 5.01 10.18 -2.91
CA SER A 48 5.80 9.66 -1.80
C SER A 48 6.13 10.76 -0.78
N MET A 49 6.82 11.79 -1.25
CA MET A 49 7.23 12.91 -0.42
C MET A 49 6.70 14.19 -1.05
N ARG A 50 5.51 14.07 -1.63
CA ARG A 50 4.83 15.11 -2.43
C ARG A 50 4.63 16.45 -1.67
N ASP A 51 5.43 16.70 -0.66
CA ASP A 51 5.39 17.94 0.08
C ASP A 51 5.85 19.10 -0.80
N LYS A 52 5.18 20.24 -0.67
CA LYS A 52 5.53 21.41 -1.48
C LYS A 52 6.93 21.89 -1.16
N LYS A 53 7.29 21.86 0.11
CA LYS A 53 8.62 22.24 0.53
C LYS A 53 9.65 21.30 -0.09
N LYS A 54 9.27 20.04 -0.24
CA LYS A 54 10.17 19.04 -0.79
C LYS A 54 10.40 19.26 -2.27
N GLU A 55 9.37 19.57 -3.02
CA GLU A 55 9.54 19.81 -4.45
C GLU A 55 10.34 21.08 -4.68
N GLU A 56 10.38 21.94 -3.69
CA GLU A 56 11.16 23.17 -3.78
C GLU A 56 12.64 22.89 -3.50
N GLN A 57 12.95 22.34 -2.34
CA GLN A 57 14.34 22.17 -1.93
C GLN A 57 14.81 20.72 -2.01
N ASN A 58 13.93 19.79 -1.63
CA ASN A 58 14.26 18.36 -1.62
C ASN A 58 14.04 17.77 -3.02
N ARG A 59 13.79 18.67 -3.97
CA ARG A 59 13.54 18.30 -5.35
C ARG A 59 14.69 17.52 -5.96
N GLY A 60 14.36 16.72 -6.95
CA GLY A 60 15.36 15.95 -7.67
C GLY A 60 15.78 14.71 -6.91
N LYS A 61 15.31 14.55 -5.68
CA LYS A 61 15.70 13.43 -4.84
C LYS A 61 14.74 12.25 -5.02
N PRO A 62 15.16 11.04 -4.53
CA PRO A 62 14.38 9.79 -4.56
C PRO A 62 12.86 9.92 -4.55
N ASN A 63 12.34 10.94 -3.89
CA ASN A 63 10.91 11.15 -3.79
C ASN A 63 10.34 11.48 -5.15
N TRP A 64 11.06 12.30 -5.89
CA TRP A 64 10.67 12.63 -7.24
C TRP A 64 11.29 11.66 -8.20
N GLU A 65 12.39 11.06 -7.77
CA GLU A 65 13.04 10.01 -8.53
C GLU A 65 12.07 8.90 -8.87
N HIS A 66 11.33 8.45 -7.88
CA HIS A 66 10.33 7.43 -8.09
C HIS A 66 8.94 8.04 -8.27
N LEU A 67 8.86 9.37 -8.22
CA LEU A 67 7.60 10.08 -8.45
C LEU A 67 7.09 9.82 -9.86
N ASN A 68 8.02 9.50 -10.73
CA ASN A 68 7.71 9.28 -12.13
C ASN A 68 7.30 7.83 -12.38
N GLU A 69 7.36 7.01 -11.34
CA GLU A 69 6.83 5.67 -11.39
C GLU A 69 5.34 5.72 -11.04
N ASP A 70 4.65 4.61 -11.15
CA ASP A 70 3.27 4.54 -10.70
C ASP A 70 3.25 4.14 -9.24
N LEU A 71 2.33 4.73 -8.48
CA LEU A 71 2.27 4.57 -7.02
C LEU A 71 2.27 3.10 -6.61
N HIS A 72 3.29 2.70 -5.88
CA HIS A 72 3.35 1.35 -5.35
C HIS A 72 4.07 1.34 -4.02
N VAL A 73 3.84 0.31 -3.22
CA VAL A 73 4.46 0.24 -1.91
C VAL A 73 5.60 -0.75 -1.95
N LEU A 74 6.78 -0.28 -1.62
CA LEU A 74 7.96 -1.08 -1.77
C LEU A 74 8.68 -1.23 -0.45
N ILE A 75 8.81 -2.47 -0.02
CA ILE A 75 9.64 -2.79 1.13
C ILE A 75 11.08 -2.92 0.67
N THR A 76 11.88 -1.95 1.06
CA THR A 76 13.27 -1.91 0.68
C THR A 76 14.15 -2.33 1.85
N VAL A 77 14.69 -3.53 1.78
CA VAL A 77 15.47 -4.05 2.87
C VAL A 77 16.90 -4.23 2.43
N GLU A 78 17.78 -3.48 3.06
CA GLU A 78 19.17 -3.50 2.67
C GLU A 78 19.92 -4.50 3.55
N ASP A 79 19.97 -5.74 3.05
CA ASP A 79 20.63 -6.85 3.73
C ASP A 79 20.31 -8.12 2.97
N ALA A 80 21.05 -9.19 3.23
CA ALA A 80 20.85 -10.45 2.55
C ALA A 80 20.02 -11.43 3.40
N GLN A 81 19.70 -11.02 4.62
CA GLN A 81 19.01 -11.90 5.56
C GLN A 81 17.57 -12.21 5.12
N ASN A 82 17.28 -13.50 4.97
CA ASN A 82 15.93 -13.95 4.66
C ASN A 82 15.00 -13.70 5.85
N ARG A 83 15.55 -13.79 7.06
CA ARG A 83 14.79 -13.45 8.26
C ARG A 83 14.34 -12.00 8.21
N ALA A 84 15.18 -11.14 7.64
CA ALA A 84 14.83 -9.74 7.45
C ALA A 84 13.58 -9.65 6.60
N GLU A 85 13.66 -10.14 5.36
CA GLU A 85 12.58 -9.99 4.40
C GLU A 85 11.28 -10.60 4.92
N LEU A 86 11.39 -11.66 5.70
CA LEU A 86 10.23 -12.29 6.31
C LEU A 86 9.52 -11.32 7.26
N LYS A 87 10.30 -10.52 7.97
CA LYS A 87 9.76 -9.59 8.95
C LYS A 87 9.03 -8.43 8.27
N LEU A 88 9.65 -7.88 7.23
CA LEU A 88 9.04 -6.79 6.48
C LEU A 88 7.85 -7.26 5.65
N LYS A 89 7.91 -8.49 5.13
CA LYS A 89 6.82 -9.00 4.31
C LYS A 89 5.55 -9.17 5.12
N ARG A 90 5.66 -9.59 6.37
CA ARG A 90 4.48 -9.74 7.22
C ARG A 90 3.89 -8.36 7.53
N ALA A 91 4.76 -7.40 7.82
CA ALA A 91 4.33 -6.04 8.10
C ALA A 91 3.71 -5.40 6.86
N VAL A 92 4.37 -5.57 5.72
CA VAL A 92 3.90 -5.00 4.48
C VAL A 92 2.63 -5.70 4.01
N GLU A 93 2.46 -6.96 4.40
CA GLU A 93 1.25 -7.68 4.10
C GLU A 93 0.04 -7.07 4.82
N GLU A 94 0.26 -6.54 6.02
CA GLU A 94 -0.79 -5.78 6.68
C GLU A 94 -1.07 -4.50 5.89
N VAL A 95 -0.03 -3.94 5.28
CA VAL A 95 -0.21 -2.85 4.34
C VAL A 95 -0.98 -3.35 3.12
N LYS A 96 -0.75 -4.59 2.71
CA LYS A 96 -1.50 -5.21 1.63
C LYS A 96 -3.01 -5.22 1.94
N LYS A 97 -3.37 -5.27 3.21
CA LYS A 97 -4.77 -5.11 3.60
C LYS A 97 -5.17 -3.65 3.53
N LEU A 98 -4.16 -2.78 3.65
CA LEU A 98 -4.39 -1.34 3.59
C LEU A 98 -4.40 -0.79 2.17
N LEU A 99 -3.53 -1.28 1.26
CA LEU A 99 -3.51 -0.72 -0.09
C LEU A 99 -4.71 -1.19 -0.92
N VAL A 100 -5.68 -1.79 -0.24
CA VAL A 100 -6.95 -2.15 -0.86
C VAL A 100 -7.84 -0.91 -0.96
N PRO A 101 -8.49 -0.69 -2.11
CA PRO A 101 -9.35 0.48 -2.36
C PRO A 101 -10.63 0.50 -1.53
N ALA A 102 -10.66 -0.32 -0.50
CA ALA A 102 -11.80 -0.39 0.40
C ALA A 102 -12.06 0.96 1.07
N ALA A 103 -13.32 1.23 1.38
CA ALA A 103 -13.71 2.51 1.96
C ALA A 103 -13.16 2.69 3.36
N GLU A 104 -12.92 1.58 4.02
CA GLU A 104 -12.43 1.59 5.38
C GLU A 104 -11.30 0.56 5.54
N GLY A 105 -10.61 0.61 6.66
CA GLY A 105 -9.54 -0.33 6.91
C GLY A 105 -9.95 -1.41 7.88
N GLU A 106 -11.17 -1.92 7.71
CA GLU A 106 -11.71 -2.92 8.60
C GLU A 106 -12.77 -3.76 7.87
N ASP A 107 -13.49 -4.58 8.63
CA ASP A 107 -14.45 -5.57 8.11
C ASP A 107 -13.74 -6.69 7.38
N SER A 108 -12.92 -6.32 6.41
CA SER A 108 -12.13 -7.27 5.64
C SER A 108 -11.22 -8.07 6.57
N LEU A 109 -10.79 -7.42 7.65
CA LEU A 109 -9.95 -8.09 8.64
C LEU A 109 -10.66 -9.30 9.24
N LYS A 110 -11.96 -9.16 9.45
CA LYS A 110 -12.76 -10.23 10.02
C LYS A 110 -13.22 -11.19 8.93
N LYS A 111 -13.63 -10.63 7.80
CA LYS A 111 -14.14 -11.43 6.68
C LYS A 111 -13.05 -12.29 6.07
N MET A 112 -11.84 -11.76 6.01
CA MET A 112 -10.72 -12.49 5.43
C MET A 112 -10.22 -13.57 6.36
N LYS A 113 -10.39 -13.37 7.66
CA LYS A 113 -10.03 -14.42 8.61
C LYS A 113 -11.05 -15.54 8.53
N LEU A 114 -12.31 -15.19 8.32
CA LEU A 114 -13.37 -16.17 8.33
C LEU A 114 -13.51 -16.88 6.99
N MET A 115 -13.91 -16.13 5.96
CA MET A 115 -14.22 -16.73 4.67
C MET A 115 -13.04 -16.70 3.72
N GLU A 116 -12.41 -15.53 3.60
CA GLU A 116 -11.31 -15.34 2.66
C GLU A 116 -10.10 -16.18 3.05
N LEU A 117 -10.13 -16.72 4.26
CA LEU A 117 -9.10 -17.61 4.75
C LEU A 117 -9.07 -18.85 3.87
N ALA A 118 -10.25 -19.31 3.47
CA ALA A 118 -10.39 -20.41 2.54
C ALA A 118 -11.58 -20.15 1.63
N ILE A 119 -11.34 -19.38 0.59
CA ILE A 119 -12.40 -18.99 -0.34
C ILE A 119 -12.82 -20.20 -1.16
N LEU A 120 -11.95 -20.59 -2.09
CA LEU A 120 -12.15 -21.78 -2.86
C LEU A 120 -11.73 -23.00 -2.03
N ASN A 121 -12.68 -23.91 -1.83
CA ASN A 121 -12.45 -25.10 -1.04
C ASN A 121 -13.57 -26.09 -1.33
N GLY A 122 -13.51 -27.27 -0.73
CA GLY A 122 -14.50 -28.31 -0.99
C GLY A 122 -15.94 -27.85 -0.88
N THR A 123 -16.21 -26.94 0.05
CA THR A 123 -17.56 -26.43 0.27
C THR A 123 -18.08 -25.67 -0.95
N TYR A 124 -17.18 -25.08 -1.72
CA TYR A 124 -17.57 -24.26 -2.87
C TYR A 124 -17.11 -24.88 -4.17
N ARG A 125 -15.82 -25.20 -4.25
CA ARG A 125 -15.19 -25.80 -5.43
C ARG A 125 -15.17 -24.82 -6.61
N ASP A 126 -16.35 -24.50 -7.13
CA ASP A 126 -16.47 -23.68 -8.34
C ASP A 126 -16.08 -22.23 -8.06
N ALA A 127 -16.04 -21.86 -6.79
CA ALA A 127 -15.60 -20.52 -6.39
C ALA A 127 -14.14 -20.30 -6.79
N ASN A 128 -13.46 -21.40 -7.11
CA ASN A 128 -12.08 -21.36 -7.54
C ASN A 128 -11.94 -20.62 -8.87
N LEU A 129 -13.01 -20.65 -9.67
CA LEU A 129 -12.99 -20.02 -10.98
C LEU A 129 -13.26 -18.53 -10.88
N LYS A 130 -13.73 -18.09 -9.71
CA LYS A 130 -14.05 -16.69 -9.50
C LYS A 130 -14.08 -16.38 -8.00
N SER A 131 -12.92 -16.07 -7.45
CA SER A 131 -12.81 -15.67 -6.05
C SER A 131 -12.67 -14.15 -5.95
N PRO A 132 -13.24 -13.53 -4.90
CA PRO A 132 -13.16 -12.08 -4.71
C PRO A 132 -11.74 -11.60 -4.48
N ALA A 133 -10.96 -12.38 -3.74
CA ALA A 133 -9.58 -12.02 -3.43
C ALA A 133 -8.60 -12.80 -4.28
N LEU A 134 -8.70 -12.61 -5.58
CA LEU A 134 -7.75 -13.20 -6.51
C LEU A 134 -6.44 -12.41 -6.49
N HIS A 135 -6.43 -11.26 -6.98
N GLN A 1 20.96 -5.11 -1.53
CA GLN A 1 19.62 -5.03 -0.87
C GLN A 1 18.60 -5.79 -1.69
N LEU A 2 17.45 -6.04 -1.11
CA LEU A 2 16.37 -6.65 -1.86
C LEU A 2 15.15 -5.74 -1.78
N GLN A 3 14.46 -5.57 -2.90
CA GLN A 3 13.27 -4.75 -2.94
C GLN A 3 12.07 -5.57 -3.37
N GLU A 4 10.97 -5.44 -2.65
CA GLU A 4 9.73 -6.07 -3.07
C GLU A 4 8.69 -4.99 -3.29
N LYS A 5 8.08 -4.98 -4.47
CA LYS A 5 7.17 -3.91 -4.84
C LYS A 5 5.76 -4.44 -4.92
N LEU A 6 4.90 -3.86 -4.12
CA LEU A 6 3.52 -4.26 -4.10
C LEU A 6 2.69 -3.14 -4.71
N TYR A 7 2.31 -3.35 -5.96
CA TYR A 7 1.71 -2.29 -6.77
C TYR A 7 0.27 -2.01 -6.43
N VAL A 8 -0.07 -0.72 -6.43
CA VAL A 8 -1.44 -0.28 -6.41
C VAL A 8 -1.62 0.73 -7.53
N PRO A 9 -2.37 0.38 -8.57
CA PRO A 9 -2.43 1.21 -9.76
C PRO A 9 -3.21 2.49 -9.50
N VAL A 10 -2.49 3.53 -9.16
CA VAL A 10 -3.11 4.82 -8.85
C VAL A 10 -3.74 5.41 -10.11
N LYS A 11 -3.26 4.92 -11.25
CA LYS A 11 -3.85 5.26 -12.54
C LYS A 11 -5.26 4.69 -12.63
N GLU A 12 -5.49 3.59 -11.92
CA GLU A 12 -6.78 2.95 -11.86
C GLU A 12 -7.69 3.67 -10.87
N TYR A 13 -7.11 4.09 -9.75
CA TYR A 13 -7.86 4.74 -8.69
C TYR A 13 -7.32 6.16 -8.45
N PRO A 14 -7.69 7.12 -9.31
CA PRO A 14 -7.24 8.50 -9.18
C PRO A 14 -7.88 9.18 -7.97
N ASP A 15 -8.96 8.58 -7.49
CA ASP A 15 -9.71 9.16 -6.39
C ASP A 15 -9.40 8.43 -5.08
N PHE A 16 -8.73 7.29 -5.17
CA PHE A 16 -8.31 6.58 -3.97
C PHE A 16 -6.85 6.87 -3.69
N ASN A 17 -6.62 7.65 -2.66
CA ASN A 17 -5.28 8.04 -2.28
C ASN A 17 -4.59 6.95 -1.47
N PHE A 18 -3.80 6.12 -2.13
CA PHE A 18 -3.05 5.10 -1.42
C PHE A 18 -2.05 5.74 -0.47
N VAL A 19 -1.50 6.87 -0.85
CA VAL A 19 -0.67 7.66 0.05
C VAL A 19 -1.51 8.18 1.21
N GLY A 20 -2.64 8.79 0.89
CA GLY A 20 -3.54 9.28 1.92
C GLY A 20 -4.16 8.16 2.74
N ARG A 21 -4.01 6.94 2.25
CA ARG A 21 -4.56 5.77 2.89
C ARG A 21 -3.50 5.03 3.72
N ILE A 22 -2.30 4.94 3.17
CA ILE A 22 -1.23 4.19 3.80
C ILE A 22 -0.43 5.11 4.72
N LEU A 23 -0.17 6.30 4.22
CA LEU A 23 0.64 7.28 4.91
C LEU A 23 -0.24 8.29 5.63
N GLY A 24 -1.38 8.59 5.01
CA GLY A 24 -2.28 9.62 5.49
C GLY A 24 -2.56 9.57 6.98
N PRO A 25 -3.43 8.66 7.44
CA PRO A 25 -3.76 8.55 8.85
C PRO A 25 -2.83 7.61 9.62
N ARG A 26 -2.30 6.60 8.93
CA ARG A 26 -1.51 5.56 9.57
C ARG A 26 -0.09 5.48 9.02
N GLY A 27 0.47 6.62 8.61
CA GLY A 27 1.82 6.64 8.07
C GLY A 27 2.85 6.05 9.02
N LEU A 28 2.50 6.00 10.30
CA LEU A 28 3.35 5.40 11.30
C LEU A 28 3.65 3.94 10.97
N THR A 29 2.77 3.29 10.22
CA THR A 29 2.98 1.90 9.84
C THR A 29 4.23 1.77 8.99
N ALA A 30 4.46 2.73 8.10
CA ALA A 30 5.65 2.73 7.27
C ALA A 30 6.87 2.97 8.13
N LYS A 31 6.73 3.87 9.09
CA LYS A 31 7.81 4.21 10.00
C LYS A 31 8.17 3.02 10.89
N GLN A 32 7.15 2.31 11.35
CA GLN A 32 7.36 1.17 12.24
C GLN A 32 8.06 0.05 11.49
N LEU A 33 7.68 -0.15 10.24
CA LEU A 33 8.24 -1.22 9.43
C LEU A 33 9.72 -1.00 9.22
N GLU A 34 10.13 0.21 8.88
CA GLU A 34 11.53 0.43 8.61
C GLU A 34 12.34 0.39 9.90
N ALA A 35 11.77 0.93 10.96
CA ALA A 35 12.42 0.92 12.26
C ALA A 35 12.54 -0.49 12.82
N GLU A 36 11.49 -1.28 12.69
CA GLU A 36 11.45 -2.62 13.27
C GLU A 36 12.07 -3.67 12.37
N THR A 37 11.68 -3.71 11.12
CA THR A 37 12.11 -4.79 10.24
C THR A 37 13.52 -4.55 9.73
N GLY A 38 13.94 -3.29 9.78
CA GLY A 38 15.21 -2.90 9.19
C GLY A 38 15.05 -2.59 7.73
N CYS A 39 13.82 -2.70 7.26
CA CYS A 39 13.50 -2.42 5.89
C CYS A 39 12.83 -1.09 5.76
N LYS A 40 13.46 -0.19 5.03
CA LYS A 40 12.87 1.10 4.80
C LYS A 40 11.89 0.98 3.67
N ILE A 41 10.64 0.80 4.04
CA ILE A 41 9.58 0.62 3.07
C ILE A 41 9.19 1.97 2.51
N MET A 42 9.53 2.19 1.27
CA MET A 42 9.32 3.49 0.66
C MET A 42 8.23 3.37 -0.37
N VAL A 43 7.32 4.31 -0.33
CA VAL A 43 6.23 4.32 -1.27
C VAL A 43 6.73 4.93 -2.57
N ARG A 44 6.79 4.10 -3.60
CA ARG A 44 7.36 4.52 -4.87
C ARG A 44 6.27 4.74 -5.90
N GLY A 45 6.22 5.95 -6.42
CA GLY A 45 5.17 6.32 -7.33
C GLY A 45 4.89 7.80 -7.25
N LYS A 46 3.99 8.25 -8.09
CA LYS A 46 3.60 9.65 -8.13
C LYS A 46 2.86 10.06 -6.86
N GLY A 47 3.57 10.75 -5.97
CA GLY A 47 2.93 11.26 -4.79
C GLY A 47 3.52 10.71 -3.51
N SER A 48 4.79 10.36 -3.55
CA SER A 48 5.45 9.79 -2.39
C SER A 48 5.64 10.84 -1.28
N MET A 49 6.43 11.87 -1.56
CA MET A 49 6.74 12.90 -0.58
C MET A 49 6.47 14.31 -1.12
N ARG A 50 5.47 14.45 -1.98
CA ARG A 50 5.20 15.70 -2.71
C ARG A 50 4.81 16.89 -1.84
N ASP A 51 5.23 16.89 -0.59
CA ASP A 51 4.98 18.01 0.31
C ASP A 51 5.67 19.26 -0.20
N LYS A 52 5.06 20.42 0.01
CA LYS A 52 5.49 21.68 -0.60
C LYS A 52 6.96 21.98 -0.30
N LYS A 53 7.37 21.78 0.93
CA LYS A 53 8.74 22.04 1.29
C LYS A 53 9.68 21.13 0.53
N LYS A 54 9.28 19.90 0.31
CA LYS A 54 10.11 18.95 -0.40
C LYS A 54 10.27 19.33 -1.86
N GLU A 55 9.17 19.65 -2.51
CA GLU A 55 9.20 20.00 -3.93
C GLU A 55 10.04 21.25 -4.19
N GLU A 56 10.25 22.08 -3.18
CA GLU A 56 11.07 23.27 -3.34
C GLU A 56 12.55 22.98 -3.15
N GLN A 57 12.91 22.40 -2.01
CA GLN A 57 14.32 22.23 -1.62
C GLN A 57 14.78 20.78 -1.73
N ASN A 58 13.86 19.87 -1.44
CA ASN A 58 14.14 18.44 -1.36
C ASN A 58 13.81 17.79 -2.72
N ARG A 59 13.54 18.66 -3.68
CA ARG A 59 13.16 18.27 -5.02
C ARG A 59 14.22 17.47 -5.75
N GLY A 60 13.79 16.87 -6.84
CA GLY A 60 14.69 16.15 -7.74
C GLY A 60 15.19 14.85 -7.18
N LYS A 61 15.00 14.64 -5.89
CA LYS A 61 15.58 13.47 -5.23
C LYS A 61 14.51 12.45 -4.81
N PRO A 62 14.93 11.24 -4.30
CA PRO A 62 14.13 9.98 -4.22
C PRO A 62 12.59 10.07 -4.24
N ASN A 63 11.98 11.09 -3.68
CA ASN A 63 10.53 11.20 -3.73
C ASN A 63 10.08 11.44 -5.15
N TRP A 64 10.90 12.16 -5.89
CA TRP A 64 10.67 12.40 -7.29
C TRP A 64 11.34 11.32 -8.10
N GLU A 65 12.43 10.78 -7.55
CA GLU A 65 13.15 9.67 -8.16
C GLU A 65 12.19 8.55 -8.54
N HIS A 66 11.36 8.16 -7.57
CA HIS A 66 10.37 7.14 -7.81
C HIS A 66 8.99 7.74 -8.08
N LEU A 67 8.91 9.07 -8.12
CA LEU A 67 7.67 9.77 -8.46
C LEU A 67 7.26 9.44 -9.88
N ASN A 68 8.25 9.04 -10.66
CA ASN A 68 8.04 8.71 -12.07
C ASN A 68 7.65 7.25 -12.22
N GLU A 69 7.48 6.59 -11.08
CA GLU A 69 6.89 5.26 -11.03
C GLU A 69 5.40 5.40 -10.84
N ASP A 70 4.64 4.34 -11.04
CA ASP A 70 3.24 4.36 -10.66
C ASP A 70 3.13 3.90 -9.22
N LEU A 71 2.24 4.53 -8.45
CA LEU A 71 2.23 4.39 -7.00
C LEU A 71 2.20 2.94 -6.55
N HIS A 72 3.24 2.54 -5.85
CA HIS A 72 3.28 1.22 -5.24
C HIS A 72 4.06 1.28 -3.93
N VAL A 73 3.91 0.28 -3.10
CA VAL A 73 4.65 0.24 -1.85
C VAL A 73 5.81 -0.71 -2.02
N LEU A 74 6.98 -0.30 -1.56
CA LEU A 74 8.17 -1.08 -1.76
C LEU A 74 8.91 -1.25 -0.46
N ILE A 75 8.99 -2.49 -0.03
CA ILE A 75 9.82 -2.81 1.09
C ILE A 75 11.25 -2.99 0.62
N THR A 76 12.07 -2.02 0.96
CA THR A 76 13.48 -2.06 0.64
C THR A 76 14.30 -2.40 1.87
N VAL A 77 14.84 -3.60 1.92
CA VAL A 77 15.64 -4.00 3.04
C VAL A 77 17.06 -4.28 2.58
N GLU A 78 18.00 -3.53 3.13
CA GLU A 78 19.39 -3.74 2.83
C GLU A 78 19.94 -4.81 3.74
N ASP A 79 19.86 -6.05 3.28
CA ASP A 79 20.23 -7.20 4.07
C ASP A 79 20.02 -8.45 3.22
N ALA A 80 20.91 -9.42 3.36
CA ALA A 80 20.84 -10.63 2.56
C ALA A 80 20.18 -11.78 3.30
N GLN A 81 19.77 -11.54 4.54
CA GLN A 81 19.19 -12.59 5.35
C GLN A 81 17.67 -12.65 5.15
N ASN A 82 17.17 -13.86 4.91
CA ASN A 82 15.75 -14.06 4.67
C ASN A 82 14.93 -13.75 5.90
N ARG A 83 15.53 -13.90 7.07
CA ARG A 83 14.87 -13.53 8.32
C ARG A 83 14.49 -12.06 8.28
N ALA A 84 15.38 -11.24 7.72
CA ALA A 84 15.12 -9.82 7.55
C ALA A 84 13.90 -9.64 6.68
N GLU A 85 14.03 -10.06 5.42
CA GLU A 85 12.98 -9.81 4.44
C GLU A 85 11.66 -10.43 4.87
N LEU A 86 11.73 -11.54 5.59
CA LEU A 86 10.54 -12.19 6.11
C LEU A 86 9.78 -11.23 7.02
N LYS A 87 10.52 -10.45 7.80
CA LYS A 87 9.90 -9.50 8.71
C LYS A 87 9.21 -8.37 7.95
N LEU A 88 9.87 -7.80 6.92
CA LEU A 88 9.23 -6.68 6.21
C LEU A 88 8.07 -7.12 5.32
N LYS A 89 8.13 -8.30 4.74
CA LYS A 89 7.03 -8.75 3.89
C LYS A 89 5.77 -9.02 4.71
N ARG A 90 5.91 -9.57 5.91
CA ARG A 90 4.73 -9.81 6.74
C ARG A 90 4.11 -8.48 7.16
N ALA A 91 4.95 -7.51 7.48
CA ALA A 91 4.51 -6.18 7.87
C ALA A 91 3.88 -5.46 6.69
N VAL A 92 4.57 -5.50 5.55
CA VAL A 92 4.10 -4.86 4.34
C VAL A 92 2.82 -5.54 3.84
N GLU A 93 2.66 -6.82 4.16
CA GLU A 93 1.44 -7.52 3.84
C GLU A 93 0.26 -6.95 4.63
N GLU A 94 0.52 -6.43 5.81
CA GLU A 94 -0.49 -5.66 6.51
C GLU A 94 -0.77 -4.35 5.79
N VAL A 95 0.24 -3.80 5.12
CA VAL A 95 0.02 -2.69 4.20
C VAL A 95 -0.84 -3.16 3.04
N LYS A 96 -0.60 -4.38 2.58
CA LYS A 96 -1.42 -5.00 1.55
C LYS A 96 -2.89 -5.04 2.00
N LYS A 97 -3.08 -5.13 3.31
CA LYS A 97 -4.41 -5.13 3.90
C LYS A 97 -5.01 -3.73 3.81
N LEU A 98 -4.14 -2.73 3.89
CA LEU A 98 -4.56 -1.33 3.88
C LEU A 98 -4.64 -0.73 2.47
N LEU A 99 -3.73 -1.14 1.57
CA LEU A 99 -3.59 -0.52 0.26
C LEU A 99 -4.71 -0.92 -0.68
N VAL A 100 -5.75 -1.51 -0.13
CA VAL A 100 -6.90 -1.87 -0.92
C VAL A 100 -7.80 -0.66 -1.12
N PRO A 101 -8.36 -0.48 -2.33
CA PRO A 101 -9.30 0.62 -2.64
C PRO A 101 -10.59 0.50 -1.86
N ALA A 102 -10.67 -0.55 -1.06
CA ALA A 102 -11.75 -0.77 -0.10
C ALA A 102 -13.01 -1.26 -0.79
N ALA A 103 -13.72 -0.36 -1.41
CA ALA A 103 -14.93 -0.71 -2.12
C ALA A 103 -15.24 0.31 -3.20
N GLU A 104 -14.87 -0.03 -4.43
CA GLU A 104 -15.18 0.80 -5.58
C GLU A 104 -15.68 -0.08 -6.73
N GLY A 105 -16.89 0.20 -7.17
CA GLY A 105 -17.48 -0.58 -8.24
C GLY A 105 -16.98 -0.18 -9.61
N GLU A 106 -15.89 -0.80 -10.04
CA GLU A 106 -15.31 -0.52 -11.35
C GLU A 106 -16.25 -0.99 -12.46
N ASP A 107 -17.19 -1.88 -12.10
CA ASP A 107 -18.14 -2.46 -13.04
C ASP A 107 -18.71 -1.42 -14.01
N SER A 108 -19.53 -0.53 -13.49
CA SER A 108 -20.17 0.49 -14.31
C SER A 108 -19.21 1.62 -14.60
N LEU A 109 -18.43 2.01 -13.60
CA LEU A 109 -17.55 3.16 -13.71
C LEU A 109 -16.56 3.01 -14.87
N LYS A 110 -16.04 1.81 -15.07
CA LYS A 110 -15.05 1.58 -16.11
C LYS A 110 -15.69 1.68 -17.50
N LYS A 111 -16.73 0.88 -17.74
CA LYS A 111 -17.39 0.88 -19.05
C LYS A 111 -18.09 2.20 -19.32
N MET A 112 -18.48 2.93 -18.27
CA MET A 112 -19.08 4.24 -18.44
C MET A 112 -18.01 5.28 -18.78
N LYS A 113 -16.80 5.07 -18.30
CA LYS A 113 -15.70 5.95 -18.64
C LYS A 113 -15.29 5.72 -20.08
N LEU A 114 -15.36 4.47 -20.51
CA LEU A 114 -14.90 4.11 -21.83
C LEU A 114 -16.00 4.31 -22.88
N MET A 115 -17.07 3.53 -22.77
CA MET A 115 -18.12 3.52 -23.79
C MET A 115 -19.23 4.50 -23.48
N GLU A 116 -19.78 4.42 -22.27
CA GLU A 116 -20.93 5.24 -21.90
C GLU A 116 -20.59 6.73 -21.90
N LEU A 117 -19.30 7.02 -21.92
CA LEU A 117 -18.81 8.40 -21.95
C LEU A 117 -19.11 9.02 -23.30
N ALA A 118 -18.60 8.36 -24.34
CA ALA A 118 -18.80 8.77 -25.72
C ALA A 118 -18.07 7.79 -26.63
N ILE A 119 -17.59 6.70 -26.03
CA ILE A 119 -16.68 5.76 -26.68
C ILE A 119 -15.36 6.45 -27.05
N LEU A 120 -15.41 7.30 -28.07
CA LEU A 120 -14.25 8.05 -28.50
C LEU A 120 -14.12 9.32 -27.65
N ASN A 121 -13.73 9.12 -26.40
CA ASN A 121 -13.63 10.22 -25.45
C ASN A 121 -12.29 10.94 -25.57
N GLY A 122 -11.48 10.51 -26.52
CA GLY A 122 -10.17 11.09 -26.71
C GLY A 122 -9.08 10.06 -26.66
N THR A 123 -9.34 8.95 -25.97
CA THR A 123 -8.38 7.87 -25.85
C THR A 123 -7.95 7.36 -27.22
N TYR A 124 -8.92 7.09 -28.09
CA TYR A 124 -8.63 6.62 -29.44
C TYR A 124 -8.85 7.73 -30.45
N ARG A 125 -10.00 8.40 -30.35
CA ARG A 125 -10.34 9.57 -31.19
C ARG A 125 -10.63 9.18 -32.64
N ASP A 126 -9.70 8.48 -33.27
CA ASP A 126 -9.75 8.18 -34.71
C ASP A 126 -11.05 7.54 -35.17
N ALA A 127 -11.64 6.67 -34.33
CA ALA A 127 -12.88 6.00 -34.69
C ALA A 127 -14.05 6.99 -34.81
N ASN A 128 -13.76 8.27 -34.57
CA ASN A 128 -14.70 9.35 -34.81
C ASN A 128 -15.13 9.34 -36.27
N LEU A 129 -14.15 9.17 -37.16
CA LEU A 129 -14.43 9.09 -38.58
C LEU A 129 -14.90 7.69 -38.93
N LYS A 130 -16.18 7.58 -39.26
CA LYS A 130 -16.78 6.27 -39.50
C LYS A 130 -16.25 5.64 -40.78
N SER A 131 -15.74 4.42 -40.64
CA SER A 131 -15.31 3.65 -41.78
C SER A 131 -16.41 2.68 -42.17
N PRO A 132 -16.99 2.84 -43.38
CA PRO A 132 -18.14 2.05 -43.84
C PRO A 132 -17.94 0.55 -43.66
N ALA A 133 -16.81 0.04 -44.09
CA ALA A 133 -16.51 -1.39 -43.99
C ALA A 133 -15.35 -1.62 -43.03
N LEU A 134 -15.05 -0.61 -42.21
CA LEU A 134 -13.95 -0.67 -41.26
C LEU A 134 -12.62 -0.96 -41.98
N HIS A 135 -12.20 -2.13 -42.02
N GLN A 1 21.12 -4.53 -1.55
CA GLN A 1 19.81 -4.62 -0.86
C GLN A 1 18.80 -5.35 -1.72
N LEU A 2 17.70 -5.74 -1.11
CA LEU A 2 16.62 -6.37 -1.81
C LEU A 2 15.39 -5.46 -1.75
N GLN A 3 14.73 -5.27 -2.88
CA GLN A 3 13.53 -4.46 -2.93
C GLN A 3 12.39 -5.27 -3.51
N GLU A 4 11.23 -5.19 -2.88
CA GLU A 4 10.03 -5.75 -3.46
C GLU A 4 9.02 -4.64 -3.66
N LYS A 5 8.42 -4.58 -4.82
CA LYS A 5 7.50 -3.50 -5.13
C LYS A 5 6.12 -4.06 -5.35
N LEU A 6 5.21 -3.69 -4.48
CA LEU A 6 3.86 -4.15 -4.57
C LEU A 6 3.00 -3.03 -5.15
N TYR A 7 2.81 -3.10 -6.46
CA TYR A 7 2.16 -2.04 -7.20
C TYR A 7 0.68 -1.96 -6.87
N VAL A 8 0.20 -0.74 -6.78
CA VAL A 8 -1.19 -0.48 -6.55
C VAL A 8 -1.61 0.68 -7.44
N PRO A 9 -2.44 0.41 -8.44
CA PRO A 9 -2.69 1.35 -9.52
C PRO A 9 -3.52 2.56 -9.09
N VAL A 10 -2.83 3.63 -8.72
CA VAL A 10 -3.49 4.88 -8.38
C VAL A 10 -4.18 5.44 -9.61
N LYS A 11 -3.66 5.04 -10.77
CA LYS A 11 -4.27 5.37 -12.05
C LYS A 11 -5.63 4.70 -12.17
N GLU A 12 -5.76 3.55 -11.51
CA GLU A 12 -7.01 2.80 -11.53
C GLU A 12 -8.01 3.39 -10.56
N TYR A 13 -7.51 3.92 -9.46
CA TYR A 13 -8.37 4.48 -8.42
C TYR A 13 -8.06 5.95 -8.22
N PRO A 14 -8.62 6.82 -9.06
CA PRO A 14 -8.36 8.26 -9.01
C PRO A 14 -8.95 8.91 -7.76
N ASP A 15 -9.85 8.18 -7.10
CA ASP A 15 -10.53 8.68 -5.92
C ASP A 15 -9.94 8.09 -4.64
N PHE A 16 -9.10 7.08 -4.79
CA PHE A 16 -8.49 6.44 -3.64
C PHE A 16 -7.01 6.78 -3.58
N ASN A 17 -6.65 7.61 -2.61
CA ASN A 17 -5.26 7.99 -2.44
C ASN A 17 -4.52 6.98 -1.60
N PHE A 18 -3.72 6.14 -2.24
CA PHE A 18 -2.98 5.11 -1.52
C PHE A 18 -1.97 5.73 -0.57
N VAL A 19 -1.38 6.84 -0.97
CA VAL A 19 -0.54 7.63 -0.07
C VAL A 19 -1.37 8.16 1.09
N GLY A 20 -2.49 8.79 0.78
CA GLY A 20 -3.38 9.29 1.83
C GLY A 20 -3.98 8.18 2.65
N ARG A 21 -3.86 6.96 2.16
CA ARG A 21 -4.36 5.77 2.85
C ARG A 21 -3.28 5.13 3.70
N ILE A 22 -2.09 5.01 3.15
CA ILE A 22 -1.01 4.29 3.79
C ILE A 22 -0.20 5.24 4.66
N LEU A 23 0.05 6.41 4.11
CA LEU A 23 0.90 7.40 4.73
C LEU A 23 0.05 8.48 5.40
N GLY A 24 -1.08 8.77 4.77
CA GLY A 24 -1.93 9.89 5.15
C GLY A 24 -2.07 10.10 6.64
N PRO A 25 -2.96 9.34 7.32
CA PRO A 25 -3.15 9.45 8.75
C PRO A 25 -2.24 8.53 9.56
N ARG A 26 -2.00 7.32 9.06
CA ARG A 26 -1.27 6.32 9.80
C ARG A 26 0.02 5.91 9.09
N GLY A 27 0.65 6.86 8.41
CA GLY A 27 1.94 6.62 7.76
C GLY A 27 3.00 6.12 8.74
N LEU A 28 2.70 6.27 10.02
CA LEU A 28 3.54 5.75 11.08
C LEU A 28 3.81 4.28 10.86
N THR A 29 2.89 3.58 10.20
CA THR A 29 3.04 2.16 9.93
C THR A 29 4.30 1.89 9.12
N ALA A 30 4.54 2.70 8.10
CA ALA A 30 5.72 2.54 7.25
C ALA A 30 6.97 2.86 8.06
N LYS A 31 6.85 3.88 8.89
CA LYS A 31 7.94 4.31 9.75
C LYS A 31 8.32 3.23 10.74
N GLN A 32 7.31 2.53 11.24
CA GLN A 32 7.53 1.47 12.22
C GLN A 32 8.21 0.28 11.57
N LEU A 33 7.90 0.05 10.29
CA LEU A 33 8.46 -1.10 9.61
C LEU A 33 9.96 -0.94 9.44
N GLU A 34 10.40 0.25 9.06
CA GLU A 34 11.84 0.49 8.88
C GLU A 34 12.54 0.49 10.22
N ALA A 35 11.85 0.99 11.22
CA ALA A 35 12.36 1.01 12.59
C ALA A 35 12.49 -0.40 13.17
N GLU A 36 11.48 -1.24 12.93
CA GLU A 36 11.43 -2.56 13.54
C GLU A 36 12.04 -3.64 12.67
N THR A 37 11.60 -3.73 11.41
CA THR A 37 11.97 -4.84 10.55
C THR A 37 13.38 -4.65 9.98
N GLY A 38 13.85 -3.42 10.00
CA GLY A 38 15.12 -3.10 9.36
C GLY A 38 14.92 -2.81 7.89
N CYS A 39 13.69 -2.99 7.44
CA CYS A 39 13.34 -2.69 6.07
C CYS A 39 12.68 -1.35 5.97
N LYS A 40 13.30 -0.44 5.24
CA LYS A 40 12.69 0.84 5.01
C LYS A 40 11.74 0.72 3.85
N ILE A 41 10.48 0.52 4.16
CA ILE A 41 9.48 0.38 3.13
C ILE A 41 9.13 1.76 2.62
N MET A 42 9.56 2.04 1.41
CA MET A 42 9.41 3.34 0.86
C MET A 42 8.31 3.29 -0.16
N VAL A 43 7.42 4.21 -0.07
CA VAL A 43 6.37 4.30 -1.03
C VAL A 43 6.93 4.96 -2.27
N ARG A 44 6.71 4.34 -3.40
CA ARG A 44 7.19 4.86 -4.65
C ARG A 44 5.99 5.14 -5.54
N GLY A 45 6.22 5.72 -6.69
CA GLY A 45 5.10 6.06 -7.52
C GLY A 45 4.58 7.45 -7.23
N LYS A 46 3.38 7.68 -7.68
CA LYS A 46 2.77 9.00 -7.69
C LYS A 46 2.60 9.60 -6.30
N GLY A 47 3.59 10.38 -5.86
CA GLY A 47 3.36 11.30 -4.77
C GLY A 47 3.54 10.72 -3.39
N SER A 48 4.71 10.16 -3.13
CA SER A 48 4.95 9.49 -1.86
C SER A 48 5.25 10.48 -0.73
N MET A 49 6.33 11.24 -0.88
CA MET A 49 6.74 12.23 0.12
C MET A 49 6.86 13.59 -0.55
N ARG A 50 5.99 13.80 -1.54
CA ARG A 50 5.95 14.99 -2.41
C ARG A 50 5.64 16.29 -1.65
N ASP A 51 6.00 16.33 -0.37
CA ASP A 51 5.85 17.52 0.46
C ASP A 51 6.48 18.73 -0.20
N LYS A 52 5.87 19.90 -0.03
CA LYS A 52 6.41 21.12 -0.62
C LYS A 52 7.75 21.47 0.02
N LYS A 53 7.93 21.03 1.25
CA LYS A 53 9.20 21.20 1.91
C LYS A 53 10.25 20.36 1.19
N LYS A 54 9.82 19.20 0.70
CA LYS A 54 10.71 18.32 -0.03
C LYS A 54 11.10 18.94 -1.36
N GLU A 55 10.11 19.43 -2.09
CA GLU A 55 10.37 20.03 -3.41
C GLU A 55 11.31 21.23 -3.29
N GLU A 56 11.40 21.81 -2.11
CA GLU A 56 12.32 22.91 -1.89
C GLU A 56 13.76 22.40 -1.80
N GLN A 57 14.02 21.56 -0.81
CA GLN A 57 15.40 21.18 -0.48
C GLN A 57 15.73 19.74 -0.91
N ASN A 58 14.74 18.88 -0.97
CA ASN A 58 14.94 17.46 -1.29
C ASN A 58 14.44 17.19 -2.71
N ARG A 59 14.21 18.27 -3.43
CA ARG A 59 13.82 18.20 -4.84
C ARG A 59 14.86 17.44 -5.67
N GLY A 60 14.37 16.67 -6.63
CA GLY A 60 15.25 15.88 -7.47
C GLY A 60 15.71 14.59 -6.80
N LYS A 61 15.24 14.36 -5.59
CA LYS A 61 15.58 13.17 -4.83
C LYS A 61 14.53 12.08 -5.02
N PRO A 62 14.83 10.84 -4.56
CA PRO A 62 13.96 9.64 -4.66
C PRO A 62 12.45 9.89 -4.74
N ASN A 63 11.95 10.94 -4.11
CA ASN A 63 10.51 11.20 -4.11
C ASN A 63 10.06 11.54 -5.50
N TRP A 64 10.93 12.23 -6.20
CA TRP A 64 10.68 12.59 -7.57
C TRP A 64 11.22 11.49 -8.47
N GLU A 65 12.27 10.84 -8.00
CA GLU A 65 12.87 9.70 -8.68
C GLU A 65 11.82 8.67 -9.05
N HIS A 66 11.02 8.29 -8.08
CA HIS A 66 10.02 7.26 -8.28
C HIS A 66 8.64 7.85 -8.52
N LEU A 67 8.54 9.18 -8.51
CA LEU A 67 7.26 9.86 -8.76
C LEU A 67 6.86 9.66 -10.22
N ASN A 68 7.85 9.31 -11.03
CA ASN A 68 7.63 9.04 -12.44
C ASN A 68 7.29 7.56 -12.65
N GLU A 69 7.11 6.86 -11.55
CA GLU A 69 6.57 5.51 -11.56
C GLU A 69 5.10 5.55 -11.16
N ASP A 70 4.47 4.39 -11.07
CA ASP A 70 3.10 4.30 -10.58
C ASP A 70 3.10 4.05 -9.09
N LEU A 71 2.11 4.63 -8.41
CA LEU A 71 2.03 4.57 -6.96
C LEU A 71 2.12 3.13 -6.47
N HIS A 72 3.19 2.80 -5.77
CA HIS A 72 3.33 1.45 -5.22
C HIS A 72 4.09 1.49 -3.91
N VAL A 73 4.03 0.40 -3.18
CA VAL A 73 4.77 0.28 -1.94
C VAL A 73 5.96 -0.65 -2.16
N LEU A 74 7.10 -0.26 -1.65
CA LEU A 74 8.31 -1.02 -1.88
C LEU A 74 9.04 -1.25 -0.57
N ILE A 75 9.10 -2.51 -0.19
CA ILE A 75 9.85 -2.90 0.98
C ILE A 75 11.31 -3.06 0.62
N THR A 76 12.11 -2.13 1.12
CA THR A 76 13.52 -2.14 0.85
C THR A 76 14.31 -2.61 2.05
N VAL A 77 14.90 -3.77 1.92
CA VAL A 77 15.65 -4.34 2.99
C VAL A 77 17.10 -4.50 2.57
N GLU A 78 18.01 -3.94 3.34
CA GLU A 78 19.40 -4.15 3.06
C GLU A 78 19.88 -5.34 3.88
N ASP A 79 19.75 -6.51 3.28
CA ASP A 79 20.06 -7.79 3.92
C ASP A 79 19.47 -8.91 3.07
N ALA A 80 20.26 -9.92 2.78
CA ALA A 80 19.83 -10.99 1.89
C ALA A 80 19.33 -12.21 2.67
N GLN A 81 19.04 -12.03 3.95
CA GLN A 81 18.65 -13.14 4.79
C GLN A 81 17.14 -13.28 4.87
N ASN A 82 16.69 -14.51 5.05
CA ASN A 82 15.27 -14.84 5.11
C ASN A 82 14.60 -14.17 6.30
N ARG A 83 15.32 -14.08 7.41
CA ARG A 83 14.80 -13.47 8.64
C ARG A 83 14.39 -12.01 8.39
N ALA A 84 15.21 -11.29 7.61
CA ALA A 84 14.96 -9.89 7.34
C ALA A 84 13.72 -9.73 6.49
N GLU A 85 13.66 -10.47 5.39
CA GLU A 85 12.51 -10.37 4.49
C GLU A 85 11.26 -10.93 5.15
N LEU A 86 11.42 -11.91 6.02
CA LEU A 86 10.27 -12.47 6.73
C LEU A 86 9.59 -11.35 7.50
N LYS A 87 10.42 -10.48 8.04
CA LYS A 87 9.95 -9.37 8.83
C LYS A 87 9.26 -8.30 7.95
N LEU A 88 9.84 -7.91 6.81
CA LEU A 88 9.18 -6.91 5.99
C LEU A 88 7.94 -7.45 5.28
N LYS A 89 7.95 -8.73 4.95
CA LYS A 89 6.86 -9.31 4.18
C LYS A 89 5.59 -9.39 5.02
N ARG A 90 5.73 -9.67 6.32
CA ARG A 90 4.57 -9.68 7.20
C ARG A 90 4.06 -8.26 7.43
N ALA A 91 4.98 -7.33 7.61
CA ALA A 91 4.62 -5.93 7.83
C ALA A 91 3.98 -5.32 6.58
N VAL A 92 4.60 -5.60 5.44
CA VAL A 92 4.10 -5.08 4.18
C VAL A 92 2.77 -5.74 3.82
N GLU A 93 2.57 -6.97 4.29
CA GLU A 93 1.29 -7.64 4.11
C GLU A 93 0.17 -6.88 4.82
N GLU A 94 0.51 -6.25 5.94
CA GLU A 94 -0.43 -5.35 6.61
C GLU A 94 -0.78 -4.19 5.70
N VAL A 95 0.23 -3.63 5.03
CA VAL A 95 -0.02 -2.60 4.03
C VAL A 95 -0.82 -3.15 2.87
N LYS A 96 -0.49 -4.36 2.44
CA LYS A 96 -1.17 -5.00 1.33
C LYS A 96 -2.68 -5.11 1.59
N LYS A 97 -3.05 -5.23 2.84
CA LYS A 97 -4.46 -5.23 3.21
C LYS A 97 -5.00 -3.80 3.22
N LEU A 98 -4.14 -2.85 3.58
CA LEU A 98 -4.54 -1.47 3.71
C LEU A 98 -4.64 -0.77 2.36
N LEU A 99 -3.70 -1.07 1.48
CA LEU A 99 -3.65 -0.47 0.14
C LEU A 99 -4.82 -0.92 -0.74
N VAL A 100 -5.74 -1.68 -0.17
CA VAL A 100 -6.96 -2.05 -0.86
C VAL A 100 -7.89 -0.84 -0.92
N PRO A 101 -8.48 -0.56 -2.11
CA PRO A 101 -9.41 0.57 -2.33
C PRO A 101 -10.70 0.49 -1.50
N ALA A 102 -10.73 -0.50 -0.60
CA ALA A 102 -11.78 -0.65 0.41
C ALA A 102 -13.02 -1.33 -0.14
N ALA A 103 -13.35 -1.01 -1.38
CA ALA A 103 -14.48 -1.62 -2.04
C ALA A 103 -14.18 -3.06 -2.42
N GLU A 104 -12.89 -3.31 -2.66
CA GLU A 104 -12.39 -4.65 -3.01
C GLU A 104 -12.99 -5.13 -4.33
N GLY A 105 -12.57 -6.31 -4.78
CA GLY A 105 -13.08 -6.85 -6.03
C GLY A 105 -13.11 -8.36 -6.03
N GLU A 106 -13.48 -8.94 -4.90
CA GLU A 106 -13.49 -10.38 -4.75
C GLU A 106 -14.82 -10.97 -5.21
N ASP A 107 -14.73 -12.08 -5.94
CA ASP A 107 -15.92 -12.83 -6.37
C ASP A 107 -16.60 -13.44 -5.15
N SER A 108 -15.81 -13.74 -4.15
CA SER A 108 -16.30 -14.29 -2.91
C SER A 108 -17.27 -13.33 -2.24
N LEU A 109 -17.04 -12.03 -2.42
CA LEU A 109 -17.89 -11.01 -1.84
C LEU A 109 -19.33 -11.18 -2.31
N LYS A 110 -19.48 -11.49 -3.59
CA LYS A 110 -20.79 -11.66 -4.19
C LYS A 110 -21.37 -13.02 -3.82
N LYS A 111 -20.53 -14.05 -3.85
CA LYS A 111 -20.98 -15.40 -3.57
C LYS A 111 -21.23 -15.62 -2.07
N MET A 112 -20.55 -14.88 -1.22
CA MET A 112 -20.71 -15.05 0.22
C MET A 112 -22.01 -14.42 0.70
N LYS A 113 -22.35 -13.26 0.16
CA LYS A 113 -23.61 -12.63 0.54
C LYS A 113 -24.80 -13.38 -0.06
N LEU A 114 -24.63 -13.91 -1.26
CA LEU A 114 -25.71 -14.59 -1.92
C LEU A 114 -25.76 -16.08 -1.57
N MET A 115 -24.68 -16.78 -1.85
CA MET A 115 -24.66 -18.23 -1.71
C MET A 115 -24.19 -18.68 -0.32
N GLU A 116 -23.05 -18.20 0.13
CA GLU A 116 -22.51 -18.63 1.42
C GLU A 116 -23.47 -18.30 2.55
N LEU A 117 -24.32 -17.32 2.31
CA LEU A 117 -25.32 -16.91 3.27
C LEU A 117 -26.43 -17.97 3.41
N ALA A 118 -26.80 -18.60 2.29
CA ALA A 118 -27.97 -19.48 2.28
C ALA A 118 -27.82 -20.60 1.27
N ILE A 119 -26.62 -21.16 1.19
CA ILE A 119 -26.24 -22.20 0.22
C ILE A 119 -26.97 -22.06 -1.13
N LEU A 120 -28.03 -22.82 -1.35
CA LEU A 120 -28.79 -22.72 -2.58
C LEU A 120 -29.85 -21.64 -2.46
N ASN A 121 -29.54 -20.49 -3.03
CA ASN A 121 -30.43 -19.34 -3.05
C ASN A 121 -31.35 -19.42 -4.27
N GLY A 122 -31.95 -18.29 -4.63
CA GLY A 122 -32.91 -18.29 -5.71
C GLY A 122 -32.29 -18.06 -7.08
N THR A 123 -30.97 -17.93 -7.11
CA THR A 123 -30.26 -17.81 -8.37
C THR A 123 -29.45 -19.06 -8.67
N TYR A 124 -28.69 -19.52 -7.66
CA TYR A 124 -27.97 -20.81 -7.68
C TYR A 124 -27.57 -21.29 -9.09
N ARG A 125 -28.20 -22.38 -9.55
CA ARG A 125 -27.83 -23.08 -10.78
C ARG A 125 -26.44 -23.68 -10.66
N ASP A 126 -25.47 -22.81 -10.39
CA ASP A 126 -24.09 -23.17 -10.24
C ASP A 126 -23.88 -24.16 -9.10
N ALA A 127 -24.23 -23.74 -7.89
CA ALA A 127 -23.96 -24.53 -6.70
C ALA A 127 -24.92 -25.70 -6.57
N ASN A 128 -25.92 -25.72 -7.45
CA ASN A 128 -26.96 -26.74 -7.41
C ASN A 128 -26.41 -28.10 -7.81
N LEU A 129 -25.31 -28.10 -8.56
CA LEU A 129 -24.63 -29.33 -8.91
C LEU A 129 -23.29 -29.43 -8.19
N LYS A 130 -23.00 -28.42 -7.37
CA LYS A 130 -21.73 -28.34 -6.67
C LYS A 130 -21.92 -28.65 -5.19
N SER A 131 -23.14 -28.99 -4.82
CA SER A 131 -23.47 -29.28 -3.42
C SER A 131 -22.81 -30.60 -2.97
N PRO A 132 -22.02 -30.55 -1.89
CA PRO A 132 -21.40 -31.73 -1.30
C PRO A 132 -22.41 -32.58 -0.55
N ALA A 133 -22.20 -33.90 -0.60
CA ALA A 133 -23.04 -34.88 0.11
C ALA A 133 -24.38 -35.09 -0.57
N LEU A 134 -25.02 -33.99 -0.93
CA LEU A 134 -26.33 -33.99 -1.58
C LEU A 134 -27.40 -34.56 -0.64
N HIS A 135 -27.62 -35.78 -0.66
N GLN A 1 21.00 -4.52 -2.51
CA GLN A 1 19.88 -4.66 -1.55
C GLN A 1 18.74 -5.42 -2.22
N LEU A 2 17.71 -5.73 -1.46
CA LEU A 2 16.56 -6.40 -2.00
C LEU A 2 15.35 -5.49 -1.84
N GLN A 3 14.58 -5.33 -2.90
CA GLN A 3 13.38 -4.54 -2.86
C GLN A 3 12.22 -5.34 -3.44
N GLU A 4 11.09 -5.33 -2.77
CA GLU A 4 9.88 -5.91 -3.35
C GLU A 4 8.86 -4.81 -3.54
N LYS A 5 8.48 -4.56 -4.76
CA LYS A 5 7.64 -3.42 -5.08
C LYS A 5 6.24 -3.90 -5.33
N LEU A 6 5.34 -3.48 -4.51
CA LEU A 6 3.97 -3.86 -4.64
C LEU A 6 3.20 -2.77 -5.37
N TYR A 7 3.02 -2.97 -6.66
CA TYR A 7 2.41 -1.98 -7.51
C TYR A 7 0.92 -1.91 -7.31
N VAL A 8 0.43 -0.72 -7.01
CA VAL A 8 -0.97 -0.51 -6.80
C VAL A 8 -1.45 0.60 -7.74
N PRO A 9 -2.29 0.26 -8.71
CA PRO A 9 -2.58 1.14 -9.82
C PRO A 9 -3.41 2.34 -9.43
N VAL A 10 -2.74 3.46 -9.22
CA VAL A 10 -3.40 4.71 -8.91
C VAL A 10 -4.17 5.21 -10.14
N LYS A 11 -3.76 4.70 -11.29
CA LYS A 11 -4.47 4.93 -12.54
C LYS A 11 -5.85 4.30 -12.47
N GLU A 12 -5.92 3.19 -11.77
CA GLU A 12 -7.15 2.45 -11.59
C GLU A 12 -8.05 3.14 -10.60
N TYR A 13 -7.45 3.68 -9.56
CA TYR A 13 -8.19 4.31 -8.48
C TYR A 13 -7.73 5.75 -8.29
N PRO A 14 -8.22 6.66 -9.15
CA PRO A 14 -7.82 8.06 -9.11
C PRO A 14 -8.34 8.77 -7.87
N ASP A 15 -9.42 8.24 -7.30
CA ASP A 15 -10.03 8.85 -6.13
C ASP A 15 -9.55 8.18 -4.85
N PHE A 16 -8.89 7.03 -4.98
CA PHE A 16 -8.36 6.35 -3.80
C PHE A 16 -6.90 6.69 -3.64
N ASN A 17 -6.61 7.49 -2.63
CA ASN A 17 -5.25 7.92 -2.38
C ASN A 17 -4.50 6.89 -1.56
N PHE A 18 -3.76 6.01 -2.21
CA PHE A 18 -3.01 4.98 -1.51
C PHE A 18 -2.04 5.59 -0.51
N VAL A 19 -1.42 6.71 -0.85
CA VAL A 19 -0.57 7.41 0.09
C VAL A 19 -1.38 7.99 1.25
N GLY A 20 -2.52 8.59 0.93
CA GLY A 20 -3.40 9.09 1.97
C GLY A 20 -4.03 7.97 2.79
N ARG A 21 -3.87 6.76 2.28
CA ARG A 21 -4.42 5.56 2.93
C ARG A 21 -3.33 4.87 3.74
N ILE A 22 -2.14 4.79 3.16
CA ILE A 22 -1.02 4.09 3.77
C ILE A 22 -0.29 4.99 4.75
N LEU A 23 0.08 6.19 4.30
CA LEU A 23 0.85 7.10 5.13
C LEU A 23 -0.08 8.14 5.75
N GLY A 24 -1.24 8.32 5.11
CA GLY A 24 -2.21 9.30 5.57
C GLY A 24 -2.46 9.23 7.07
N PRO A 25 -3.12 8.17 7.55
CA PRO A 25 -3.31 7.95 8.98
C PRO A 25 -2.18 7.10 9.61
N ARG A 26 -1.47 6.36 8.78
CA ARG A 26 -0.49 5.40 9.27
C ARG A 26 0.92 5.70 8.78
N GLY A 27 1.27 6.98 8.66
CA GLY A 27 2.64 7.36 8.34
C GLY A 27 3.62 6.78 9.33
N LEU A 28 3.20 6.76 10.59
CA LEU A 28 3.98 6.15 11.66
C LEU A 28 4.28 4.70 11.32
N THR A 29 3.32 4.04 10.67
CA THR A 29 3.46 2.66 10.26
C THR A 29 4.67 2.47 9.34
N ALA A 30 4.85 3.40 8.40
CA ALA A 30 5.98 3.31 7.48
C ALA A 30 7.28 3.35 8.26
N LYS A 31 7.34 4.26 9.23
CA LYS A 31 8.51 4.40 10.07
C LYS A 31 8.72 3.19 10.97
N GLN A 32 7.62 2.62 11.45
CA GLN A 32 7.72 1.47 12.33
C GLN A 32 8.32 0.28 11.60
N LEU A 33 7.88 0.08 10.38
CA LEU A 33 8.35 -1.04 9.58
C LEU A 33 9.85 -0.94 9.32
N GLU A 34 10.34 0.24 8.97
CA GLU A 34 11.77 0.37 8.68
C GLU A 34 12.59 0.31 9.95
N ALA A 35 12.10 0.94 11.00
CA ALA A 35 12.79 0.95 12.28
C ALA A 35 12.84 -0.44 12.90
N GLU A 36 11.74 -1.18 12.78
CA GLU A 36 11.63 -2.47 13.42
C GLU A 36 12.12 -3.62 12.55
N THR A 37 11.66 -3.69 11.29
CA THR A 37 11.94 -4.85 10.47
C THR A 37 13.34 -4.79 9.85
N GLY A 38 13.88 -3.57 9.76
CA GLY A 38 15.14 -3.36 9.07
C GLY A 38 14.92 -3.15 7.60
N CYS A 39 13.66 -3.14 7.22
CA CYS A 39 13.27 -2.88 5.86
C CYS A 39 12.65 -1.52 5.73
N LYS A 40 13.19 -0.71 4.86
CA LYS A 40 12.72 0.62 4.70
C LYS A 40 11.64 0.57 3.65
N ILE A 41 10.41 0.41 4.09
CA ILE A 41 9.31 0.36 3.16
C ILE A 41 8.96 1.76 2.74
N MET A 42 9.33 2.09 1.53
CA MET A 42 9.15 3.41 1.04
C MET A 42 8.11 3.37 -0.04
N VAL A 43 7.17 4.27 0.04
CA VAL A 43 6.13 4.31 -0.94
C VAL A 43 6.64 5.06 -2.14
N ARG A 44 6.44 4.48 -3.30
CA ARG A 44 6.97 5.00 -4.53
C ARG A 44 5.84 5.33 -5.48
N GLY A 45 6.18 5.84 -6.64
CA GLY A 45 5.16 6.36 -7.51
C GLY A 45 4.91 7.82 -7.25
N LYS A 46 3.85 8.35 -7.82
CA LYS A 46 3.55 9.76 -7.69
C LYS A 46 2.77 10.05 -6.41
N GLY A 47 3.36 10.84 -5.51
CA GLY A 47 2.59 11.33 -4.37
C GLY A 47 3.11 10.88 -3.03
N SER A 48 4.34 10.39 -2.98
CA SER A 48 4.88 9.84 -1.75
C SER A 48 5.21 10.93 -0.71
N MET A 49 6.09 11.84 -1.06
CA MET A 49 6.61 12.84 -0.13
C MET A 49 6.34 14.25 -0.65
N ARG A 50 5.24 14.41 -1.36
CA ARG A 50 4.87 15.65 -2.05
C ARG A 50 4.55 16.82 -1.11
N ASP A 51 5.16 16.83 0.06
CA ASP A 51 5.08 17.95 0.97
C ASP A 51 5.51 19.22 0.24
N LYS A 52 4.74 20.30 0.39
CA LYS A 52 4.90 21.50 -0.45
C LYS A 52 6.31 22.05 -0.42
N LYS A 53 6.90 22.12 0.75
CA LYS A 53 8.26 22.60 0.85
C LYS A 53 9.20 21.60 0.18
N LYS A 54 8.94 20.32 0.36
CA LYS A 54 9.79 19.28 -0.22
C LYS A 54 9.91 19.43 -1.73
N GLU A 55 8.82 19.77 -2.40
CA GLU A 55 8.88 20.00 -3.83
C GLU A 55 9.59 21.30 -4.17
N GLU A 56 9.65 22.20 -3.22
CA GLU A 56 10.40 23.43 -3.39
C GLU A 56 11.92 23.21 -3.33
N GLN A 57 12.43 22.72 -2.20
CA GLN A 57 13.88 22.56 -2.06
C GLN A 57 14.33 21.10 -2.12
N ASN A 58 13.51 20.20 -1.57
CA ASN A 58 13.85 18.77 -1.55
C ASN A 58 13.50 18.13 -2.90
N ARG A 59 13.06 18.97 -3.83
CA ARG A 59 12.66 18.52 -5.15
C ARG A 59 13.78 17.76 -5.84
N GLY A 60 13.39 16.83 -6.68
CA GLY A 60 14.37 16.06 -7.44
C GLY A 60 14.89 14.87 -6.68
N LYS A 61 14.66 14.87 -5.36
CA LYS A 61 15.13 13.78 -4.51
C LYS A 61 14.23 12.54 -4.65
N PRO A 62 14.69 11.37 -4.15
CA PRO A 62 14.00 10.07 -4.22
C PRO A 62 12.46 10.11 -4.32
N ASN A 63 11.84 11.09 -3.67
CA ASN A 63 10.38 11.19 -3.68
C ASN A 63 9.89 11.54 -5.07
N TRP A 64 10.65 12.38 -5.72
CA TRP A 64 10.36 12.80 -7.07
C TRP A 64 11.06 11.86 -8.04
N GLU A 65 12.05 11.17 -7.51
CA GLU A 65 12.76 10.15 -8.27
C GLU A 65 11.81 9.03 -8.68
N HIS A 66 11.18 8.42 -7.68
CA HIS A 66 10.25 7.33 -7.94
C HIS A 66 8.86 7.86 -8.30
N LEU A 67 8.73 9.18 -8.30
CA LEU A 67 7.46 9.81 -8.68
C LEU A 67 7.23 9.64 -10.17
N ASN A 68 8.27 9.21 -10.87
CA ASN A 68 8.19 8.96 -12.30
C ASN A 68 7.69 7.55 -12.56
N GLU A 69 7.41 6.84 -11.47
CA GLU A 69 6.84 5.51 -11.53
C GLU A 69 5.35 5.59 -11.22
N ASP A 70 4.70 4.44 -11.17
CA ASP A 70 3.31 4.38 -10.74
C ASP A 70 3.27 4.14 -9.24
N LEU A 71 2.30 4.75 -8.57
CA LEU A 71 2.20 4.68 -7.11
C LEU A 71 2.23 3.22 -6.64
N HIS A 72 3.26 2.88 -5.89
CA HIS A 72 3.39 1.53 -5.38
C HIS A 72 4.06 1.55 -4.02
N VAL A 73 3.99 0.45 -3.30
CA VAL A 73 4.59 0.35 -1.98
C VAL A 73 5.75 -0.61 -2.05
N LEU A 74 6.92 -0.15 -1.66
CA LEU A 74 8.12 -0.92 -1.82
C LEU A 74 8.84 -1.12 -0.52
N ILE A 75 8.93 -2.38 -0.14
CA ILE A 75 9.72 -2.77 1.00
C ILE A 75 11.17 -2.94 0.57
N THR A 76 12.00 -2.02 1.02
CA THR A 76 13.40 -2.03 0.65
C THR A 76 14.25 -2.50 1.81
N VAL A 77 14.85 -3.66 1.67
CA VAL A 77 15.67 -4.18 2.73
C VAL A 77 17.12 -4.29 2.25
N GLU A 78 17.98 -3.51 2.90
CA GLU A 78 19.38 -3.57 2.57
C GLU A 78 20.05 -4.56 3.48
N ASP A 79 20.08 -5.82 3.04
CA ASP A 79 20.63 -6.91 3.83
C ASP A 79 20.35 -8.22 3.10
N ALA A 80 21.08 -9.26 3.44
CA ALA A 80 20.90 -10.56 2.84
C ALA A 80 20.07 -11.47 3.73
N GLN A 81 19.65 -10.94 4.87
CA GLN A 81 18.91 -11.70 5.87
C GLN A 81 17.55 -12.14 5.36
N ASN A 82 17.34 -13.45 5.27
CA ASN A 82 16.04 -14.01 4.92
C ASN A 82 15.06 -13.76 6.06
N ARG A 83 15.60 -13.57 7.25
CA ARG A 83 14.80 -13.25 8.42
C ARG A 83 14.29 -11.82 8.34
N ALA A 84 15.03 -10.97 7.65
CA ALA A 84 14.65 -9.58 7.46
C ALA A 84 13.46 -9.50 6.50
N GLU A 85 13.56 -10.22 5.38
CA GLU A 85 12.47 -10.23 4.40
C GLU A 85 11.20 -10.81 5.02
N LEU A 86 11.37 -11.76 5.94
CA LEU A 86 10.23 -12.34 6.65
C LEU A 86 9.55 -11.27 7.51
N LYS A 87 10.36 -10.42 8.11
CA LYS A 87 9.87 -9.37 8.98
C LYS A 87 9.13 -8.31 8.17
N LEU A 88 9.73 -7.91 7.04
CA LEU A 88 9.13 -6.88 6.20
C LEU A 88 7.87 -7.41 5.49
N LYS A 89 7.86 -8.69 5.12
CA LYS A 89 6.71 -9.25 4.41
C LYS A 89 5.47 -9.29 5.30
N ARG A 90 5.65 -9.55 6.60
CA ARG A 90 4.52 -9.57 7.52
C ARG A 90 3.94 -8.15 7.63
N ALA A 91 4.83 -7.18 7.79
CA ALA A 91 4.42 -5.80 7.96
C ALA A 91 3.82 -5.25 6.67
N VAL A 92 4.44 -5.61 5.55
CA VAL A 92 3.97 -5.16 4.26
C VAL A 92 2.65 -5.84 3.91
N GLU A 93 2.43 -7.04 4.43
CA GLU A 93 1.16 -7.72 4.27
C GLU A 93 0.05 -6.95 4.95
N GLU A 94 0.38 -6.25 6.03
CA GLU A 94 -0.57 -5.36 6.66
C GLU A 94 -0.89 -4.21 5.72
N VAL A 95 0.13 -3.73 5.02
CA VAL A 95 -0.07 -2.74 3.97
C VAL A 95 -0.94 -3.32 2.86
N LYS A 96 -0.74 -4.59 2.53
CA LYS A 96 -1.55 -5.27 1.52
C LYS A 96 -3.03 -5.24 1.93
N LYS A 97 -3.28 -5.30 3.22
CA LYS A 97 -4.63 -5.20 3.75
C LYS A 97 -5.11 -3.75 3.75
N LEU A 98 -4.17 -2.82 3.69
CA LEU A 98 -4.50 -1.41 3.68
C LEU A 98 -4.65 -0.86 2.26
N LEU A 99 -3.75 -1.27 1.37
CA LEU A 99 -3.69 -0.74 0.02
C LEU A 99 -4.90 -1.14 -0.82
N VAL A 100 -5.87 -1.80 -0.21
CA VAL A 100 -7.09 -2.14 -0.88
C VAL A 100 -7.96 -0.89 -1.05
N PRO A 101 -8.37 -0.60 -2.30
CA PRO A 101 -9.16 0.60 -2.63
C PRO A 101 -10.58 0.54 -2.08
N ALA A 102 -10.89 -0.56 -1.40
CA ALA A 102 -12.19 -0.75 -0.77
C ALA A 102 -13.31 -0.82 -1.81
N ALA A 103 -14.56 -0.64 -1.35
CA ALA A 103 -15.73 -0.65 -2.24
C ALA A 103 -15.87 -2.00 -2.93
N GLU A 104 -15.38 -3.05 -2.26
CA GLU A 104 -15.37 -4.39 -2.84
C GLU A 104 -16.32 -5.31 -2.09
N GLY A 105 -15.91 -5.74 -0.90
CA GLY A 105 -16.74 -6.61 -0.09
C GLY A 105 -16.67 -8.06 -0.54
N GLU A 106 -15.47 -8.50 -0.91
CA GLU A 106 -15.27 -9.87 -1.37
C GLU A 106 -15.44 -10.87 -0.22
N ASP A 107 -15.45 -12.16 -0.57
CA ASP A 107 -15.56 -13.27 0.38
C ASP A 107 -17.00 -13.46 0.86
N SER A 108 -17.65 -12.36 1.17
CA SER A 108 -19.05 -12.38 1.56
C SER A 108 -19.92 -12.84 0.39
N LEU A 109 -19.44 -12.60 -0.83
CA LEU A 109 -20.18 -12.96 -2.03
C LEU A 109 -20.40 -14.47 -2.10
N LYS A 110 -19.44 -15.23 -1.60
CA LYS A 110 -19.52 -16.68 -1.60
C LYS A 110 -20.29 -17.20 -0.39
N LYS A 111 -19.98 -16.65 0.78
CA LYS A 111 -20.62 -17.10 2.01
C LYS A 111 -22.09 -16.68 2.07
N MET A 112 -22.42 -15.55 1.44
CA MET A 112 -23.81 -15.12 1.38
C MET A 112 -24.61 -16.00 0.44
N LYS A 113 -23.95 -16.58 -0.55
CA LYS A 113 -24.63 -17.51 -1.45
C LYS A 113 -24.90 -18.84 -0.74
N LEU A 114 -24.00 -19.26 0.12
CA LEU A 114 -24.14 -20.54 0.77
C LEU A 114 -24.83 -20.45 2.13
N MET A 115 -24.18 -19.77 3.07
CA MET A 115 -24.63 -19.74 4.44
C MET A 115 -25.69 -18.67 4.68
N GLU A 116 -25.43 -17.47 4.20
CA GLU A 116 -26.35 -16.34 4.40
C GLU A 116 -27.66 -16.55 3.65
N LEU A 117 -27.56 -17.22 2.52
CA LEU A 117 -28.71 -17.53 1.70
C LEU A 117 -29.59 -18.57 2.37
N ALA A 118 -28.95 -19.55 3.01
CA ALA A 118 -29.62 -20.70 3.61
C ALA A 118 -30.20 -21.56 2.51
N ILE A 119 -29.32 -22.34 1.90
CA ILE A 119 -29.65 -23.12 0.72
C ILE A 119 -30.38 -24.41 1.07
N LEU A 120 -30.72 -25.19 0.05
CA LEU A 120 -31.43 -26.43 0.23
C LEU A 120 -30.52 -27.53 0.77
N ASN A 121 -30.46 -27.62 2.08
CA ASN A 121 -29.74 -28.70 2.74
C ASN A 121 -30.58 -29.35 3.83
N GLY A 122 -31.44 -30.27 3.42
CA GLY A 122 -32.24 -31.06 4.37
C GLY A 122 -33.40 -30.27 4.98
N THR A 123 -33.06 -29.23 5.74
CA THR A 123 -34.02 -28.47 6.53
C THR A 123 -35.27 -28.08 5.75
N TYR A 124 -35.09 -27.55 4.55
CA TYR A 124 -36.21 -27.04 3.78
C TYR A 124 -36.91 -28.15 3.00
N ARG A 125 -36.37 -28.49 1.82
CA ARG A 125 -36.97 -29.50 0.91
C ARG A 125 -38.30 -29.01 0.33
N ASP A 126 -39.01 -28.19 1.08
CA ASP A 126 -40.20 -27.51 0.60
C ASP A 126 -39.87 -26.65 -0.61
N ALA A 127 -38.99 -25.68 -0.41
CA ALA A 127 -38.56 -24.79 -1.48
C ALA A 127 -37.48 -25.47 -2.34
N ASN A 128 -37.43 -26.80 -2.26
CA ASN A 128 -36.50 -27.57 -3.08
C ASN A 128 -37.09 -27.76 -4.47
N LEU A 129 -38.41 -27.74 -4.52
CA LEU A 129 -39.13 -27.85 -5.78
C LEU A 129 -39.51 -26.46 -6.27
N LYS A 130 -39.04 -26.09 -7.44
CA LYS A 130 -39.37 -24.80 -8.01
C LYS A 130 -40.77 -24.82 -8.62
N SER A 131 -41.18 -23.68 -9.18
CA SER A 131 -42.55 -23.49 -9.65
C SER A 131 -43.55 -23.70 -8.50
N PRO A 132 -43.47 -22.84 -7.46
CA PRO A 132 -44.29 -22.98 -6.26
C PRO A 132 -45.76 -22.61 -6.51
N ALA A 133 -46.04 -22.15 -7.72
CA ALA A 133 -47.40 -21.80 -8.11
C ALA A 133 -47.80 -22.58 -9.35
N LEU A 134 -47.12 -23.71 -9.57
CA LEU A 134 -47.34 -24.57 -10.73
C LEU A 134 -47.07 -23.81 -12.01
N HIS A 135 -45.89 -23.43 -12.23
N GLN A 1 21.12 -4.68 -2.34
CA GLN A 1 19.94 -4.79 -1.45
C GLN A 1 18.81 -5.49 -2.20
N LEU A 2 17.67 -5.65 -1.55
CA LEU A 2 16.52 -6.22 -2.22
C LEU A 2 15.34 -5.28 -2.09
N GLN A 3 14.58 -5.14 -3.15
CA GLN A 3 13.37 -4.35 -3.12
C GLN A 3 12.22 -5.15 -3.65
N GLU A 4 11.11 -5.14 -2.96
CA GLU A 4 9.91 -5.77 -3.47
C GLU A 4 8.85 -4.70 -3.64
N LYS A 5 8.27 -4.64 -4.83
CA LYS A 5 7.36 -3.56 -5.15
C LYS A 5 5.97 -4.11 -5.29
N LEU A 6 5.10 -3.66 -4.43
CA LEU A 6 3.72 -4.10 -4.46
C LEU A 6 2.88 -2.97 -5.03
N TYR A 7 2.58 -3.10 -6.32
CA TYR A 7 1.95 -2.04 -7.08
C TYR A 7 0.48 -1.85 -6.76
N VAL A 8 0.11 -0.59 -6.60
CA VAL A 8 -1.29 -0.21 -6.54
C VAL A 8 -1.52 0.89 -7.58
N PRO A 9 -2.26 0.59 -8.63
CA PRO A 9 -2.42 1.53 -9.72
C PRO A 9 -3.32 2.70 -9.32
N VAL A 10 -2.70 3.77 -8.88
CA VAL A 10 -3.42 4.95 -8.41
C VAL A 10 -4.21 5.57 -9.55
N LYS A 11 -3.71 5.40 -10.76
CA LYS A 11 -4.41 5.86 -11.95
C LYS A 11 -5.67 5.05 -12.18
N GLU A 12 -5.68 3.83 -11.67
CA GLU A 12 -6.84 2.96 -11.76
C GLU A 12 -7.86 3.33 -10.70
N TYR A 13 -7.39 3.88 -9.59
CA TYR A 13 -8.26 4.27 -8.50
C TYR A 13 -8.07 5.73 -8.15
N PRO A 14 -8.62 6.65 -8.97
CA PRO A 14 -8.49 8.08 -8.72
C PRO A 14 -9.30 8.51 -7.50
N ASP A 15 -10.21 7.63 -7.10
CA ASP A 15 -11.06 7.89 -5.94
C ASP A 15 -10.44 7.29 -4.69
N PHE A 16 -9.39 6.50 -4.85
CA PHE A 16 -8.70 5.92 -3.70
C PHE A 16 -7.25 6.36 -3.66
N ASN A 17 -6.96 7.23 -2.71
CA ASN A 17 -5.62 7.73 -2.52
C ASN A 17 -4.78 6.75 -1.72
N PHE A 18 -4.02 5.90 -2.41
CA PHE A 18 -3.17 4.93 -1.71
C PHE A 18 -2.15 5.60 -0.80
N VAL A 19 -1.63 6.74 -1.20
CA VAL A 19 -0.73 7.50 -0.34
C VAL A 19 -1.48 8.05 0.86
N GLY A 20 -2.60 8.74 0.62
CA GLY A 20 -3.41 9.24 1.72
C GLY A 20 -3.95 8.11 2.58
N ARG A 21 -3.87 6.90 2.05
CA ARG A 21 -4.32 5.72 2.75
C ARG A 21 -3.17 5.09 3.55
N ILE A 22 -1.98 5.08 2.95
CA ILE A 22 -0.84 4.41 3.55
C ILE A 22 -0.04 5.34 4.47
N LEU A 23 0.37 6.49 3.92
CA LEU A 23 1.25 7.39 4.64
C LEU A 23 0.48 8.59 5.20
N GLY A 24 -0.69 8.85 4.64
CA GLY A 24 -1.47 10.05 4.96
C GLY A 24 -1.59 10.33 6.44
N PRO A 25 -2.53 9.69 7.13
CA PRO A 25 -2.69 9.85 8.57
C PRO A 25 -1.87 8.84 9.37
N ARG A 26 -1.57 7.71 8.76
CA ARG A 26 -0.92 6.61 9.47
C ARG A 26 0.44 6.26 8.85
N GLY A 27 1.14 7.27 8.34
CA GLY A 27 2.50 7.06 7.83
C GLY A 27 3.43 6.48 8.88
N LEU A 28 3.00 6.55 10.14
CA LEU A 28 3.70 5.95 11.25
C LEU A 28 3.97 4.48 10.97
N THR A 29 3.06 3.83 10.25
CA THR A 29 3.20 2.41 9.94
C THR A 29 4.48 2.16 9.15
N ALA A 30 4.75 3.01 8.17
CA ALA A 30 5.96 2.86 7.34
C ALA A 30 7.20 3.02 8.20
N LYS A 31 7.12 3.98 9.13
CA LYS A 31 8.21 4.23 10.06
C LYS A 31 8.42 3.04 10.98
N GLN A 32 7.32 2.44 11.41
CA GLN A 32 7.40 1.31 12.32
C GLN A 32 8.02 0.11 11.64
N LEU A 33 7.74 -0.07 10.35
CA LEU A 33 8.26 -1.21 9.62
C LEU A 33 9.75 -1.12 9.50
N GLU A 34 10.28 0.05 9.19
CA GLU A 34 11.72 0.20 9.04
C GLU A 34 12.41 0.06 10.39
N ALA A 35 11.79 0.64 11.41
CA ALA A 35 12.30 0.55 12.78
C ALA A 35 12.23 -0.89 13.30
N GLU A 36 11.14 -1.57 12.99
CA GLU A 36 10.90 -2.92 13.48
C GLU A 36 11.60 -3.98 12.65
N THR A 37 11.44 -3.92 11.34
CA THR A 37 11.90 -4.99 10.48
C THR A 37 13.34 -4.76 10.01
N GLY A 38 13.74 -3.50 9.95
CA GLY A 38 15.02 -3.15 9.35
C GLY A 38 14.87 -2.88 7.88
N CYS A 39 13.66 -3.06 7.39
CA CYS A 39 13.35 -2.75 6.02
C CYS A 39 12.72 -1.38 5.92
N LYS A 40 13.36 -0.49 5.19
CA LYS A 40 12.77 0.80 4.98
C LYS A 40 11.78 0.68 3.84
N ILE A 41 10.53 0.46 4.18
CA ILE A 41 9.51 0.33 3.18
C ILE A 41 9.14 1.71 2.66
N MET A 42 9.48 1.92 1.42
CA MET A 42 9.36 3.21 0.81
C MET A 42 8.17 3.22 -0.10
N VAL A 43 7.35 4.22 0.02
CA VAL A 43 6.24 4.36 -0.86
C VAL A 43 6.73 5.01 -2.13
N ARG A 44 6.54 4.34 -3.24
CA ARG A 44 7.02 4.82 -4.50
C ARG A 44 5.85 5.24 -5.37
N GLY A 45 6.15 5.71 -6.55
CA GLY A 45 5.12 6.24 -7.39
C GLY A 45 4.89 7.71 -7.15
N LYS A 46 3.83 8.23 -7.72
CA LYS A 46 3.56 9.65 -7.67
C LYS A 46 2.81 10.02 -6.40
N GLY A 47 3.43 10.82 -5.55
CA GLY A 47 2.71 11.36 -4.41
C GLY A 47 3.26 10.91 -3.08
N SER A 48 4.39 10.22 -3.10
CA SER A 48 4.92 9.62 -1.89
C SER A 48 5.39 10.67 -0.87
N MET A 49 6.38 11.48 -1.24
CA MET A 49 6.91 12.51 -0.36
C MET A 49 6.88 13.87 -1.05
N ARG A 50 5.91 14.07 -1.93
CA ARG A 50 5.87 15.26 -2.77
C ARG A 50 5.31 16.46 -2.02
N ASP A 51 5.47 16.48 -0.70
CA ASP A 51 5.04 17.59 0.14
C ASP A 51 5.58 18.91 -0.42
N LYS A 52 4.82 19.99 -0.25
CA LYS A 52 5.09 21.26 -0.92
C LYS A 52 6.53 21.73 -0.71
N LYS A 53 7.03 21.58 0.51
CA LYS A 53 8.39 21.98 0.77
C LYS A 53 9.33 21.08 -0.03
N LYS A 54 9.12 19.77 0.06
CA LYS A 54 10.02 18.81 -0.59
C LYS A 54 10.09 19.03 -2.09
N GLU A 55 8.95 19.26 -2.73
CA GLU A 55 8.97 19.57 -4.16
C GLU A 55 9.72 20.86 -4.47
N GLU A 56 9.86 21.73 -3.49
CA GLU A 56 10.64 22.94 -3.69
C GLU A 56 12.16 22.70 -3.56
N GLN A 57 12.61 22.19 -2.42
CA GLN A 57 14.07 22.06 -2.22
C GLN A 57 14.55 20.61 -2.33
N ASN A 58 13.70 19.67 -1.92
CA ASN A 58 14.05 18.26 -2.00
C ASN A 58 13.66 17.71 -3.37
N ARG A 59 13.31 18.63 -4.25
CA ARG A 59 12.97 18.31 -5.63
C ARG A 59 14.06 17.45 -6.29
N GLY A 60 13.63 16.44 -7.01
CA GLY A 60 14.55 15.56 -7.72
C GLY A 60 15.08 14.42 -6.88
N LYS A 61 14.77 14.44 -5.58
CA LYS A 61 15.21 13.40 -4.65
C LYS A 61 14.36 12.14 -4.81
N PRO A 62 14.79 10.99 -4.21
CA PRO A 62 14.11 9.68 -4.26
C PRO A 62 12.59 9.70 -4.46
N ASN A 63 11.95 10.69 -3.90
CA ASN A 63 10.50 10.80 -3.97
C ASN A 63 10.08 11.04 -5.41
N TRP A 64 10.88 11.81 -6.11
CA TRP A 64 10.68 12.10 -7.51
C TRP A 64 11.42 11.07 -8.35
N GLU A 65 12.46 10.50 -7.75
CA GLU A 65 13.18 9.38 -8.34
C GLU A 65 12.20 8.30 -8.76
N HIS A 66 11.31 7.97 -7.84
CA HIS A 66 10.28 6.98 -8.09
C HIS A 66 8.92 7.62 -8.42
N LEU A 67 8.86 8.95 -8.45
CA LEU A 67 7.59 9.64 -8.72
C LEU A 67 7.12 9.37 -10.14
N ASN A 68 8.05 8.95 -10.95
CA ASN A 68 7.81 8.70 -12.36
C ASN A 68 7.34 7.25 -12.56
N GLU A 69 7.24 6.54 -11.44
CA GLU A 69 6.65 5.22 -11.41
C GLU A 69 5.20 5.33 -10.97
N ASP A 70 4.45 4.25 -11.07
CA ASP A 70 3.08 4.24 -10.56
C ASP A 70 3.13 4.01 -9.06
N LEU A 71 2.21 4.64 -8.35
CA LEU A 71 2.17 4.60 -6.89
C LEU A 71 2.21 3.14 -6.41
N HIS A 72 3.25 2.78 -5.69
CA HIS A 72 3.35 1.43 -5.14
C HIS A 72 4.07 1.45 -3.81
N VAL A 73 3.99 0.36 -3.08
CA VAL A 73 4.70 0.25 -1.82
C VAL A 73 5.88 -0.67 -2.02
N LEU A 74 7.04 -0.20 -1.67
CA LEU A 74 8.25 -0.94 -1.94
C LEU A 74 9.02 -1.16 -0.66
N ILE A 75 9.14 -2.41 -0.29
CA ILE A 75 9.91 -2.79 0.84
C ILE A 75 11.37 -2.88 0.42
N THR A 76 12.15 -1.94 0.91
CA THR A 76 13.56 -1.86 0.59
C THR A 76 14.35 -2.40 1.76
N VAL A 77 15.02 -3.51 1.59
CA VAL A 77 15.83 -4.01 2.67
C VAL A 77 17.29 -4.05 2.26
N GLU A 78 18.11 -3.40 3.05
CA GLU A 78 19.53 -3.46 2.86
C GLU A 78 20.09 -4.54 3.79
N ASP A 79 20.14 -5.76 3.30
CA ASP A 79 20.48 -6.93 4.11
C ASP A 79 20.16 -8.20 3.31
N ALA A 80 20.90 -9.26 3.57
CA ALA A 80 20.69 -10.53 2.89
C ALA A 80 19.89 -11.50 3.75
N GLN A 81 19.65 -11.13 5.01
CA GLN A 81 18.99 -12.02 5.96
C GLN A 81 17.56 -12.35 5.57
N ASN A 82 17.22 -13.64 5.64
CA ASN A 82 15.86 -14.11 5.44
C ASN A 82 14.96 -13.53 6.53
N ARG A 83 15.53 -13.34 7.71
CA ARG A 83 14.82 -12.69 8.81
C ARG A 83 14.33 -11.32 8.38
N ALA A 84 15.19 -10.61 7.66
CA ALA A 84 14.89 -9.26 7.21
C ALA A 84 13.67 -9.24 6.30
N GLU A 85 13.71 -10.07 5.26
CA GLU A 85 12.61 -10.11 4.30
C GLU A 85 11.36 -10.70 4.94
N LEU A 86 11.53 -11.64 5.87
CA LEU A 86 10.39 -12.24 6.54
C LEU A 86 9.66 -11.19 7.36
N LYS A 87 10.44 -10.35 8.03
CA LYS A 87 9.89 -9.32 8.88
C LYS A 87 9.21 -8.24 8.04
N LEU A 88 9.81 -7.87 6.93
CA LEU A 88 9.24 -6.84 6.06
C LEU A 88 7.99 -7.36 5.34
N LYS A 89 7.98 -8.63 4.94
CA LYS A 89 6.87 -9.17 4.18
C LYS A 89 5.59 -9.24 5.02
N ARG A 90 5.74 -9.57 6.30
CA ARG A 90 4.59 -9.61 7.19
C ARG A 90 4.07 -8.21 7.46
N ALA A 91 5.00 -7.27 7.64
CA ALA A 91 4.64 -5.88 7.89
C ALA A 91 4.00 -5.26 6.65
N VAL A 92 4.56 -5.58 5.49
CA VAL A 92 4.07 -5.02 4.25
C VAL A 92 2.75 -5.68 3.85
N GLU A 93 2.54 -6.92 4.27
CA GLU A 93 1.26 -7.58 4.06
C GLU A 93 0.16 -6.90 4.87
N GLU A 94 0.52 -6.32 6.00
CA GLU A 94 -0.39 -5.47 6.73
C GLU A 94 -0.70 -4.22 5.90
N VAL A 95 0.30 -3.73 5.17
CA VAL A 95 0.07 -2.70 4.17
C VAL A 95 -0.85 -3.23 3.07
N LYS A 96 -0.66 -4.49 2.67
CA LYS A 96 -1.52 -5.12 1.69
C LYS A 96 -2.99 -5.07 2.14
N LYS A 97 -3.21 -5.06 3.45
CA LYS A 97 -4.54 -4.95 3.99
C LYS A 97 -5.03 -3.50 3.85
N LEU A 98 -4.10 -2.56 3.90
CA LEU A 98 -4.45 -1.14 3.77
C LEU A 98 -4.53 -0.69 2.31
N LEU A 99 -3.58 -1.12 1.50
CA LEU A 99 -3.45 -0.65 0.12
C LEU A 99 -4.57 -1.14 -0.78
N VAL A 100 -5.57 -1.79 -0.22
CA VAL A 100 -6.72 -2.21 -1.00
C VAL A 100 -7.74 -1.09 -1.04
N PRO A 101 -8.23 -0.74 -2.24
CA PRO A 101 -9.24 0.31 -2.44
C PRO A 101 -10.57 -0.03 -1.76
N ALA A 102 -10.65 -1.28 -1.29
CA ALA A 102 -11.81 -1.79 -0.54
C ALA A 102 -12.96 -2.11 -1.48
N ALA A 103 -13.39 -1.10 -2.21
CA ALA A 103 -14.41 -1.29 -3.22
C ALA A 103 -13.76 -1.56 -4.56
N GLU A 104 -13.66 -2.84 -4.91
CA GLU A 104 -13.02 -3.24 -6.15
C GLU A 104 -13.64 -4.53 -6.65
N GLY A 105 -13.71 -4.69 -7.97
CA GLY A 105 -14.26 -5.89 -8.55
C GLY A 105 -13.61 -6.22 -9.88
N GLU A 106 -12.30 -6.10 -9.94
CA GLU A 106 -11.57 -6.29 -11.18
C GLU A 106 -10.25 -7.02 -10.95
N ASP A 107 -9.31 -6.30 -10.35
CA ASP A 107 -7.93 -6.75 -10.29
C ASP A 107 -7.73 -7.82 -9.25
N SER A 108 -8.12 -7.52 -8.02
CA SER A 108 -7.92 -8.43 -6.90
C SER A 108 -8.70 -9.73 -7.10
N LEU A 109 -9.79 -9.64 -7.85
CA LEU A 109 -10.62 -10.81 -8.11
C LEU A 109 -10.00 -11.72 -9.17
N LYS A 110 -9.68 -11.17 -10.32
CA LYS A 110 -9.18 -11.96 -11.43
C LYS A 110 -7.66 -12.09 -11.42
N LYS A 111 -6.97 -10.98 -11.57
CA LYS A 111 -5.51 -10.95 -11.77
C LYS A 111 -4.76 -11.23 -10.46
N MET A 112 -5.12 -10.51 -9.43
CA MET A 112 -4.46 -10.58 -8.14
C MET A 112 -4.75 -11.92 -7.44
N LYS A 113 -5.79 -12.59 -7.90
CA LYS A 113 -6.30 -13.79 -7.26
C LYS A 113 -5.26 -14.89 -7.14
N LEU A 114 -4.40 -14.98 -8.14
CA LEU A 114 -3.50 -16.12 -8.24
C LEU A 114 -2.28 -15.96 -7.33
N MET A 115 -1.45 -14.97 -7.63
CA MET A 115 -0.21 -14.79 -6.91
C MET A 115 -0.33 -13.75 -5.80
N GLU A 116 -0.82 -12.57 -6.17
CA GLU A 116 -0.67 -11.37 -5.36
C GLU A 116 -1.57 -11.33 -4.14
N LEU A 117 -2.55 -12.23 -4.07
CA LEU A 117 -3.38 -12.32 -2.88
C LEU A 117 -2.55 -12.76 -1.69
N ALA A 118 -1.45 -13.47 -2.00
CA ALA A 118 -0.66 -14.22 -1.01
C ALA A 118 -1.51 -15.33 -0.45
N ILE A 119 -2.63 -15.56 -1.15
CA ILE A 119 -3.66 -16.52 -0.78
C ILE A 119 -4.35 -16.13 0.54
N LEU A 120 -3.57 -16.09 1.62
CA LEU A 120 -4.10 -15.72 2.92
C LEU A 120 -4.42 -14.23 2.97
N ASN A 121 -5.64 -13.93 3.40
CA ASN A 121 -6.12 -12.56 3.48
C ASN A 121 -7.38 -12.52 4.33
N GLY A 122 -8.12 -11.42 4.26
CA GLY A 122 -9.35 -11.27 5.02
C GLY A 122 -10.37 -12.38 4.74
N THR A 123 -10.39 -12.87 3.50
CA THR A 123 -11.30 -13.94 3.11
C THR A 123 -10.94 -15.23 3.85
N TYR A 124 -9.74 -15.73 3.59
CA TYR A 124 -9.27 -16.95 4.24
C TYR A 124 -8.54 -16.60 5.52
N ARG A 125 -9.26 -15.94 6.42
CA ARG A 125 -8.74 -15.53 7.71
C ARG A 125 -8.60 -16.74 8.61
N ASP A 126 -9.28 -17.81 8.22
CA ASP A 126 -9.32 -19.05 8.96
C ASP A 126 -7.92 -19.62 9.17
N ALA A 127 -7.17 -19.78 8.09
CA ALA A 127 -5.82 -20.30 8.18
C ALA A 127 -4.80 -19.17 8.26
N ASN A 128 -5.27 -17.94 8.11
CA ASN A 128 -4.43 -16.77 8.19
C ASN A 128 -4.03 -16.53 9.65
N LEU A 129 -5.02 -16.56 10.52
CA LEU A 129 -4.79 -16.51 11.94
C LEU A 129 -5.09 -17.87 12.54
N LYS A 130 -5.04 -17.99 13.85
CA LYS A 130 -5.43 -19.22 14.50
C LYS A 130 -6.93 -19.21 14.79
N SER A 131 -7.52 -18.02 14.72
CA SER A 131 -8.95 -17.86 14.87
C SER A 131 -9.39 -16.60 14.13
N PRO A 132 -10.50 -16.66 13.38
CA PRO A 132 -11.04 -15.53 12.64
C PRO A 132 -11.73 -14.50 13.55
N ALA A 133 -11.16 -14.30 14.74
CA ALA A 133 -11.71 -13.38 15.71
C ALA A 133 -11.20 -11.97 15.46
N LEU A 134 -10.22 -11.85 14.58
CA LEU A 134 -9.67 -10.57 14.20
C LEU A 134 -9.62 -10.45 12.68
N HIS A 135 -8.61 -10.82 12.06
N GLN A 1 20.94 -5.35 -1.39
CA GLN A 1 19.67 -5.07 -0.68
C GLN A 1 18.52 -5.67 -1.46
N LEU A 2 17.43 -5.97 -0.77
CA LEU A 2 16.25 -6.47 -1.43
C LEU A 2 15.20 -5.39 -1.46
N GLN A 3 14.60 -5.21 -2.62
CA GLN A 3 13.47 -4.32 -2.74
C GLN A 3 12.28 -5.12 -3.21
N GLU A 4 11.17 -4.96 -2.53
CA GLU A 4 9.96 -5.63 -2.92
C GLU A 4 8.90 -4.60 -3.22
N LYS A 5 8.42 -4.61 -4.44
CA LYS A 5 7.49 -3.59 -4.86
C LYS A 5 6.13 -4.22 -5.07
N LEU A 6 5.20 -3.81 -4.27
CA LEU A 6 3.85 -4.32 -4.33
C LEU A 6 2.97 -3.27 -4.96
N TYR A 7 2.72 -3.42 -6.24
CA TYR A 7 1.98 -2.43 -7.00
C TYR A 7 0.56 -2.28 -6.50
N VAL A 8 0.10 -1.05 -6.51
CA VAL A 8 -1.27 -0.74 -6.24
C VAL A 8 -1.73 0.27 -7.28
N PRO A 9 -2.62 -0.14 -8.17
CA PRO A 9 -2.86 0.58 -9.41
C PRO A 9 -3.60 1.89 -9.21
N VAL A 10 -2.85 2.96 -9.08
CA VAL A 10 -3.43 4.28 -8.96
C VAL A 10 -4.12 4.67 -10.27
N LYS A 11 -3.67 4.03 -11.35
CA LYS A 11 -4.33 4.18 -12.65
C LYS A 11 -5.76 3.66 -12.56
N GLU A 12 -5.93 2.66 -11.69
CA GLU A 12 -7.21 2.03 -11.48
C GLU A 12 -8.09 2.86 -10.57
N TYR A 13 -7.45 3.55 -9.64
CA TYR A 13 -8.17 4.35 -8.67
C TYR A 13 -7.66 5.78 -8.67
N PRO A 14 -8.16 6.62 -9.59
CA PRO A 14 -7.73 8.00 -9.72
C PRO A 14 -8.20 8.86 -8.55
N ASP A 15 -9.24 8.38 -7.86
CA ASP A 15 -9.85 9.15 -6.79
C ASP A 15 -9.37 8.64 -5.43
N PHE A 16 -8.73 7.48 -5.42
CA PHE A 16 -8.25 6.91 -4.17
C PHE A 16 -6.78 7.20 -3.98
N ASN A 17 -6.51 8.06 -3.01
CA ASN A 17 -5.15 8.43 -2.66
C ASN A 17 -4.49 7.36 -1.81
N PHE A 18 -3.82 6.41 -2.44
CA PHE A 18 -3.13 5.36 -1.70
C PHE A 18 -2.13 5.92 -0.70
N VAL A 19 -1.48 7.03 -1.03
CA VAL A 19 -0.56 7.66 -0.10
C VAL A 19 -1.32 8.27 1.08
N GLY A 20 -2.35 9.05 0.80
CA GLY A 20 -3.18 9.59 1.86
C GLY A 20 -3.89 8.48 2.63
N ARG A 21 -3.86 7.29 2.05
CA ARG A 21 -4.43 6.12 2.67
C ARG A 21 -3.38 5.36 3.49
N ILE A 22 -2.18 5.24 2.95
CA ILE A 22 -1.13 4.41 3.54
C ILE A 22 -0.33 5.16 4.58
N LEU A 23 0.20 6.30 4.19
CA LEU A 23 1.09 7.05 5.06
C LEU A 23 0.33 8.19 5.73
N GLY A 24 -0.82 8.53 5.14
CA GLY A 24 -1.63 9.61 5.66
C GLY A 24 -1.98 9.44 7.14
N PRO A 25 -2.91 8.52 7.47
CA PRO A 25 -3.27 8.25 8.85
C PRO A 25 -2.45 7.11 9.46
N ARG A 26 -1.79 6.33 8.62
CA ARG A 26 -1.10 5.13 9.07
C ARG A 26 0.41 5.21 8.78
N GLY A 27 0.93 6.42 8.57
CA GLY A 27 2.35 6.60 8.30
C GLY A 27 3.24 5.96 9.36
N LEU A 28 2.73 5.86 10.58
CA LEU A 28 3.46 5.23 11.67
C LEU A 28 3.82 3.79 11.33
N THR A 29 2.99 3.14 10.51
CA THR A 29 3.26 1.76 10.13
C THR A 29 4.51 1.67 9.27
N ALA A 30 4.71 2.67 8.41
CA ALA A 30 5.90 2.70 7.55
C ALA A 30 7.16 2.83 8.39
N LYS A 31 7.03 3.61 9.47
CA LYS A 31 8.13 3.77 10.41
C LYS A 31 8.37 2.48 11.18
N GLN A 32 7.31 1.72 11.41
CA GLN A 32 7.42 0.45 12.09
C GLN A 32 8.24 -0.53 11.27
N LEU A 33 8.00 -0.57 9.97
CA LEU A 33 8.74 -1.49 9.12
C LEU A 33 10.23 -1.16 9.12
N GLU A 34 10.58 0.12 9.02
CA GLU A 34 12.00 0.46 8.99
C GLU A 34 12.65 0.30 10.35
N ALA A 35 12.02 0.81 11.38
CA ALA A 35 12.58 0.78 12.73
C ALA A 35 12.64 -0.65 13.28
N GLU A 36 11.58 -1.41 13.06
CA GLU A 36 11.41 -2.70 13.69
C GLU A 36 11.97 -3.83 12.81
N THR A 37 11.57 -3.89 11.55
CA THR A 37 12.02 -4.97 10.68
C THR A 37 13.36 -4.63 10.03
N GLY A 38 13.71 -3.34 10.08
CA GLY A 38 14.93 -2.89 9.46
C GLY A 38 14.76 -2.67 7.99
N CYS A 39 13.51 -2.57 7.56
CA CYS A 39 13.21 -2.36 6.17
C CYS A 39 12.68 -0.97 5.94
N LYS A 40 13.39 -0.19 5.16
CA LYS A 40 12.91 1.12 4.83
C LYS A 40 11.92 0.98 3.69
N ILE A 41 10.65 0.85 4.04
CA ILE A 41 9.60 0.77 3.04
C ILE A 41 9.29 2.16 2.54
N MET A 42 9.47 2.35 1.24
CA MET A 42 9.25 3.63 0.64
C MET A 42 8.15 3.50 -0.39
N VAL A 43 7.22 4.41 -0.37
CA VAL A 43 6.15 4.41 -1.33
C VAL A 43 6.67 4.97 -2.63
N ARG A 44 6.71 4.13 -3.64
CA ARG A 44 7.29 4.50 -4.91
C ARG A 44 6.19 4.63 -5.94
N GLY A 45 6.04 5.83 -6.44
CA GLY A 45 4.95 6.15 -7.32
C GLY A 45 4.60 7.60 -7.22
N LYS A 46 3.60 8.02 -7.98
CA LYS A 46 3.19 9.40 -8.01
C LYS A 46 2.46 9.77 -6.72
N GLY A 47 3.10 10.58 -5.88
CA GLY A 47 2.43 11.08 -4.70
C GLY A 47 3.10 10.66 -3.41
N SER A 48 4.34 10.24 -3.50
CA SER A 48 5.08 9.77 -2.33
C SER A 48 5.29 10.90 -1.32
N MET A 49 5.96 11.95 -1.75
CA MET A 49 6.24 13.13 -0.93
C MET A 49 5.69 14.37 -1.60
N ARG A 50 4.53 14.23 -2.25
CA ARG A 50 3.89 15.27 -3.08
C ARG A 50 3.58 16.58 -2.32
N ASP A 51 4.32 16.86 -1.26
CA ASP A 51 4.13 18.09 -0.49
C ASP A 51 4.56 19.28 -1.34
N LYS A 52 3.85 20.39 -1.19
CA LYS A 52 4.06 21.55 -2.05
C LYS A 52 5.42 22.20 -1.82
N LYS A 53 5.88 22.21 -0.58
CA LYS A 53 7.17 22.79 -0.28
C LYS A 53 8.26 21.91 -0.89
N LYS A 54 8.01 20.60 -0.91
CA LYS A 54 8.96 19.65 -1.44
C LYS A 54 9.18 19.90 -2.93
N GLU A 55 8.09 20.04 -3.67
CA GLU A 55 8.19 20.25 -5.11
C GLU A 55 8.85 21.58 -5.45
N GLU A 56 8.82 22.51 -4.52
CA GLU A 56 9.49 23.78 -4.73
C GLU A 56 11.01 23.63 -4.64
N GLN A 57 11.49 23.16 -3.50
CA GLN A 57 12.93 23.11 -3.23
C GLN A 57 13.51 21.69 -3.30
N ASN A 58 12.77 20.70 -2.84
CA ASN A 58 13.24 19.32 -2.79
C ASN A 58 12.80 18.56 -4.03
N ARG A 59 12.36 19.34 -5.02
CA ARG A 59 11.96 18.82 -6.33
C ARG A 59 13.06 17.97 -6.97
N GLY A 60 12.65 17.02 -7.80
CA GLY A 60 13.60 16.18 -8.52
C GLY A 60 14.14 15.03 -7.69
N LYS A 61 14.07 15.19 -6.37
CA LYS A 61 14.65 14.22 -5.43
C LYS A 61 13.82 12.93 -5.38
N PRO A 62 14.37 11.84 -4.76
CA PRO A 62 13.74 10.51 -4.63
C PRO A 62 12.22 10.45 -4.64
N ASN A 63 11.59 11.45 -4.06
CA ASN A 63 10.14 11.52 -3.95
C ASN A 63 9.55 11.64 -5.34
N TRP A 64 10.23 12.43 -6.15
CA TRP A 64 9.85 12.69 -7.51
C TRP A 64 10.53 11.69 -8.40
N GLU A 65 11.69 11.23 -7.95
CA GLU A 65 12.43 10.17 -8.61
C GLU A 65 11.54 8.97 -8.87
N HIS A 66 10.85 8.52 -7.83
CA HIS A 66 9.94 7.40 -7.98
C HIS A 66 8.52 7.89 -8.20
N LEU A 67 8.33 9.20 -8.28
CA LEU A 67 7.02 9.76 -8.59
C LEU A 67 6.70 9.54 -10.06
N ASN A 68 7.73 9.22 -10.83
CA ASN A 68 7.53 8.88 -12.24
C ASN A 68 7.35 7.38 -12.40
N GLU A 69 7.26 6.69 -11.28
CA GLU A 69 6.86 5.29 -11.24
C GLU A 69 5.37 5.23 -10.93
N ASP A 70 4.73 4.10 -11.20
CA ASP A 70 3.34 3.94 -10.82
C ASP A 70 3.24 3.69 -9.33
N LEU A 71 2.24 4.29 -8.70
CA LEU A 71 2.12 4.26 -7.24
C LEU A 71 2.12 2.83 -6.71
N HIS A 72 3.17 2.47 -5.99
CA HIS A 72 3.27 1.18 -5.37
C HIS A 72 4.03 1.29 -4.05
N VAL A 73 3.97 0.25 -3.24
CA VAL A 73 4.69 0.25 -1.97
C VAL A 73 5.93 -0.61 -2.13
N LEU A 74 7.05 -0.14 -1.63
CA LEU A 74 8.31 -0.83 -1.79
C LEU A 74 8.96 -1.04 -0.45
N ILE A 75 9.00 -2.28 0.00
CA ILE A 75 9.77 -2.61 1.16
C ILE A 75 11.21 -2.83 0.74
N THR A 76 12.05 -1.89 1.11
CA THR A 76 13.46 -1.99 0.81
C THR A 76 14.24 -2.39 2.05
N VAL A 77 14.89 -3.52 2.00
CA VAL A 77 15.64 -4.00 3.15
C VAL A 77 17.13 -4.12 2.81
N GLU A 78 17.94 -3.43 3.59
CA GLU A 78 19.38 -3.54 3.44
C GLU A 78 19.86 -4.67 4.34
N ASP A 79 19.93 -5.86 3.75
CA ASP A 79 20.32 -7.08 4.44
C ASP A 79 20.24 -8.22 3.43
N ALA A 80 21.02 -9.28 3.62
CA ALA A 80 21.08 -10.36 2.65
C ALA A 80 20.22 -11.55 3.08
N GLN A 81 19.68 -11.49 4.29
CA GLN A 81 18.97 -12.64 4.87
C GLN A 81 17.47 -12.61 4.57
N ASN A 82 16.93 -13.80 4.32
CA ASN A 82 15.52 -13.95 3.98
C ASN A 82 14.67 -13.85 5.24
N ARG A 83 15.29 -13.94 6.41
CA ARG A 83 14.58 -13.70 7.67
C ARG A 83 14.23 -12.22 7.76
N ALA A 84 15.17 -11.38 7.32
CA ALA A 84 14.95 -9.95 7.25
C ALA A 84 13.74 -9.68 6.37
N GLU A 85 13.83 -10.10 5.11
CA GLU A 85 12.76 -9.82 4.16
C GLU A 85 11.43 -10.38 4.66
N LEU A 86 11.49 -11.51 5.37
CA LEU A 86 10.31 -12.16 5.91
C LEU A 86 9.59 -11.24 6.89
N LYS A 87 10.35 -10.48 7.66
CA LYS A 87 9.77 -9.60 8.66
C LYS A 87 9.06 -8.41 7.99
N LEU A 88 9.73 -7.80 7.02
CA LEU A 88 9.14 -6.67 6.31
C LEU A 88 8.02 -7.10 5.38
N LYS A 89 8.16 -8.27 4.75
CA LYS A 89 7.15 -8.74 3.81
C LYS A 89 5.83 -8.99 4.53
N ARG A 90 5.88 -9.50 5.76
CA ARG A 90 4.66 -9.76 6.51
C ARG A 90 4.01 -8.44 6.93
N ALA A 91 4.86 -7.47 7.28
CA ALA A 91 4.38 -6.15 7.66
C ALA A 91 3.76 -5.44 6.47
N VAL A 92 4.47 -5.45 5.34
CA VAL A 92 3.99 -4.84 4.12
C VAL A 92 2.76 -5.58 3.59
N GLU A 93 2.65 -6.86 3.91
CA GLU A 93 1.45 -7.62 3.59
C GLU A 93 0.24 -7.09 4.36
N GLU A 94 0.48 -6.59 5.56
CA GLU A 94 -0.56 -5.87 6.28
C GLU A 94 -0.84 -4.52 5.61
N VAL A 95 0.16 -4.00 4.90
CA VAL A 95 -0.06 -2.84 4.04
C VAL A 95 -0.86 -3.26 2.82
N LYS A 96 -0.68 -4.49 2.36
CA LYS A 96 -1.56 -5.06 1.34
C LYS A 96 -3.01 -4.99 1.80
N LYS A 97 -3.23 -5.11 3.10
CA LYS A 97 -4.56 -4.93 3.68
C LYS A 97 -4.89 -3.45 3.77
N LEU A 98 -3.87 -2.61 3.88
CA LEU A 98 -4.06 -1.18 4.03
C LEU A 98 -4.33 -0.50 2.69
N LEU A 99 -3.64 -0.94 1.65
CA LEU A 99 -3.70 -0.33 0.33
C LEU A 99 -5.00 -0.67 -0.40
N VAL A 100 -6.00 -1.11 0.34
CA VAL A 100 -7.30 -1.40 -0.22
C VAL A 100 -8.00 -0.10 -0.63
N PRO A 101 -8.40 0.00 -1.91
CA PRO A 101 -9.03 1.19 -2.48
C PRO A 101 -10.44 1.45 -1.95
N ALA A 102 -10.83 0.69 -0.96
CA ALA A 102 -12.10 0.92 -0.27
C ALA A 102 -12.10 2.30 0.39
N ALA A 103 -12.97 3.17 -0.09
CA ALA A 103 -13.05 4.55 0.40
C ALA A 103 -13.87 4.65 1.68
N GLU A 104 -14.15 3.51 2.29
CA GLU A 104 -14.85 3.47 3.57
C GLU A 104 -13.84 3.36 4.70
N GLY A 105 -14.08 4.08 5.79
CA GLY A 105 -13.15 4.06 6.91
C GLY A 105 -13.74 4.63 8.18
N GLU A 106 -15.06 4.64 8.27
CA GLU A 106 -15.72 5.15 9.46
C GLU A 106 -16.67 4.09 10.04
N ASP A 107 -16.32 3.61 11.23
CA ASP A 107 -17.11 2.58 11.95
C ASP A 107 -16.95 1.20 11.31
N SER A 108 -16.79 1.19 9.99
CA SER A 108 -16.58 -0.04 9.25
C SER A 108 -15.30 -0.75 9.71
N LEU A 109 -14.32 0.03 10.13
CA LEU A 109 -13.07 -0.51 10.64
C LEU A 109 -13.33 -1.41 11.84
N LYS A 110 -14.36 -1.06 12.60
CA LYS A 110 -14.73 -1.79 13.79
C LYS A 110 -15.64 -2.97 13.46
N LYS A 111 -16.73 -2.69 12.75
CA LYS A 111 -17.73 -3.70 12.47
C LYS A 111 -17.28 -4.66 11.37
N MET A 112 -16.89 -4.10 10.24
CA MET A 112 -16.64 -4.90 9.04
C MET A 112 -15.32 -5.65 9.10
N LYS A 113 -14.28 -5.04 9.65
CA LYS A 113 -12.99 -5.72 9.73
C LYS A 113 -13.03 -6.88 10.71
N LEU A 114 -13.79 -6.72 11.78
CA LEU A 114 -13.80 -7.72 12.82
C LEU A 114 -14.89 -8.78 12.58
N MET A 115 -16.15 -8.35 12.61
CA MET A 115 -17.26 -9.30 12.61
C MET A 115 -17.75 -9.57 11.19
N GLU A 116 -17.86 -8.52 10.38
CA GLU A 116 -18.34 -8.67 9.00
C GLU A 116 -17.33 -9.42 8.14
N LEU A 117 -16.13 -9.58 8.68
CA LEU A 117 -15.08 -10.35 8.01
C LEU A 117 -15.50 -11.81 7.88
N ALA A 118 -16.43 -12.22 8.75
CA ALA A 118 -17.02 -13.56 8.73
C ALA A 118 -16.06 -14.60 9.30
N ILE A 119 -14.98 -14.10 9.92
CA ILE A 119 -13.96 -14.92 10.59
C ILE A 119 -13.62 -16.21 9.84
N LEU A 120 -13.25 -17.24 10.58
CA LEU A 120 -12.88 -18.52 9.98
C LEU A 120 -14.12 -19.24 9.49
N ASN A 121 -13.95 -20.04 8.45
CA ASN A 121 -15.06 -20.70 7.78
C ASN A 121 -14.55 -21.80 6.85
N GLY A 122 -15.47 -22.42 6.12
CA GLY A 122 -15.09 -23.52 5.25
C GLY A 122 -14.78 -23.06 3.83
N THR A 123 -15.03 -21.79 3.55
CA THR A 123 -14.71 -21.22 2.27
C THR A 123 -13.23 -20.85 2.21
N TYR A 124 -12.74 -20.32 3.32
CA TYR A 124 -11.33 -19.99 3.45
C TYR A 124 -10.69 -20.82 4.55
N ARG A 125 -10.23 -22.00 4.18
CA ARG A 125 -9.49 -22.85 5.09
C ARG A 125 -8.01 -22.49 5.02
N ASP A 126 -7.69 -21.73 3.98
CA ASP A 126 -6.37 -21.15 3.82
C ASP A 126 -6.06 -20.25 5.00
N ALA A 127 -6.78 -19.13 5.07
CA ALA A 127 -6.70 -18.26 6.22
C ALA A 127 -7.48 -18.89 7.37
N ASN A 128 -6.77 -19.68 8.13
CA ASN A 128 -7.33 -20.54 9.18
C ASN A 128 -6.20 -21.36 9.72
N LEU A 129 -5.41 -21.88 8.78
CA LEU A 129 -4.16 -22.54 9.11
C LEU A 129 -3.02 -21.56 8.83
N LYS A 130 -3.14 -20.83 7.72
CA LYS A 130 -2.16 -19.82 7.36
C LYS A 130 -2.49 -18.49 8.01
N SER A 131 -2.39 -18.45 9.33
CA SER A 131 -2.67 -17.23 10.09
C SER A 131 -1.87 -17.23 11.39
N PRO A 132 -0.89 -16.31 11.51
CA PRO A 132 -0.01 -16.24 12.67
C PRO A 132 -0.64 -15.48 13.84
N ALA A 133 -1.74 -14.79 13.59
CA ALA A 133 -2.38 -13.98 14.61
C ALA A 133 -3.81 -14.41 14.83
N LEU A 134 -3.97 -15.56 15.47
CA LEU A 134 -5.28 -16.06 15.85
C LEU A 134 -5.34 -16.24 17.36
N HIS A 135 -5.85 -15.34 18.04
N GLN A 1 20.54 -3.91 -1.86
CA GLN A 1 19.59 -4.66 -1.02
C GLN A 1 18.58 -5.38 -1.88
N LEU A 2 17.57 -5.97 -1.26
CA LEU A 2 16.50 -6.59 -2.01
C LEU A 2 15.28 -5.69 -1.91
N GLN A 3 14.63 -5.47 -3.03
CA GLN A 3 13.44 -4.64 -3.04
C GLN A 3 12.26 -5.45 -3.52
N GLU A 4 11.15 -5.35 -2.82
CA GLU A 4 9.93 -5.99 -3.27
C GLU A 4 8.89 -4.92 -3.51
N LYS A 5 8.42 -4.84 -4.74
CA LYS A 5 7.47 -3.81 -5.11
C LYS A 5 6.09 -4.41 -5.21
N LEU A 6 5.20 -3.90 -4.42
CA LEU A 6 3.84 -4.35 -4.43
C LEU A 6 2.98 -3.25 -5.01
N TYR A 7 2.66 -3.40 -6.29
CA TYR A 7 2.01 -2.34 -7.05
C TYR A 7 0.57 -2.14 -6.62
N VAL A 8 0.15 -0.90 -6.68
CA VAL A 8 -1.22 -0.55 -6.44
C VAL A 8 -1.58 0.63 -7.35
N PRO A 9 -2.45 0.39 -8.33
CA PRO A 9 -2.62 1.32 -9.44
C PRO A 9 -3.43 2.55 -9.05
N VAL A 10 -2.73 3.63 -8.81
CA VAL A 10 -3.34 4.86 -8.32
C VAL A 10 -4.16 5.55 -9.41
N LYS A 11 -3.81 5.27 -10.66
CA LYS A 11 -4.56 5.81 -11.79
C LYS A 11 -5.87 5.08 -11.90
N GLU A 12 -5.84 3.85 -11.43
CA GLU A 12 -7.00 2.97 -11.45
C GLU A 12 -7.97 3.36 -10.36
N TYR A 13 -7.44 3.94 -9.30
CA TYR A 13 -8.24 4.45 -8.21
C TYR A 13 -7.95 5.93 -8.02
N PRO A 14 -8.41 6.79 -8.95
CA PRO A 14 -8.11 8.22 -8.93
C PRO A 14 -8.75 8.91 -7.72
N ASP A 15 -9.77 8.29 -7.16
CA ASP A 15 -10.47 8.84 -6.02
C ASP A 15 -9.96 8.22 -4.72
N PHE A 16 -9.22 7.13 -4.84
CA PHE A 16 -8.64 6.50 -3.66
C PHE A 16 -7.17 6.84 -3.58
N ASN A 17 -6.85 7.68 -2.63
CA ASN A 17 -5.48 8.10 -2.40
C ASN A 17 -4.74 7.06 -1.59
N PHE A 18 -3.98 6.21 -2.26
CA PHE A 18 -3.21 5.19 -1.56
C PHE A 18 -2.20 5.82 -0.62
N VAL A 19 -1.60 6.93 -1.04
CA VAL A 19 -0.72 7.69 -0.16
C VAL A 19 -1.49 8.22 1.05
N GLY A 20 -2.62 8.86 0.78
CA GLY A 20 -3.48 9.33 1.84
C GLY A 20 -4.05 8.20 2.68
N ARG A 21 -3.90 6.97 2.21
CA ARG A 21 -4.33 5.78 2.93
C ARG A 21 -3.17 5.13 3.66
N ILE A 22 -2.04 5.02 2.98
CA ILE A 22 -0.90 4.28 3.50
C ILE A 22 -0.20 5.05 4.61
N LEU A 23 0.20 6.27 4.29
CA LEU A 23 0.92 7.09 5.23
C LEU A 23 0.01 8.17 5.83
N GLY A 24 -1.13 8.39 5.19
CA GLY A 24 -2.05 9.43 5.62
C GLY A 24 -2.44 9.32 7.07
N PRO A 25 -3.37 8.41 7.41
CA PRO A 25 -3.78 8.16 8.78
C PRO A 25 -2.96 7.04 9.42
N ARG A 26 -2.26 6.28 8.58
CA ARG A 26 -1.55 5.10 9.03
C ARG A 26 -0.03 5.23 8.83
N GLY A 27 0.44 6.46 8.68
CA GLY A 27 1.86 6.71 8.46
C GLY A 27 2.75 6.02 9.50
N LEU A 28 2.20 5.83 10.70
CA LEU A 28 2.89 5.12 11.76
C LEU A 28 3.44 3.78 11.26
N THR A 29 2.62 3.07 10.48
CA THR A 29 3.00 1.73 10.04
C THR A 29 4.23 1.77 9.14
N ALA A 30 4.35 2.80 8.31
CA ALA A 30 5.49 2.90 7.41
C ALA A 30 6.77 3.09 8.22
N LYS A 31 6.69 3.96 9.20
CA LYS A 31 7.83 4.30 10.04
C LYS A 31 8.21 3.12 10.94
N GLN A 32 7.21 2.48 11.53
CA GLN A 32 7.48 1.39 12.46
C GLN A 32 8.10 0.21 11.72
N LEU A 33 7.70 0.02 10.46
CA LEU A 33 8.23 -1.07 9.67
C LEU A 33 9.71 -0.89 9.39
N GLU A 34 10.12 0.32 9.00
CA GLU A 34 11.54 0.54 8.73
C GLU A 34 12.34 0.56 10.03
N ALA A 35 11.71 1.07 11.07
CA ALA A 35 12.32 1.13 12.38
C ALA A 35 12.55 -0.27 12.96
N GLU A 36 11.56 -1.15 12.83
CA GLU A 36 11.63 -2.48 13.44
C GLU A 36 12.18 -3.55 12.49
N THR A 37 11.63 -3.63 11.29
CA THR A 37 11.97 -4.74 10.40
C THR A 37 13.38 -4.58 9.84
N GLY A 38 13.87 -3.34 9.85
CA GLY A 38 15.14 -3.04 9.22
C GLY A 38 14.96 -2.76 7.76
N CYS A 39 13.72 -2.85 7.30
CA CYS A 39 13.38 -2.53 5.94
C CYS A 39 12.75 -1.18 5.85
N LYS A 40 13.40 -0.30 5.13
CA LYS A 40 12.83 1.00 4.88
C LYS A 40 11.84 0.84 3.73
N ILE A 41 10.58 0.65 4.08
CA ILE A 41 9.55 0.49 3.08
C ILE A 41 9.16 1.85 2.54
N MET A 42 9.49 2.08 1.29
CA MET A 42 9.28 3.36 0.68
C MET A 42 8.15 3.25 -0.32
N VAL A 43 7.23 4.17 -0.26
CA VAL A 43 6.17 4.19 -1.22
C VAL A 43 6.69 4.83 -2.49
N ARG A 44 6.79 4.03 -3.54
CA ARG A 44 7.32 4.53 -4.79
C ARG A 44 6.19 4.91 -5.71
N GLY A 45 6.47 5.77 -6.65
CA GLY A 45 5.41 6.33 -7.44
C GLY A 45 5.10 7.74 -6.99
N LYS A 46 4.00 8.26 -7.47
CA LYS A 46 3.60 9.61 -7.16
C LYS A 46 3.08 9.72 -5.73
N GLY A 47 3.82 10.43 -4.88
CA GLY A 47 3.32 10.74 -3.55
C GLY A 47 4.18 10.18 -2.44
N SER A 48 5.42 9.88 -2.75
CA SER A 48 6.34 9.36 -1.76
C SER A 48 6.73 10.46 -0.76
N MET A 49 7.37 11.50 -1.27
CA MET A 49 7.78 12.65 -0.49
C MET A 49 7.24 13.92 -1.10
N ARG A 50 6.03 13.82 -1.67
CA ARG A 50 5.39 14.89 -2.44
C ARG A 50 5.13 16.18 -1.62
N ASP A 51 5.92 16.39 -0.58
CA ASP A 51 5.84 17.59 0.24
C ASP A 51 6.51 18.74 -0.48
N LYS A 52 5.94 19.93 -0.35
CA LYS A 52 6.44 21.11 -1.05
C LYS A 52 7.89 21.42 -0.66
N LYS A 53 8.25 21.10 0.58
CA LYS A 53 9.61 21.35 1.01
C LYS A 53 10.57 20.48 0.20
N LYS A 54 10.28 19.19 0.12
CA LYS A 54 11.18 18.25 -0.54
C LYS A 54 11.42 18.65 -1.99
N GLU A 55 10.36 19.07 -2.65
CA GLU A 55 10.47 19.45 -4.05
C GLU A 55 11.26 20.74 -4.23
N GLU A 56 11.37 21.53 -3.17
CA GLU A 56 12.21 22.72 -3.20
C GLU A 56 13.69 22.38 -3.25
N GLN A 57 14.21 21.71 -2.22
CA GLN A 57 15.65 21.45 -2.15
C GLN A 57 15.98 19.99 -2.49
N ASN A 58 15.14 19.07 -2.04
CA ASN A 58 15.37 17.64 -2.32
C ASN A 58 14.82 17.29 -3.69
N ARG A 59 14.46 18.32 -4.45
CA ARG A 59 14.08 18.16 -5.85
C ARG A 59 15.10 17.32 -6.62
N GLY A 60 14.61 16.38 -7.40
CA GLY A 60 15.48 15.51 -8.20
C GLY A 60 15.95 14.27 -7.45
N LYS A 61 15.66 14.21 -6.16
CA LYS A 61 16.08 13.09 -5.32
C LYS A 61 15.08 11.93 -5.41
N PRO A 62 15.47 10.72 -4.93
CA PRO A 62 14.67 9.48 -4.93
C PRO A 62 13.15 9.63 -4.91
N ASN A 63 12.68 10.63 -4.21
CA ASN A 63 11.25 10.85 -4.05
C ASN A 63 10.65 11.20 -5.40
N TRP A 64 11.38 12.00 -6.14
CA TRP A 64 10.97 12.40 -7.47
C TRP A 64 11.52 11.42 -8.47
N GLU A 65 12.61 10.77 -8.08
CA GLU A 65 13.21 9.72 -8.88
C GLU A 65 12.19 8.64 -9.19
N HIS A 66 11.47 8.19 -8.18
CA HIS A 66 10.41 7.22 -8.38
C HIS A 66 9.05 7.89 -8.48
N LEU A 67 9.02 9.23 -8.40
CA LEU A 67 7.77 9.99 -8.55
C LEU A 67 7.26 9.85 -9.97
N ASN A 68 8.15 9.43 -10.85
CA ASN A 68 7.79 9.23 -12.25
C ASN A 68 7.36 7.79 -12.49
N GLU A 69 7.35 7.00 -11.42
CA GLU A 69 6.77 5.67 -11.45
C GLU A 69 5.31 5.74 -11.03
N ASP A 70 4.60 4.64 -11.17
CA ASP A 70 3.22 4.58 -10.71
C ASP A 70 3.18 4.05 -9.29
N LEU A 71 2.27 4.58 -8.48
CA LEU A 71 2.25 4.36 -7.05
C LEU A 71 2.28 2.87 -6.69
N HIS A 72 3.33 2.48 -6.00
CA HIS A 72 3.43 1.14 -5.45
C HIS A 72 4.21 1.18 -4.15
N VAL A 73 4.03 0.19 -3.30
CA VAL A 73 4.78 0.14 -2.06
C VAL A 73 5.99 -0.76 -2.25
N LEU A 74 7.13 -0.32 -1.77
CA LEU A 74 8.35 -1.09 -1.94
C LEU A 74 9.06 -1.26 -0.64
N ILE A 75 9.23 -2.50 -0.25
CA ILE A 75 10.03 -2.81 0.90
C ILE A 75 11.48 -2.98 0.48
N THR A 76 12.28 -2.01 0.88
CA THR A 76 13.71 -2.04 0.62
C THR A 76 14.46 -2.49 1.85
N VAL A 77 14.96 -3.71 1.85
CA VAL A 77 15.68 -4.22 3.01
C VAL A 77 17.13 -4.57 2.64
N GLU A 78 18.07 -3.92 3.29
CA GLU A 78 19.48 -4.22 3.09
C GLU A 78 19.84 -5.47 3.89
N ASP A 79 19.72 -6.63 3.24
CA ASP A 79 19.97 -7.93 3.88
C ASP A 79 19.50 -9.03 2.94
N ALA A 80 20.33 -10.04 2.73
CA ALA A 80 19.98 -11.13 1.81
C ALA A 80 19.45 -12.36 2.55
N GLN A 81 19.00 -12.18 3.78
CA GLN A 81 18.57 -13.30 4.60
C GLN A 81 17.07 -13.31 4.84
N ASN A 82 16.55 -14.49 5.13
CA ASN A 82 15.12 -14.71 5.30
C ASN A 82 14.58 -13.93 6.48
N ARG A 83 15.30 -13.94 7.61
CA ARG A 83 14.86 -13.20 8.80
C ARG A 83 14.41 -11.79 8.46
N ALA A 84 15.28 -11.08 7.76
CA ALA A 84 15.01 -9.70 7.42
C ALA A 84 13.78 -9.60 6.56
N GLU A 85 13.86 -10.14 5.35
CA GLU A 85 12.80 -9.95 4.36
C GLU A 85 11.46 -10.47 4.90
N LEU A 86 11.51 -11.52 5.72
CA LEU A 86 10.33 -12.10 6.32
C LEU A 86 9.61 -11.08 7.20
N LYS A 87 10.40 -10.27 7.90
CA LYS A 87 9.88 -9.33 8.86
C LYS A 87 9.14 -8.19 8.14
N LEU A 88 9.75 -7.68 7.07
CA LEU A 88 9.11 -6.63 6.27
C LEU A 88 7.94 -7.17 5.46
N LYS A 89 8.06 -8.38 4.91
CA LYS A 89 7.00 -8.93 4.07
C LYS A 89 5.73 -9.21 4.86
N ARG A 90 5.88 -9.61 6.12
CA ARG A 90 4.70 -9.82 6.96
C ARG A 90 4.04 -8.48 7.26
N ALA A 91 4.86 -7.49 7.59
CA ALA A 91 4.37 -6.15 7.88
C ALA A 91 3.75 -5.51 6.64
N VAL A 92 4.44 -5.64 5.52
CA VAL A 92 3.96 -5.12 4.26
C VAL A 92 2.68 -5.83 3.83
N GLU A 93 2.52 -7.08 4.25
CA GLU A 93 1.27 -7.79 4.00
C GLU A 93 0.11 -7.14 4.75
N GLU A 94 0.40 -6.53 5.88
CA GLU A 94 -0.61 -5.74 6.56
C GLU A 94 -0.93 -4.48 5.77
N VAL A 95 0.06 -3.97 5.02
CA VAL A 95 -0.23 -2.90 4.07
C VAL A 95 -1.00 -3.45 2.89
N LYS A 96 -0.79 -4.72 2.58
CA LYS A 96 -1.63 -5.39 1.57
C LYS A 96 -3.10 -5.23 1.90
N LYS A 97 -3.42 -5.21 3.20
CA LYS A 97 -4.77 -4.93 3.66
C LYS A 97 -5.08 -3.44 3.52
N LEU A 98 -4.06 -2.61 3.75
CA LEU A 98 -4.23 -1.16 3.74
C LEU A 98 -4.35 -0.61 2.32
N LEU A 99 -3.58 -1.13 1.38
CA LEU A 99 -3.55 -0.58 0.03
C LEU A 99 -4.78 -0.97 -0.78
N VAL A 100 -5.77 -1.53 -0.09
CA VAL A 100 -7.03 -1.88 -0.71
C VAL A 100 -7.92 -0.64 -0.77
N PRO A 101 -8.62 -0.42 -1.91
CA PRO A 101 -9.52 0.73 -2.12
C PRO A 101 -10.70 0.77 -1.12
N ALA A 102 -10.71 -0.17 -0.21
CA ALA A 102 -11.71 -0.25 0.84
C ALA A 102 -11.49 0.83 1.90
N ALA A 103 -12.24 0.72 3.00
CA ALA A 103 -12.09 1.65 4.11
C ALA A 103 -11.14 1.08 5.16
N GLU A 104 -11.09 1.73 6.32
CA GLU A 104 -10.23 1.29 7.42
C GLU A 104 -10.68 -0.07 7.94
N GLY A 105 -11.94 -0.15 8.31
CA GLY A 105 -12.50 -1.38 8.85
C GLY A 105 -12.62 -1.34 10.36
N GLU A 106 -12.17 -0.24 10.94
CA GLU A 106 -12.14 -0.10 12.39
C GLU A 106 -12.94 1.12 12.85
N ASP A 107 -13.00 1.28 14.18
CA ASP A 107 -13.52 2.49 14.83
C ASP A 107 -15.03 2.66 14.65
N SER A 108 -15.42 3.40 13.63
CA SER A 108 -16.80 3.83 13.45
C SER A 108 -17.76 2.64 13.35
N LEU A 109 -17.34 1.62 12.62
CA LEU A 109 -18.17 0.47 12.35
C LEU A 109 -18.63 -0.22 13.63
N LYS A 110 -17.69 -0.44 14.54
CA LYS A 110 -17.97 -1.19 15.75
C LYS A 110 -18.52 -0.27 16.85
N LYS A 111 -17.98 0.94 16.94
CA LYS A 111 -18.41 1.89 17.98
C LYS A 111 -19.87 2.26 17.79
N MET A 112 -20.25 2.56 16.56
CA MET A 112 -21.60 3.02 16.25
C MET A 112 -22.61 1.88 16.29
N LYS A 113 -22.18 0.68 15.94
CA LYS A 113 -23.08 -0.47 15.93
C LYS A 113 -23.40 -0.89 17.36
N LEU A 114 -22.44 -0.79 18.25
CA LEU A 114 -22.63 -1.29 19.59
C LEU A 114 -23.10 -0.19 20.55
N MET A 115 -22.25 0.80 20.76
CA MET A 115 -22.51 1.80 21.80
C MET A 115 -23.35 2.96 21.27
N GLU A 116 -23.00 3.48 20.08
CA GLU A 116 -23.75 4.58 19.49
C GLU A 116 -25.18 4.19 19.16
N LEU A 117 -25.40 2.89 19.01
CA LEU A 117 -26.72 2.35 18.73
C LEU A 117 -27.62 2.48 19.96
N ALA A 118 -26.98 2.72 21.11
CA ALA A 118 -27.66 2.76 22.41
C ALA A 118 -28.11 1.37 22.82
N ILE A 119 -27.54 0.36 22.18
CA ILE A 119 -27.79 -1.02 22.53
C ILE A 119 -27.00 -1.37 23.78
N LEU A 120 -25.68 -1.37 23.65
CA LEU A 120 -24.79 -1.55 24.79
C LEU A 120 -24.02 -0.27 25.05
N ASN A 121 -24.62 0.58 25.86
CA ASN A 121 -24.01 1.87 26.23
C ASN A 121 -23.07 1.71 27.41
N GLY A 122 -22.86 0.47 27.84
CA GLY A 122 -21.86 0.20 28.86
C GLY A 122 -22.43 0.08 30.26
N THR A 123 -23.71 0.40 30.43
CA THR A 123 -24.33 0.36 31.74
C THR A 123 -24.41 -1.08 32.29
N TYR A 124 -25.22 -1.91 31.65
CA TYR A 124 -25.42 -3.28 32.12
C TYR A 124 -24.48 -4.23 31.37
N ARG A 125 -23.70 -4.99 32.12
CA ARG A 125 -22.73 -5.92 31.54
C ARG A 125 -23.44 -7.04 30.79
N ASP A 126 -24.30 -7.76 31.50
CA ASP A 126 -24.95 -8.93 30.95
C ASP A 126 -26.08 -8.59 29.98
N ALA A 127 -26.30 -7.30 29.77
CA ALA A 127 -27.24 -6.85 28.76
C ALA A 127 -26.68 -7.12 27.38
N ASN A 128 -25.36 -7.30 27.33
CA ASN A 128 -24.64 -7.66 26.12
C ASN A 128 -25.15 -8.99 25.57
N LEU A 129 -25.41 -9.93 26.47
CA LEU A 129 -25.89 -11.24 26.07
C LEU A 129 -27.41 -11.32 26.25
N LYS A 130 -27.89 -10.77 27.36
CA LYS A 130 -29.29 -10.91 27.79
C LYS A 130 -29.54 -12.35 28.23
N SER A 131 -29.77 -12.53 29.52
CA SER A 131 -29.96 -13.87 30.07
C SER A 131 -31.39 -14.07 30.58
N PRO A 132 -32.31 -14.48 29.69
CA PRO A 132 -33.66 -14.82 30.05
C PRO A 132 -33.87 -16.33 30.17
N ALA A 133 -32.81 -17.08 29.90
CA ALA A 133 -32.89 -18.53 29.85
C ALA A 133 -32.17 -19.16 31.04
N LEU A 134 -31.90 -18.37 32.06
CA LEU A 134 -31.25 -18.87 33.27
C LEU A 134 -32.29 -19.10 34.35
N HIS A 135 -32.63 -18.14 35.06
N GLN A 1 20.82 -4.69 -1.75
CA GLN A 1 19.55 -4.59 -1.01
C GLN A 1 18.52 -5.51 -1.64
N LEU A 2 17.37 -5.65 -0.99
CA LEU A 2 16.23 -6.29 -1.64
C LEU A 2 15.14 -5.26 -1.82
N GLN A 3 14.40 -5.37 -2.91
CA GLN A 3 13.21 -4.56 -3.08
C GLN A 3 12.06 -5.41 -3.56
N GLU A 4 10.92 -5.26 -2.93
CA GLU A 4 9.71 -5.89 -3.42
C GLU A 4 8.67 -4.81 -3.64
N LYS A 5 8.16 -4.73 -4.85
CA LYS A 5 7.25 -3.65 -5.18
C LYS A 5 5.85 -4.21 -5.32
N LEU A 6 4.97 -3.72 -4.47
CA LEU A 6 3.60 -4.16 -4.46
C LEU A 6 2.73 -3.03 -5.03
N TYR A 7 2.41 -3.17 -6.30
CA TYR A 7 1.75 -2.11 -7.05
C TYR A 7 0.31 -1.90 -6.62
N VAL A 8 -0.09 -0.65 -6.62
CA VAL A 8 -1.48 -0.27 -6.48
C VAL A 8 -1.81 0.70 -7.60
N PRO A 9 -2.69 0.32 -8.51
CA PRO A 9 -2.96 1.12 -9.69
C PRO A 9 -3.68 2.40 -9.35
N VAL A 10 -2.90 3.44 -9.07
CA VAL A 10 -3.44 4.74 -8.75
C VAL A 10 -4.20 5.30 -9.96
N LYS A 11 -3.85 4.74 -11.12
CA LYS A 11 -4.52 5.05 -12.38
C LYS A 11 -5.94 4.50 -12.34
N GLU A 12 -6.11 3.45 -11.56
CA GLU A 12 -7.42 2.82 -11.35
C GLU A 12 -8.24 3.60 -10.35
N TYR A 13 -7.58 4.11 -9.32
CA TYR A 13 -8.25 4.79 -8.24
C TYR A 13 -7.74 6.22 -8.09
N PRO A 14 -8.28 7.15 -8.89
CA PRO A 14 -7.90 8.56 -8.81
C PRO A 14 -8.39 9.21 -7.52
N ASP A 15 -9.48 8.68 -6.98
CA ASP A 15 -10.09 9.26 -5.78
C ASP A 15 -9.55 8.61 -4.52
N PHE A 16 -8.87 7.48 -4.67
CA PHE A 16 -8.27 6.82 -3.53
C PHE A 16 -6.78 7.02 -3.57
N ASN A 17 -6.32 7.85 -2.67
CA ASN A 17 -4.91 8.11 -2.53
C ASN A 17 -4.27 7.02 -1.68
N PHE A 18 -3.61 6.07 -2.33
CA PHE A 18 -2.93 5.03 -1.60
C PHE A 18 -1.86 5.61 -0.67
N VAL A 19 -1.25 6.71 -1.09
CA VAL A 19 -0.35 7.46 -0.23
C VAL A 19 -1.15 8.17 0.86
N GLY A 20 -2.18 8.89 0.44
CA GLY A 20 -3.02 9.61 1.39
C GLY A 20 -3.72 8.69 2.37
N ARG A 21 -3.76 7.41 2.04
CA ARG A 21 -4.35 6.42 2.92
C ARG A 21 -3.30 5.69 3.74
N ILE A 22 -2.23 5.23 3.07
CA ILE A 22 -1.26 4.36 3.74
C ILE A 22 -0.39 5.18 4.68
N LEU A 23 0.20 6.25 4.19
CA LEU A 23 1.05 7.07 5.03
C LEU A 23 0.40 8.39 5.43
N GLY A 24 -0.72 8.73 4.78
CA GLY A 24 -1.40 9.99 5.06
C GLY A 24 -1.58 10.23 6.55
N PRO A 25 -2.61 9.63 7.16
CA PRO A 25 -2.79 9.65 8.60
C PRO A 25 -2.12 8.46 9.28
N ARG A 26 -1.77 7.45 8.47
CA ARG A 26 -1.30 6.19 8.98
C ARG A 26 0.18 5.96 8.65
N GLY A 27 0.90 7.03 8.34
CA GLY A 27 2.29 6.94 7.98
C GLY A 27 3.15 6.27 9.02
N LEU A 28 2.64 6.24 10.24
CA LEU A 28 3.32 5.58 11.35
C LEU A 28 3.69 4.15 10.98
N THR A 29 2.79 3.46 10.28
CA THR A 29 3.01 2.06 9.95
C THR A 29 4.22 1.87 9.05
N ALA A 30 4.45 2.82 8.14
CA ALA A 30 5.62 2.74 7.26
C ALA A 30 6.89 2.90 8.09
N LYS A 31 6.84 3.83 9.01
CA LYS A 31 7.97 4.13 9.87
C LYS A 31 8.22 2.99 10.86
N GLN A 32 7.15 2.36 11.32
CA GLN A 32 7.27 1.25 12.24
C GLN A 32 7.94 0.07 11.57
N LEU A 33 7.70 -0.09 10.29
CA LEU A 33 8.29 -1.19 9.54
C LEU A 33 9.79 -1.02 9.41
N GLU A 34 10.23 0.19 9.08
CA GLU A 34 11.67 0.42 8.93
C GLU A 34 12.35 0.39 10.29
N ALA A 35 11.65 0.91 11.30
CA ALA A 35 12.16 0.89 12.65
C ALA A 35 12.25 -0.54 13.21
N GLU A 36 11.22 -1.34 12.94
CA GLU A 36 11.13 -2.69 13.48
C GLU A 36 11.86 -3.72 12.64
N THR A 37 11.57 -3.75 11.35
CA THR A 37 12.02 -4.84 10.50
C THR A 37 13.45 -4.62 10.01
N GLY A 38 13.85 -3.35 9.97
CA GLY A 38 15.12 -2.99 9.36
C GLY A 38 14.95 -2.74 7.88
N CYS A 39 13.73 -2.93 7.42
CA CYS A 39 13.40 -2.67 6.03
C CYS A 39 12.75 -1.31 5.89
N LYS A 40 13.38 -0.46 5.11
CA LYS A 40 12.82 0.82 4.84
C LYS A 40 11.84 0.65 3.70
N ILE A 41 10.59 0.43 4.04
CA ILE A 41 9.56 0.33 3.04
C ILE A 41 9.19 1.74 2.57
N MET A 42 9.41 1.99 1.30
CA MET A 42 9.22 3.30 0.74
C MET A 42 8.12 3.28 -0.28
N VAL A 43 7.25 4.25 -0.20
CA VAL A 43 6.20 4.37 -1.19
C VAL A 43 6.78 5.02 -2.44
N ARG A 44 6.38 4.51 -3.59
CA ARG A 44 6.99 4.85 -4.86
C ARG A 44 5.91 5.25 -5.84
N GLY A 45 6.29 5.91 -6.91
CA GLY A 45 5.32 6.44 -7.85
C GLY A 45 4.76 7.75 -7.38
N LYS A 46 3.79 8.28 -8.10
CA LYS A 46 3.16 9.52 -7.70
C LYS A 46 2.35 9.31 -6.44
N GLY A 47 2.46 10.28 -5.57
CA GLY A 47 2.08 10.08 -4.19
C GLY A 47 3.31 10.26 -3.34
N SER A 48 4.45 10.14 -3.99
CA SER A 48 5.73 10.45 -3.38
C SER A 48 5.94 11.98 -3.41
N MET A 49 4.93 12.67 -3.93
CA MET A 49 4.89 14.11 -4.13
C MET A 49 3.90 14.69 -3.13
N ARG A 50 3.80 13.99 -2.03
CA ARG A 50 2.79 14.23 -1.03
C ARG A 50 3.21 15.33 -0.09
N ASP A 51 4.48 15.70 -0.18
CA ASP A 51 5.01 16.76 0.60
C ASP A 51 5.34 17.91 -0.33
N LYS A 52 4.47 18.90 -0.38
CA LYS A 52 4.68 20.05 -1.27
C LYS A 52 6.00 20.72 -0.94
N LYS A 53 6.28 20.84 0.34
CA LYS A 53 7.54 21.37 0.78
C LYS A 53 8.68 20.50 0.28
N LYS A 54 8.50 19.19 0.32
CA LYS A 54 9.57 18.26 -0.01
C LYS A 54 10.00 18.41 -1.47
N GLU A 55 9.04 18.62 -2.35
CA GLU A 55 9.32 18.78 -3.77
C GLU A 55 9.93 20.14 -4.05
N GLU A 56 9.74 21.07 -3.13
CA GLU A 56 10.34 22.39 -3.22
C GLU A 56 11.86 22.36 -2.98
N GLN A 57 12.30 21.87 -1.81
CA GLN A 57 13.74 21.88 -1.51
C GLN A 57 14.35 20.49 -1.64
N ASN A 58 13.62 19.46 -1.21
CA ASN A 58 14.17 18.10 -1.17
C ASN A 58 13.99 17.42 -2.52
N ARG A 59 13.45 18.17 -3.46
CA ARG A 59 13.26 17.72 -4.83
C ARG A 59 14.49 17.02 -5.40
N GLY A 60 14.24 16.04 -6.24
CA GLY A 60 15.31 15.30 -6.88
C GLY A 60 15.64 14.02 -6.16
N LYS A 61 15.36 13.98 -4.86
CA LYS A 61 15.65 12.79 -4.07
C LYS A 61 14.62 11.68 -4.34
N PRO A 62 14.91 10.45 -3.88
CA PRO A 62 14.14 9.20 -4.09
C PRO A 62 12.65 9.30 -4.41
N ASN A 63 11.94 10.20 -3.80
CA ASN A 63 10.50 10.26 -3.99
C ASN A 63 10.21 10.90 -5.32
N TRP A 64 11.08 11.81 -5.67
CA TRP A 64 11.00 12.54 -6.92
C TRP A 64 11.76 11.75 -7.96
N GLU A 65 12.60 10.86 -7.47
CA GLU A 65 13.23 9.84 -8.28
C GLU A 65 12.15 8.93 -8.87
N HIS A 66 11.37 8.32 -7.98
CA HIS A 66 10.36 7.34 -8.38
C HIS A 66 8.99 7.99 -8.56
N LEU A 67 8.92 9.31 -8.39
CA LEU A 67 7.68 10.05 -8.69
C LEU A 67 7.31 9.87 -10.16
N ASN A 68 8.29 9.42 -10.92
CA ASN A 68 8.14 9.24 -12.34
C ASN A 68 7.59 7.84 -12.63
N GLU A 69 7.20 7.15 -11.56
CA GLU A 69 6.57 5.83 -11.64
C GLU A 69 5.10 5.94 -11.24
N ASP A 70 4.39 4.83 -11.29
CA ASP A 70 3.03 4.77 -10.77
C ASP A 70 3.02 4.26 -9.35
N LEU A 71 2.13 4.81 -8.54
CA LEU A 71 2.13 4.58 -7.10
C LEU A 71 2.12 3.10 -6.74
N HIS A 72 3.17 2.69 -6.05
CA HIS A 72 3.25 1.36 -5.49
C HIS A 72 4.03 1.41 -4.18
N VAL A 73 3.94 0.36 -3.39
CA VAL A 73 4.69 0.31 -2.15
C VAL A 73 5.87 -0.62 -2.33
N LEU A 74 6.99 -0.28 -1.73
CA LEU A 74 8.20 -1.06 -1.92
C LEU A 74 8.89 -1.31 -0.60
N ILE A 75 9.03 -2.57 -0.26
CA ILE A 75 9.85 -2.94 0.87
C ILE A 75 11.30 -3.07 0.43
N THR A 76 12.08 -2.08 0.84
CA THR A 76 13.50 -2.04 0.56
C THR A 76 14.28 -2.41 1.80
N VAL A 77 15.10 -3.44 1.72
CA VAL A 77 15.86 -3.83 2.89
C VAL A 77 17.35 -3.68 2.65
N GLU A 78 18.03 -3.20 3.67
CA GLU A 78 19.47 -3.14 3.70
C GLU A 78 19.96 -4.07 4.80
N ASP A 79 20.29 -5.31 4.43
CA ASP A 79 20.65 -6.34 5.41
C ASP A 79 21.12 -7.61 4.70
N ALA A 80 21.40 -8.66 5.49
CA ALA A 80 21.70 -9.97 4.95
C ALA A 80 20.43 -10.60 4.38
N GLN A 81 19.31 -9.94 4.65
CA GLN A 81 18.03 -10.19 3.99
C GLN A 81 17.17 -11.23 4.69
N ASN A 82 17.71 -12.41 4.95
CA ASN A 82 16.91 -13.56 5.40
C ASN A 82 15.95 -13.23 6.54
N ARG A 83 16.50 -12.83 7.68
CA ARG A 83 15.68 -12.55 8.85
C ARG A 83 14.82 -11.31 8.61
N ALA A 84 15.39 -10.33 7.95
CA ALA A 84 14.72 -9.06 7.73
C ALA A 84 13.54 -9.20 6.76
N GLU A 85 13.72 -9.98 5.70
CA GLU A 85 12.70 -10.14 4.69
C GLU A 85 11.50 -10.88 5.25
N LEU A 86 11.74 -11.80 6.18
CA LEU A 86 10.65 -12.46 6.89
C LEU A 86 9.83 -11.40 7.66
N LYS A 87 10.54 -10.52 8.34
CA LYS A 87 9.92 -9.50 9.15
C LYS A 87 9.23 -8.43 8.29
N LEU A 88 9.88 -8.02 7.19
CA LEU A 88 9.29 -7.01 6.31
C LEU A 88 8.09 -7.56 5.54
N LYS A 89 8.12 -8.84 5.17
CA LYS A 89 7.04 -9.40 4.38
C LYS A 89 5.76 -9.47 5.20
N ARG A 90 5.86 -9.84 6.47
CA ARG A 90 4.68 -9.91 7.33
C ARG A 90 4.10 -8.52 7.57
N ALA A 91 5.00 -7.56 7.73
CA ALA A 91 4.62 -6.18 7.94
C ALA A 91 3.99 -5.60 6.68
N VAL A 92 4.65 -5.82 5.55
CA VAL A 92 4.17 -5.30 4.28
C VAL A 92 2.89 -6.00 3.85
N GLU A 93 2.72 -7.26 4.27
CA GLU A 93 1.49 -7.97 4.02
C GLU A 93 0.33 -7.33 4.76
N GLU A 94 0.61 -6.75 5.92
CA GLU A 94 -0.38 -5.91 6.59
C GLU A 94 -0.70 -4.70 5.74
N VAL A 95 0.30 -4.16 5.05
CA VAL A 95 0.07 -3.09 4.08
C VAL A 95 -0.76 -3.62 2.92
N LYS A 96 -0.53 -4.87 2.50
CA LYS A 96 -1.35 -5.52 1.47
C LYS A 96 -2.82 -5.51 1.87
N LYS A 97 -3.06 -5.55 3.17
CA LYS A 97 -4.40 -5.44 3.71
C LYS A 97 -4.87 -3.97 3.66
N LEU A 98 -3.90 -3.06 3.76
CA LEU A 98 -4.19 -1.64 3.83
C LEU A 98 -4.30 -0.97 2.45
N LEU A 99 -3.42 -1.34 1.51
CA LEU A 99 -3.44 -0.73 0.17
C LEU A 99 -4.69 -1.10 -0.64
N VAL A 100 -5.71 -1.60 0.03
CA VAL A 100 -7.00 -1.81 -0.60
C VAL A 100 -7.71 -0.46 -0.75
N PRO A 101 -8.32 -0.20 -1.94
CA PRO A 101 -9.03 1.07 -2.21
C PRO A 101 -10.31 1.23 -1.41
N ALA A 102 -10.57 0.26 -0.55
CA ALA A 102 -11.64 0.32 0.44
C ALA A 102 -13.02 0.12 -0.18
N ALA A 103 -13.06 -0.04 -1.50
CA ALA A 103 -14.31 -0.32 -2.18
C ALA A 103 -14.70 -1.78 -1.98
N GLU A 104 -15.30 -2.05 -0.83
CA GLU A 104 -15.67 -3.42 -0.43
C GLU A 104 -14.45 -4.32 -0.31
N GLY A 105 -13.89 -4.36 0.88
CA GLY A 105 -12.85 -5.32 1.21
C GLY A 105 -13.30 -6.14 2.38
N GLU A 106 -14.63 -6.28 2.48
CA GLU A 106 -15.35 -6.88 3.60
C GLU A 106 -15.00 -6.22 4.94
N ASP A 107 -15.83 -6.49 5.95
CA ASP A 107 -15.77 -5.82 7.25
C ASP A 107 -15.79 -4.29 7.08
N SER A 108 -16.32 -3.86 5.95
CA SER A 108 -16.55 -2.44 5.70
C SER A 108 -17.63 -1.95 6.65
N LEU A 109 -18.33 -2.91 7.24
CA LEU A 109 -19.42 -2.62 8.14
C LEU A 109 -18.90 -2.18 9.50
N LYS A 110 -18.02 -2.96 10.09
CA LYS A 110 -17.57 -2.69 11.46
C LYS A 110 -16.39 -1.72 11.53
N LYS A 111 -15.24 -2.15 11.02
CA LYS A 111 -14.01 -1.39 11.25
C LYS A 111 -13.90 -0.17 10.33
N MET A 112 -14.50 -0.25 9.15
CA MET A 112 -14.47 0.87 8.22
C MET A 112 -15.44 1.96 8.65
N LYS A 113 -16.54 1.58 9.28
CA LYS A 113 -17.49 2.56 9.77
C LYS A 113 -16.94 3.27 11.01
N LEU A 114 -16.17 2.58 11.82
CA LEU A 114 -15.67 3.16 13.04
C LEU A 114 -14.32 3.88 12.83
N MET A 115 -13.33 3.13 12.34
CA MET A 115 -11.98 3.66 12.23
C MET A 115 -11.75 4.35 10.89
N GLU A 116 -12.07 3.65 9.80
CA GLU A 116 -11.84 4.18 8.46
C GLU A 116 -12.70 5.39 8.15
N LEU A 117 -13.69 5.63 9.00
CA LEU A 117 -14.57 6.79 8.85
C LEU A 117 -13.77 8.08 9.07
N ALA A 118 -12.64 7.96 9.76
CA ALA A 118 -11.72 9.07 9.97
C ALA A 118 -12.33 10.13 10.86
N ILE A 119 -13.23 9.68 11.74
CA ILE A 119 -13.88 10.57 12.69
C ILE A 119 -12.88 11.15 13.67
N LEU A 120 -13.26 12.24 14.32
CA LEU A 120 -12.39 12.90 15.29
C LEU A 120 -12.34 12.11 16.58
N ASN A 121 -11.33 11.25 16.69
CA ASN A 121 -11.13 10.44 17.87
C ASN A 121 -10.21 11.14 18.86
N GLY A 122 -8.92 11.22 18.53
CA GLY A 122 -7.98 11.94 19.35
C GLY A 122 -6.74 12.32 18.58
N THR A 123 -6.83 12.25 17.24
CA THR A 123 -5.70 12.58 16.39
C THR A 123 -5.62 14.10 16.20
N TYR A 124 -6.72 14.69 15.78
CA TYR A 124 -6.78 16.13 15.56
C TYR A 124 -7.62 16.78 16.65
N ARG A 125 -7.03 17.75 17.34
CA ARG A 125 -7.71 18.48 18.38
C ARG A 125 -8.40 19.72 17.79
N ASP A 126 -7.83 20.21 16.71
CA ASP A 126 -8.26 21.44 16.09
C ASP A 126 -9.23 21.19 14.93
N ALA A 127 -9.10 20.04 14.28
CA ALA A 127 -10.02 19.65 13.20
C ALA A 127 -11.40 19.35 13.78
N ASN A 128 -11.50 19.45 15.09
CA ASN A 128 -12.78 19.36 15.78
C ASN A 128 -13.65 20.56 15.45
N LEU A 129 -12.99 21.71 15.26
CA LEU A 129 -13.68 22.95 14.98
C LEU A 129 -13.71 23.23 13.48
N LYS A 130 -12.55 23.14 12.84
CA LYS A 130 -12.44 23.45 11.42
C LYS A 130 -12.70 22.21 10.57
N SER A 131 -13.48 22.37 9.52
CA SER A 131 -13.78 21.27 8.61
C SER A 131 -12.78 21.25 7.47
N PRO A 132 -11.97 20.18 7.37
CA PRO A 132 -11.00 20.01 6.28
C PRO A 132 -11.71 19.86 4.94
N ALA A 133 -12.57 18.86 4.85
CA ALA A 133 -13.37 18.61 3.67
C ALA A 133 -14.65 17.88 4.05
N LEU A 134 -14.96 17.92 5.34
CA LEU A 134 -16.09 17.17 5.87
C LEU A 134 -17.20 18.13 6.31
N HIS A 135 -18.04 18.48 5.46
N GLN A 1 20.95 -4.46 -2.42
CA GLN A 1 19.86 -4.62 -1.43
C GLN A 1 18.68 -5.33 -2.09
N LEU A 2 17.68 -5.68 -1.30
CA LEU A 2 16.52 -6.35 -1.82
C LEU A 2 15.31 -5.43 -1.69
N GLN A 3 14.53 -5.35 -2.76
CA GLN A 3 13.33 -4.52 -2.74
C GLN A 3 12.16 -5.32 -3.30
N GLU A 4 11.04 -5.26 -2.62
CA GLU A 4 9.82 -5.85 -3.16
C GLU A 4 8.79 -4.77 -3.38
N LYS A 5 8.38 -4.60 -4.62
CA LYS A 5 7.46 -3.53 -4.93
C LYS A 5 6.07 -4.09 -5.13
N LEU A 6 5.18 -3.69 -4.27
CA LEU A 6 3.81 -4.14 -4.32
C LEU A 6 2.94 -3.05 -4.92
N TYR A 7 2.66 -3.19 -6.20
CA TYR A 7 1.98 -2.16 -6.99
C TYR A 7 0.51 -2.00 -6.62
N VAL A 8 0.08 -0.74 -6.59
CA VAL A 8 -1.32 -0.37 -6.50
C VAL A 8 -1.62 0.68 -7.55
N PRO A 9 -2.41 0.37 -8.56
CA PRO A 9 -2.60 1.27 -9.69
C PRO A 9 -3.42 2.49 -9.30
N VAL A 10 -2.71 3.55 -8.91
CA VAL A 10 -3.36 4.80 -8.51
C VAL A 10 -4.10 5.41 -9.69
N LYS A 11 -3.62 5.12 -10.88
CA LYS A 11 -4.27 5.56 -12.11
C LYS A 11 -5.56 4.78 -12.34
N GLU A 12 -5.69 3.65 -11.65
CA GLU A 12 -6.93 2.89 -11.64
C GLU A 12 -7.90 3.49 -10.64
N TYR A 13 -7.35 4.07 -9.58
CA TYR A 13 -8.14 4.66 -8.52
C TYR A 13 -7.77 6.11 -8.32
N PRO A 14 -8.27 7.00 -9.20
CA PRO A 14 -7.84 8.41 -9.23
C PRO A 14 -8.17 9.14 -7.94
N ASP A 15 -9.20 8.68 -7.23
CA ASP A 15 -9.61 9.33 -6.01
C ASP A 15 -9.00 8.66 -4.78
N PHE A 16 -8.43 7.48 -4.98
CA PHE A 16 -7.88 6.73 -3.87
C PHE A 16 -6.40 7.00 -3.74
N ASN A 17 -6.07 7.73 -2.69
CA ASN A 17 -4.71 8.06 -2.39
C ASN A 17 -4.07 6.95 -1.57
N PHE A 18 -3.30 6.09 -2.20
CA PHE A 18 -2.65 5.02 -1.47
C PHE A 18 -1.70 5.58 -0.42
N VAL A 19 -0.87 6.54 -0.81
CA VAL A 19 -0.06 7.31 0.14
C VAL A 19 -0.95 7.99 1.18
N GLY A 20 -1.98 8.68 0.71
CA GLY A 20 -2.90 9.32 1.62
C GLY A 20 -3.65 8.34 2.52
N ARG A 21 -3.55 7.06 2.17
CA ARG A 21 -4.20 6.02 2.93
C ARG A 21 -3.21 5.27 3.83
N ILE A 22 -1.98 5.09 3.35
CA ILE A 22 -0.96 4.39 4.14
C ILE A 22 -0.35 5.35 5.13
N LEU A 23 0.08 6.48 4.58
CA LEU A 23 0.83 7.49 5.31
C LEU A 23 -0.11 8.57 5.79
N GLY A 24 -1.20 8.72 5.04
CA GLY A 24 -2.13 9.80 5.25
C GLY A 24 -2.44 10.06 6.71
N PRO A 25 -3.31 9.24 7.33
CA PRO A 25 -3.57 9.31 8.76
C PRO A 25 -2.72 8.34 9.59
N ARG A 26 -2.27 7.26 8.96
CA ARG A 26 -1.63 6.17 9.68
C ARG A 26 -0.19 5.92 9.23
N GLY A 27 0.48 6.98 8.76
CA GLY A 27 1.85 6.86 8.24
C GLY A 27 2.82 6.22 9.22
N LEU A 28 2.48 6.27 10.50
CA LEU A 28 3.31 5.67 11.53
C LEU A 28 3.56 4.19 11.26
N THR A 29 2.61 3.55 10.56
CA THR A 29 2.74 2.13 10.27
C THR A 29 3.96 1.86 9.40
N ALA A 30 4.19 2.70 8.39
CA ALA A 30 5.35 2.54 7.53
C ALA A 30 6.61 2.80 8.30
N LYS A 31 6.54 3.76 9.21
CA LYS A 31 7.69 4.15 10.02
C LYS A 31 8.10 3.03 10.97
N GLN A 32 7.12 2.30 11.50
CA GLN A 32 7.41 1.23 12.44
C GLN A 32 8.08 0.07 11.71
N LEU A 33 7.64 -0.17 10.48
CA LEU A 33 8.15 -1.30 9.72
C LEU A 33 9.62 -1.11 9.43
N GLU A 34 10.01 0.08 9.01
CA GLU A 34 11.41 0.31 8.68
C GLU A 34 12.26 0.31 9.93
N ALA A 35 11.72 0.85 11.01
CA ALA A 35 12.41 0.92 12.27
C ALA A 35 12.70 -0.47 12.84
N GLU A 36 11.72 -1.37 12.75
CA GLU A 36 11.84 -2.69 13.34
C GLU A 36 12.37 -3.73 12.34
N THR A 37 11.74 -3.82 11.17
CA THR A 37 12.02 -4.92 10.25
C THR A 37 13.40 -4.79 9.62
N GLY A 38 13.90 -3.57 9.52
CA GLY A 38 15.16 -3.33 8.84
C GLY A 38 14.96 -3.03 7.38
N CYS A 39 13.71 -2.97 6.96
CA CYS A 39 13.39 -2.41 5.65
C CYS A 39 13.29 -0.92 5.79
N LYS A 40 13.11 -0.25 4.70
CA LYS A 40 12.56 1.06 4.73
C LYS A 40 11.47 1.07 3.69
N ILE A 41 10.25 0.82 4.13
CA ILE A 41 9.18 0.64 3.19
C ILE A 41 8.74 2.00 2.67
N MET A 42 9.12 2.26 1.43
CA MET A 42 8.91 3.53 0.82
C MET A 42 7.81 3.40 -0.21
N VAL A 43 6.88 4.32 -0.20
CA VAL A 43 5.84 4.30 -1.18
C VAL A 43 6.33 5.03 -2.41
N ARG A 44 6.48 4.29 -3.48
CA ARG A 44 7.00 4.84 -4.72
C ARG A 44 5.87 5.14 -5.67
N GLY A 45 6.18 5.78 -6.77
CA GLY A 45 5.16 6.21 -7.69
C GLY A 45 4.84 7.66 -7.50
N LYS A 46 3.78 8.11 -8.15
CA LYS A 46 3.39 9.51 -8.11
C LYS A 46 2.68 9.83 -6.80
N GLY A 47 3.33 10.61 -5.94
CA GLY A 47 2.67 11.07 -4.73
C GLY A 47 3.35 10.58 -3.48
N SER A 48 4.63 10.30 -3.58
CA SER A 48 5.41 9.85 -2.44
C SER A 48 5.67 11.01 -1.47
N MET A 49 6.34 12.05 -1.96
CA MET A 49 6.67 13.22 -1.18
C MET A 49 6.18 14.47 -1.89
N ARG A 50 5.01 14.36 -2.54
CA ARG A 50 4.40 15.42 -3.37
C ARG A 50 4.14 16.73 -2.62
N ASP A 51 4.89 16.98 -1.58
CA ASP A 51 4.80 18.21 -0.82
C ASP A 51 5.38 19.36 -1.62
N LYS A 52 4.75 20.53 -1.51
CA LYS A 52 5.23 21.73 -2.18
C LYS A 52 6.65 22.05 -1.75
N LYS A 53 6.91 21.85 -0.47
CA LYS A 53 8.23 22.08 0.08
C LYS A 53 9.25 21.14 -0.55
N LYS A 54 8.86 19.89 -0.76
CA LYS A 54 9.79 18.89 -1.29
C LYS A 54 10.19 19.24 -2.72
N GLU A 55 9.24 19.66 -3.54
CA GLU A 55 9.56 20.01 -4.91
C GLU A 55 10.42 21.27 -4.99
N GLU A 56 10.39 22.07 -3.93
CA GLU A 56 11.22 23.26 -3.86
C GLU A 56 12.65 22.93 -3.45
N GLN A 57 12.80 22.20 -2.36
CA GLN A 57 14.13 21.92 -1.83
C GLN A 57 14.56 20.49 -2.14
N ASN A 58 13.67 19.55 -1.82
CA ASN A 58 13.93 18.11 -1.94
C ASN A 58 13.81 17.65 -3.38
N ARG A 59 13.67 18.64 -4.27
CA ARG A 59 13.53 18.41 -5.71
C ARG A 59 14.66 17.56 -6.27
N GLY A 60 14.32 16.76 -7.27
CA GLY A 60 15.30 15.96 -7.96
C GLY A 60 15.72 14.70 -7.23
N LYS A 61 15.26 14.53 -6.00
CA LYS A 61 15.70 13.40 -5.19
C LYS A 61 14.59 12.33 -5.08
N PRO A 62 14.91 11.11 -4.55
CA PRO A 62 14.06 9.90 -4.56
C PRO A 62 12.54 10.06 -4.66
N ASN A 63 11.99 11.10 -4.08
CA ASN A 63 10.55 11.30 -4.10
C ASN A 63 10.08 11.53 -5.52
N TRP A 64 10.91 12.22 -6.28
CA TRP A 64 10.63 12.47 -7.67
C TRP A 64 11.26 11.39 -8.52
N GLU A 65 12.29 10.77 -7.94
CA GLU A 65 12.97 9.62 -8.57
C GLU A 65 11.96 8.56 -8.96
N HIS A 66 11.17 8.14 -7.99
CA HIS A 66 10.17 7.13 -8.22
C HIS A 66 8.80 7.74 -8.48
N LEU A 67 8.73 9.08 -8.47
CA LEU A 67 7.48 9.79 -8.79
C LEU A 67 7.02 9.46 -10.19
N ASN A 68 8.00 9.11 -11.02
CA ASN A 68 7.76 8.82 -12.42
C ASN A 68 7.41 7.34 -12.63
N GLU A 69 7.29 6.62 -11.52
CA GLU A 69 6.77 5.27 -11.55
C GLU A 69 5.28 5.32 -11.21
N ASP A 70 4.61 4.17 -11.22
CA ASP A 70 3.22 4.11 -10.79
C ASP A 70 3.20 3.86 -9.29
N LEU A 71 2.24 4.48 -8.60
CA LEU A 71 2.17 4.42 -7.14
C LEU A 71 2.20 2.98 -6.64
N HIS A 72 3.23 2.64 -5.90
CA HIS A 72 3.34 1.30 -5.34
C HIS A 72 4.03 1.34 -4.01
N VAL A 73 3.86 0.30 -3.22
CA VAL A 73 4.54 0.22 -1.93
C VAL A 73 5.78 -0.64 -2.09
N LEU A 74 6.86 -0.22 -1.49
CA LEU A 74 8.11 -0.92 -1.66
C LEU A 74 8.81 -1.12 -0.35
N ILE A 75 8.95 -2.37 0.03
CA ILE A 75 9.78 -2.71 1.16
C ILE A 75 11.21 -2.82 0.67
N THR A 76 12.02 -1.85 1.05
CA THR A 76 13.43 -1.86 0.69
C THR A 76 14.26 -2.32 1.86
N VAL A 77 14.84 -3.50 1.75
CA VAL A 77 15.58 -4.07 2.84
C VAL A 77 17.05 -4.27 2.46
N GLU A 78 17.92 -3.64 3.23
CA GLU A 78 19.33 -3.86 3.07
C GLU A 78 19.78 -5.00 3.98
N ASP A 79 19.82 -6.21 3.42
CA ASP A 79 20.25 -7.41 4.14
C ASP A 79 20.39 -8.54 3.13
N ALA A 80 20.63 -9.75 3.62
CA ALA A 80 20.73 -10.91 2.74
C ALA A 80 19.39 -11.20 2.10
N GLN A 81 18.44 -11.72 2.89
CA GLN A 81 17.09 -11.99 2.40
C GLN A 81 16.19 -12.55 3.50
N ASN A 82 16.33 -13.85 3.77
CA ASN A 82 15.34 -14.63 4.52
C ASN A 82 14.83 -13.96 5.80
N ARG A 83 15.72 -13.73 6.76
CA ARG A 83 15.31 -13.23 8.08
C ARG A 83 14.63 -11.86 7.96
N ALA A 84 15.31 -10.95 7.29
CA ALA A 84 14.86 -9.58 7.23
C ALA A 84 13.60 -9.46 6.41
N GLU A 85 13.61 -10.06 5.22
CA GLU A 85 12.48 -9.95 4.31
C GLU A 85 11.23 -10.46 4.98
N LEU A 86 11.37 -11.53 5.77
CA LEU A 86 10.23 -12.15 6.44
C LEU A 86 9.57 -11.15 7.37
N LYS A 87 10.38 -10.38 8.07
CA LYS A 87 9.85 -9.41 9.02
C LYS A 87 9.15 -8.25 8.30
N LEU A 88 9.78 -7.72 7.26
CA LEU A 88 9.17 -6.63 6.50
C LEU A 88 8.01 -7.10 5.63
N LYS A 89 8.08 -8.33 5.13
CA LYS A 89 7.03 -8.83 4.26
C LYS A 89 5.74 -9.08 5.03
N ARG A 90 5.84 -9.55 6.27
CA ARG A 90 4.65 -9.72 7.09
C ARG A 90 4.05 -8.36 7.42
N ALA A 91 4.92 -7.39 7.67
CA ALA A 91 4.50 -6.02 7.92
C ALA A 91 3.89 -5.40 6.67
N VAL A 92 4.55 -5.60 5.54
CA VAL A 92 4.09 -5.03 4.29
C VAL A 92 2.84 -5.74 3.79
N GLU A 93 2.69 -7.01 4.14
CA GLU A 93 1.47 -7.74 3.84
C GLU A 93 0.29 -7.18 4.64
N GLU A 94 0.57 -6.60 5.78
CA GLU A 94 -0.44 -5.86 6.50
C GLU A 94 -0.79 -4.59 5.72
N VAL A 95 0.22 -4.02 5.05
CA VAL A 95 -0.02 -2.95 4.09
C VAL A 95 -0.77 -3.47 2.89
N LYS A 96 -0.53 -4.72 2.53
CA LYS A 96 -1.24 -5.38 1.45
C LYS A 96 -2.75 -5.30 1.71
N LYS A 97 -3.12 -5.43 2.98
CA LYS A 97 -4.51 -5.26 3.37
C LYS A 97 -4.89 -3.79 3.49
N LEU A 98 -3.89 -2.92 3.69
CA LEU A 98 -4.15 -1.49 3.79
C LEU A 98 -4.39 -0.89 2.41
N LEU A 99 -3.53 -1.25 1.48
CA LEU A 99 -3.51 -0.72 0.13
C LEU A 99 -4.73 -1.11 -0.71
N VAL A 100 -5.75 -1.62 -0.07
CA VAL A 100 -6.98 -1.95 -0.76
C VAL A 100 -7.75 -0.66 -1.00
N PRO A 101 -7.95 -0.30 -2.27
CA PRO A 101 -8.60 0.95 -2.68
C PRO A 101 -10.10 0.98 -2.39
N ALA A 102 -10.54 0.06 -1.54
CA ALA A 102 -11.90 0.02 -1.06
C ALA A 102 -12.89 -0.28 -2.19
N ALA A 103 -14.18 -0.22 -1.86
CA ALA A 103 -15.25 -0.55 -2.80
C ALA A 103 -15.19 -2.00 -3.22
N GLU A 104 -16.07 -2.81 -2.63
CA GLU A 104 -16.14 -4.23 -2.91
C GLU A 104 -14.91 -4.95 -2.34
N GLY A 105 -15.02 -6.25 -2.20
CA GLY A 105 -13.95 -7.06 -1.69
C GLY A 105 -13.97 -8.44 -2.27
N GLU A 106 -13.81 -8.52 -3.59
CA GLU A 106 -13.88 -9.79 -4.29
C GLU A 106 -12.60 -10.60 -4.13
N ASP A 107 -12.59 -11.41 -3.09
CA ASP A 107 -11.51 -12.36 -2.87
C ASP A 107 -12.09 -13.62 -2.28
N SER A 108 -12.74 -13.46 -1.16
CA SER A 108 -13.36 -14.56 -0.48
C SER A 108 -14.72 -14.90 -1.09
N LEU A 109 -15.41 -13.87 -1.55
CA LEU A 109 -16.73 -14.02 -2.17
C LEU A 109 -16.65 -14.92 -3.40
N LYS A 110 -15.65 -14.69 -4.24
CA LYS A 110 -15.50 -15.43 -5.48
C LYS A 110 -14.70 -16.73 -5.27
N LYS A 111 -13.43 -16.59 -4.89
CA LYS A 111 -12.52 -17.74 -4.84
C LYS A 111 -12.91 -18.75 -3.76
N MET A 112 -13.31 -18.26 -2.60
CA MET A 112 -13.59 -19.15 -1.48
C MET A 112 -14.93 -19.86 -1.65
N LYS A 113 -15.80 -19.30 -2.48
CA LYS A 113 -17.07 -19.96 -2.78
C LYS A 113 -16.84 -21.16 -3.69
N LEU A 114 -15.89 -21.05 -4.60
CA LEU A 114 -15.67 -22.10 -5.57
C LEU A 114 -14.56 -23.06 -5.14
N MET A 115 -13.35 -22.55 -5.07
CA MET A 115 -12.18 -23.39 -4.84
C MET A 115 -11.98 -23.70 -3.36
N GLU A 116 -11.98 -22.66 -2.55
CA GLU A 116 -11.68 -22.79 -1.12
C GLU A 116 -12.83 -23.49 -0.38
N LEU A 117 -13.96 -23.62 -1.07
CA LEU A 117 -15.14 -24.27 -0.52
C LEU A 117 -14.90 -25.77 -0.33
N ALA A 118 -13.91 -26.29 -1.06
CA ALA A 118 -13.56 -27.70 -1.01
C ALA A 118 -14.69 -28.54 -1.61
N ILE A 119 -15.19 -28.07 -2.74
CA ILE A 119 -16.25 -28.74 -3.50
C ILE A 119 -15.97 -30.24 -3.64
N LEU A 120 -14.99 -30.58 -4.46
CA LEU A 120 -14.54 -31.95 -4.58
C LEU A 120 -13.57 -32.27 -3.45
N ASN A 121 -14.14 -32.63 -2.31
CA ASN A 121 -13.36 -32.97 -1.13
C ASN A 121 -13.01 -34.45 -1.12
N GLY A 122 -13.83 -35.27 -1.75
CA GLY A 122 -13.60 -36.70 -1.77
C GLY A 122 -14.82 -37.48 -1.32
N THR A 123 -15.39 -37.06 -0.20
CA THR A 123 -16.60 -37.68 0.33
C THR A 123 -17.71 -37.64 -0.70
N TYR A 124 -17.90 -36.46 -1.28
CA TYR A 124 -18.90 -36.27 -2.32
C TYR A 124 -18.22 -36.24 -3.68
N ARG A 125 -17.99 -37.42 -4.25
CA ARG A 125 -17.42 -37.51 -5.58
C ARG A 125 -18.49 -37.19 -6.61
N ASP A 126 -19.74 -37.36 -6.17
CA ASP A 126 -20.92 -36.97 -6.94
C ASP A 126 -20.82 -35.52 -7.39
N ALA A 127 -20.14 -34.71 -6.58
CA ALA A 127 -19.97 -33.29 -6.83
C ALA A 127 -19.11 -33.02 -8.08
N ASN A 128 -18.41 -34.05 -8.54
CA ASN A 128 -17.60 -33.93 -9.75
C ASN A 128 -18.49 -33.62 -10.94
N LEU A 129 -19.63 -34.31 -10.98
CA LEU A 129 -20.63 -34.05 -12.00
C LEU A 129 -21.58 -32.97 -11.53
N LYS A 130 -22.03 -33.08 -10.28
CA LYS A 130 -22.97 -32.14 -9.70
C LYS A 130 -24.24 -32.08 -10.55
N SER A 131 -24.38 -31.00 -11.30
CA SER A 131 -25.47 -30.84 -12.25
C SER A 131 -25.14 -29.69 -13.20
N PRO A 132 -24.54 -30.01 -14.36
CA PRO A 132 -24.13 -29.00 -15.34
C PRO A 132 -25.32 -28.32 -15.99
N ALA A 133 -26.40 -29.08 -16.13
CA ALA A 133 -27.62 -28.60 -16.77
C ALA A 133 -28.72 -29.64 -16.63
N LEU A 134 -28.29 -30.89 -16.62
CA LEU A 134 -29.18 -32.01 -16.45
C LEU A 134 -28.81 -32.77 -15.18
N HIS A 135 -29.71 -33.32 -14.52
N GLN A 1 21.19 -4.11 -1.83
CA GLN A 1 19.90 -4.11 -1.11
C GLN A 1 18.88 -4.90 -1.92
N LEU A 2 17.84 -5.35 -1.26
CA LEU A 2 16.78 -6.07 -1.92
C LEU A 2 15.49 -5.25 -1.82
N GLN A 3 14.79 -5.13 -2.94
CA GLN A 3 13.56 -4.36 -2.96
C GLN A 3 12.43 -5.21 -3.52
N GLU A 4 11.28 -5.18 -2.86
CA GLU A 4 10.08 -5.79 -3.41
C GLU A 4 9.01 -4.74 -3.53
N LYS A 5 8.47 -4.58 -4.73
CA LYS A 5 7.51 -3.52 -4.97
C LYS A 5 6.13 -4.11 -5.13
N LEU A 6 5.26 -3.72 -4.23
CA LEU A 6 3.89 -4.20 -4.26
C LEU A 6 3.00 -3.08 -4.79
N TYR A 7 2.69 -3.17 -6.07
CA TYR A 7 2.03 -2.08 -6.77
C TYR A 7 0.57 -1.95 -6.37
N VAL A 8 0.15 -0.70 -6.27
CA VAL A 8 -1.25 -0.38 -6.21
C VAL A 8 -1.56 0.58 -7.33
N PRO A 9 -2.32 0.15 -8.32
CA PRO A 9 -2.51 0.94 -9.52
C PRO A 9 -3.36 2.16 -9.23
N VAL A 10 -2.69 3.25 -8.92
CA VAL A 10 -3.36 4.51 -8.63
C VAL A 10 -4.00 5.04 -9.91
N LYS A 11 -3.50 4.51 -11.02
CA LYS A 11 -4.05 4.81 -12.34
C LYS A 11 -5.40 4.12 -12.47
N GLU A 12 -5.55 3.03 -11.74
CA GLU A 12 -6.78 2.27 -11.68
C GLU A 12 -7.78 2.92 -10.74
N TYR A 13 -7.27 3.52 -9.67
CA TYR A 13 -8.11 4.12 -8.66
C TYR A 13 -7.76 5.59 -8.47
N PRO A 14 -8.25 6.47 -9.37
CA PRO A 14 -8.01 7.91 -9.26
C PRO A 14 -8.73 8.50 -8.07
N ASP A 15 -9.77 7.80 -7.62
CA ASP A 15 -10.59 8.24 -6.50
C ASP A 15 -10.04 7.75 -5.18
N PHE A 16 -9.05 6.86 -5.24
CA PHE A 16 -8.47 6.29 -4.03
C PHE A 16 -6.99 6.61 -3.97
N ASN A 17 -6.61 7.52 -3.08
CA ASN A 17 -5.22 7.87 -2.90
C ASN A 17 -4.53 6.91 -1.95
N PHE A 18 -3.82 5.94 -2.52
CA PHE A 18 -3.11 4.96 -1.70
C PHE A 18 -2.13 5.62 -0.75
N VAL A 19 -1.58 6.77 -1.13
CA VAL A 19 -0.75 7.54 -0.23
C VAL A 19 -1.59 8.13 0.90
N GLY A 20 -2.69 8.79 0.55
CA GLY A 20 -3.60 9.32 1.54
C GLY A 20 -4.19 8.24 2.42
N ARG A 21 -4.11 7.00 1.94
CA ARG A 21 -4.56 5.84 2.70
C ARG A 21 -3.42 5.27 3.54
N ILE A 22 -2.25 5.13 2.94
CA ILE A 22 -1.15 4.45 3.60
C ILE A 22 -0.40 5.35 4.57
N LEU A 23 0.08 6.49 4.09
CA LEU A 23 0.81 7.39 4.96
C LEU A 23 -0.05 8.57 5.40
N GLY A 24 -1.17 8.78 4.70
CA GLY A 24 -2.05 9.90 4.99
C GLY A 24 -2.34 10.08 6.46
N PRO A 25 -3.18 9.22 7.06
CA PRO A 25 -3.44 9.24 8.49
C PRO A 25 -2.56 8.27 9.27
N ARG A 26 -2.12 7.20 8.64
CA ARG A 26 -1.42 6.13 9.35
C ARG A 26 0.01 5.92 8.83
N GLY A 27 0.66 6.99 8.39
CA GLY A 27 2.04 6.89 7.94
C GLY A 27 2.97 6.26 8.97
N LEU A 28 2.51 6.25 10.22
CA LEU A 28 3.24 5.65 11.32
C LEU A 28 3.61 4.20 11.01
N THR A 29 2.73 3.50 10.28
CA THR A 29 2.97 2.09 9.98
C THR A 29 4.27 1.94 9.18
N ALA A 30 4.49 2.80 8.20
CA ALA A 30 5.69 2.74 7.36
C ALA A 30 6.93 3.00 8.21
N LYS A 31 6.78 3.93 9.14
CA LYS A 31 7.86 4.30 10.04
C LYS A 31 8.25 3.10 10.92
N GLN A 32 7.24 2.38 11.39
CA GLN A 32 7.48 1.26 12.29
C GLN A 32 8.11 0.10 11.55
N LEU A 33 7.76 -0.07 10.28
CA LEU A 33 8.26 -1.18 9.51
C LEU A 33 9.76 -1.05 9.30
N GLU A 34 10.23 0.14 8.98
CA GLU A 34 11.67 0.32 8.77
C GLU A 34 12.41 0.20 10.09
N ALA A 35 11.78 0.68 11.15
CA ALA A 35 12.34 0.61 12.47
C ALA A 35 12.43 -0.85 12.96
N GLU A 36 11.38 -1.62 12.69
CA GLU A 36 11.28 -2.97 13.22
C GLU A 36 11.85 -4.02 12.27
N THR A 37 11.41 -4.00 11.02
CA THR A 37 11.71 -5.11 10.11
C THR A 37 13.11 -4.97 9.51
N GLY A 38 13.61 -3.75 9.47
CA GLY A 38 14.88 -3.49 8.81
C GLY A 38 14.69 -3.13 7.36
N CYS A 39 13.46 -3.18 6.89
CA CYS A 39 13.14 -2.67 5.58
C CYS A 39 12.66 -1.26 5.71
N LYS A 40 13.33 -0.33 5.09
CA LYS A 40 12.77 0.97 4.99
C LYS A 40 11.76 0.91 3.86
N ILE A 41 10.51 0.67 4.22
CA ILE A 41 9.49 0.56 3.21
C ILE A 41 9.12 1.94 2.73
N MET A 42 9.46 2.20 1.49
CA MET A 42 9.28 3.50 0.92
C MET A 42 8.17 3.43 -0.09
N VAL A 43 7.28 4.38 -0.02
CA VAL A 43 6.24 4.46 -1.00
C VAL A 43 6.83 5.09 -2.25
N ARG A 44 6.69 4.42 -3.37
CA ARG A 44 7.20 4.92 -4.62
C ARG A 44 6.06 5.19 -5.57
N GLY A 45 6.33 5.94 -6.61
CA GLY A 45 5.27 6.33 -7.50
C GLY A 45 4.86 7.77 -7.30
N LYS A 46 3.75 8.15 -7.92
CA LYS A 46 3.30 9.53 -7.92
C LYS A 46 2.62 9.90 -6.61
N GLY A 47 3.29 10.71 -5.80
CA GLY A 47 2.62 11.30 -4.67
C GLY A 47 3.06 10.77 -3.33
N SER A 48 4.18 10.06 -3.31
CA SER A 48 4.60 9.40 -2.09
C SER A 48 5.08 10.38 -1.01
N MET A 49 6.16 11.10 -1.27
CA MET A 49 6.61 12.17 -0.38
C MET A 49 6.84 13.46 -1.16
N ARG A 50 6.10 13.64 -2.25
CA ARG A 50 6.30 14.78 -3.16
C ARG A 50 5.77 16.09 -2.58
N ASP A 51 5.79 16.22 -1.27
CA ASP A 51 5.26 17.39 -0.56
C ASP A 51 5.81 18.69 -1.16
N LYS A 52 5.00 19.74 -1.14
CA LYS A 52 5.35 21.01 -1.78
C LYS A 52 6.69 21.54 -1.30
N LYS A 53 6.99 21.36 -0.02
CA LYS A 53 8.26 21.84 0.51
C LYS A 53 9.40 21.06 -0.14
N LYS A 54 9.13 19.79 -0.40
CA LYS A 54 10.13 18.91 -0.94
C LYS A 54 10.38 19.20 -2.41
N GLU A 55 9.37 19.66 -3.13
CA GLU A 55 9.59 20.01 -4.53
C GLU A 55 10.35 21.32 -4.65
N GLU A 56 10.31 22.13 -3.62
CA GLU A 56 11.03 23.40 -3.63
C GLU A 56 12.49 23.21 -3.21
N GLN A 57 12.70 22.60 -2.05
CA GLN A 57 14.05 22.50 -1.50
C GLN A 57 14.62 21.08 -1.62
N ASN A 58 13.79 20.07 -1.49
CA ASN A 58 14.25 18.69 -1.45
C ASN A 58 14.18 18.07 -2.85
N ARG A 59 13.87 18.92 -3.82
CA ARG A 59 13.65 18.52 -5.20
C ARG A 59 14.83 17.74 -5.78
N GLY A 60 14.52 16.85 -6.70
CA GLY A 60 15.54 16.02 -7.33
C GLY A 60 15.86 14.77 -6.55
N LYS A 61 15.31 14.67 -5.35
CA LYS A 61 15.56 13.54 -4.46
C LYS A 61 14.56 12.41 -4.68
N PRO A 62 14.84 11.20 -4.12
CA PRO A 62 14.03 9.97 -4.24
C PRO A 62 12.53 10.15 -4.48
N ASN A 63 11.95 11.20 -3.95
CA ASN A 63 10.52 11.44 -4.12
C ASN A 63 10.22 11.70 -5.56
N TRP A 64 11.12 12.40 -6.21
CA TRP A 64 11.02 12.69 -7.62
C TRP A 64 11.72 11.61 -8.41
N GLU A 65 12.62 10.88 -7.75
CA GLU A 65 13.26 9.71 -8.32
C GLU A 65 12.20 8.71 -8.77
N HIS A 66 11.35 8.33 -7.82
CA HIS A 66 10.35 7.31 -8.06
C HIS A 66 8.99 7.91 -8.39
N LEU A 67 8.91 9.24 -8.44
CA LEU A 67 7.66 9.94 -8.83
C LEU A 67 7.25 9.53 -10.24
N ASN A 68 8.21 8.98 -10.97
CA ASN A 68 8.03 8.65 -12.37
C ASN A 68 7.45 7.26 -12.52
N GLU A 69 7.25 6.60 -11.39
CA GLU A 69 6.62 5.29 -11.37
C GLU A 69 5.15 5.42 -11.00
N ASP A 70 4.39 4.35 -11.13
CA ASP A 70 3.02 4.35 -10.66
C ASP A 70 3.01 4.00 -9.18
N LEU A 71 2.11 4.62 -8.42
CA LEU A 71 2.13 4.55 -6.97
C LEU A 71 2.18 3.10 -6.47
N HIS A 72 3.24 2.76 -5.78
CA HIS A 72 3.38 1.44 -5.20
C HIS A 72 4.15 1.49 -3.89
N VAL A 73 4.03 0.46 -3.09
CA VAL A 73 4.77 0.37 -1.86
C VAL A 73 5.96 -0.54 -2.07
N LEU A 74 7.08 -0.20 -1.47
CA LEU A 74 8.29 -0.94 -1.71
C LEU A 74 9.00 -1.21 -0.41
N ILE A 75 9.15 -2.47 -0.08
CA ILE A 75 9.95 -2.84 1.06
C ILE A 75 11.41 -2.90 0.63
N THR A 76 12.17 -1.93 1.07
CA THR A 76 13.59 -1.84 0.76
C THR A 76 14.39 -2.31 1.95
N VAL A 77 15.01 -3.45 1.81
CA VAL A 77 15.69 -4.07 2.92
C VAL A 77 17.18 -4.20 2.66
N GLU A 78 17.97 -3.72 3.61
CA GLU A 78 19.41 -3.91 3.56
C GLU A 78 19.77 -5.12 4.41
N ASP A 79 19.84 -6.28 3.78
CA ASP A 79 20.14 -7.53 4.48
C ASP A 79 20.44 -8.61 3.46
N ALA A 80 20.79 -9.80 3.93
CA ALA A 80 20.99 -10.94 3.06
C ALA A 80 19.67 -11.31 2.38
N GLN A 81 18.72 -11.82 3.18
CA GLN A 81 17.42 -12.22 2.65
C GLN A 81 16.51 -12.79 3.75
N ASN A 82 16.82 -14.00 4.19
CA ASN A 82 15.86 -14.87 4.92
C ASN A 82 15.10 -14.19 6.05
N ARG A 83 15.80 -13.77 7.09
CA ARG A 83 15.15 -13.29 8.30
C ARG A 83 14.54 -11.93 8.08
N ALA A 84 15.28 -11.08 7.41
CA ALA A 84 14.84 -9.73 7.18
C ALA A 84 13.57 -9.70 6.35
N GLU A 85 13.65 -10.19 5.11
CA GLU A 85 12.55 -10.06 4.18
C GLU A 85 11.28 -10.71 4.71
N LEU A 86 11.45 -11.79 5.46
CA LEU A 86 10.31 -12.47 6.06
C LEU A 86 9.58 -11.52 7.03
N LYS A 87 10.36 -10.75 7.77
CA LYS A 87 9.81 -9.83 8.75
C LYS A 87 9.11 -8.65 8.07
N LEU A 88 9.75 -8.07 7.06
CA LEU A 88 9.17 -6.95 6.33
C LEU A 88 8.00 -7.37 5.45
N LYS A 89 8.04 -8.59 4.92
CA LYS A 89 6.95 -9.06 4.07
C LYS A 89 5.66 -9.22 4.87
N ARG A 90 5.76 -9.65 6.12
CA ARG A 90 4.57 -9.77 6.95
C ARG A 90 4.07 -8.37 7.33
N ALA A 91 5.01 -7.45 7.54
CA ALA A 91 4.67 -6.06 7.85
C ALA A 91 4.04 -5.38 6.64
N VAL A 92 4.65 -5.58 5.49
CA VAL A 92 4.15 -4.99 4.27
C VAL A 92 2.82 -5.63 3.88
N GLU A 93 2.63 -6.87 4.28
CA GLU A 93 1.35 -7.55 4.11
C GLU A 93 0.27 -6.86 4.95
N GLU A 94 0.67 -6.28 6.07
CA GLU A 94 -0.22 -5.44 6.85
C GLU A 94 -0.59 -4.20 6.03
N VAL A 95 0.38 -3.67 5.31
CA VAL A 95 0.12 -2.59 4.37
C VAL A 95 -0.79 -3.11 3.26
N LYS A 96 -0.60 -4.37 2.87
CA LYS A 96 -1.50 -5.03 1.91
C LYS A 96 -2.95 -4.98 2.40
N LYS A 97 -3.14 -4.97 3.72
CA LYS A 97 -4.45 -4.83 4.31
C LYS A 97 -4.93 -3.40 4.15
N LEU A 98 -3.99 -2.47 4.13
CA LEU A 98 -4.30 -1.05 3.99
C LEU A 98 -4.40 -0.57 2.54
N LEU A 99 -3.53 -1.04 1.64
CA LEU A 99 -3.47 -0.49 0.27
C LEU A 99 -4.64 -0.98 -0.59
N VAL A 100 -5.76 -1.28 0.05
CA VAL A 100 -6.93 -1.77 -0.65
C VAL A 100 -7.94 -0.65 -0.84
N PRO A 101 -8.49 -0.50 -2.07
CA PRO A 101 -9.50 0.54 -2.39
C PRO A 101 -10.80 0.33 -1.63
N ALA A 102 -10.87 -0.79 -0.93
CA ALA A 102 -11.98 -1.10 -0.04
C ALA A 102 -13.26 -1.39 -0.81
N ALA A 103 -14.37 -1.39 -0.11
CA ALA A 103 -15.67 -1.69 -0.68
C ALA A 103 -16.77 -1.10 0.18
N GLU A 104 -18.02 -1.39 -0.17
CA GLU A 104 -19.15 -0.84 0.57
C GLU A 104 -19.58 -1.78 1.70
N GLY A 105 -19.03 -2.98 1.70
CA GLY A 105 -19.28 -3.90 2.79
C GLY A 105 -20.07 -5.11 2.34
N GLU A 106 -21.30 -4.88 1.92
CA GLU A 106 -22.14 -5.96 1.44
C GLU A 106 -22.51 -5.76 -0.02
N ASP A 107 -21.66 -6.27 -0.88
CA ASP A 107 -21.86 -6.23 -2.32
C ASP A 107 -21.68 -7.64 -2.88
N SER A 108 -20.90 -7.78 -3.93
CA SER A 108 -20.58 -9.09 -4.48
C SER A 108 -19.96 -9.96 -3.41
N LEU A 109 -19.33 -9.33 -2.43
CA LEU A 109 -18.78 -10.01 -1.27
C LEU A 109 -19.83 -10.87 -0.59
N LYS A 110 -21.04 -10.32 -0.47
CA LYS A 110 -22.13 -11.01 0.21
C LYS A 110 -22.85 -11.93 -0.74
N LYS A 111 -23.04 -11.46 -1.97
CA LYS A 111 -23.75 -12.23 -2.99
C LYS A 111 -22.99 -13.51 -3.35
N MET A 112 -21.71 -13.35 -3.67
CA MET A 112 -20.92 -14.45 -4.21
C MET A 112 -20.50 -15.45 -3.15
N LYS A 113 -20.35 -15.01 -1.91
CA LYS A 113 -19.94 -15.93 -0.86
C LYS A 113 -21.11 -16.84 -0.47
N LEU A 114 -22.32 -16.33 -0.46
CA LEU A 114 -23.43 -17.13 -0.01
C LEU A 114 -24.16 -17.81 -1.18
N MET A 115 -24.79 -17.03 -2.03
CA MET A 115 -25.69 -17.58 -3.03
C MET A 115 -24.95 -17.93 -4.33
N GLU A 116 -24.13 -17.01 -4.82
CA GLU A 116 -23.36 -17.26 -6.03
C GLU A 116 -22.42 -18.45 -5.83
N LEU A 117 -22.10 -18.70 -4.57
CA LEU A 117 -21.20 -19.78 -4.18
C LEU A 117 -21.89 -21.12 -4.39
N ALA A 118 -23.10 -21.22 -3.86
CA ALA A 118 -23.86 -22.44 -3.94
C ALA A 118 -25.33 -22.14 -3.77
N ILE A 119 -26.00 -21.95 -4.90
CA ILE A 119 -27.43 -21.70 -4.89
C ILE A 119 -28.14 -22.99 -4.52
N LEU A 120 -27.70 -24.07 -5.15
CA LEU A 120 -28.09 -25.41 -4.76
C LEU A 120 -26.92 -26.09 -4.07
N ASN A 121 -27.15 -27.27 -3.51
CA ASN A 121 -26.09 -28.01 -2.82
C ASN A 121 -24.91 -28.31 -3.74
N GLY A 122 -23.71 -28.18 -3.21
CA GLY A 122 -22.51 -28.43 -3.99
C GLY A 122 -22.14 -29.89 -4.00
N THR A 123 -23.06 -30.72 -4.43
CA THR A 123 -22.85 -32.15 -4.51
C THR A 123 -23.33 -32.68 -5.85
N TYR A 124 -24.59 -32.41 -6.15
CA TYR A 124 -25.17 -32.77 -7.44
C TYR A 124 -26.05 -31.64 -7.95
N ARG A 125 -25.82 -31.24 -9.20
CA ARG A 125 -26.70 -30.26 -9.85
C ARG A 125 -28.08 -30.88 -10.08
N ASP A 126 -28.12 -32.21 -10.14
CA ASP A 126 -29.37 -32.94 -10.29
C ASP A 126 -30.16 -32.90 -8.99
N ALA A 127 -29.47 -32.63 -7.90
CA ALA A 127 -30.10 -32.49 -6.60
C ALA A 127 -30.71 -31.11 -6.44
N ASN A 128 -31.03 -30.52 -7.58
CA ASN A 128 -31.66 -29.23 -7.63
C ASN A 128 -33.08 -29.33 -7.08
N LEU A 129 -33.61 -30.54 -7.08
CA LEU A 129 -34.91 -30.81 -6.49
C LEU A 129 -34.73 -31.71 -5.27
N LYS A 130 -34.85 -31.12 -4.09
CA LYS A 130 -34.73 -31.87 -2.85
C LYS A 130 -35.83 -31.46 -1.87
N SER A 131 -36.52 -32.45 -1.32
CA SER A 131 -37.64 -32.20 -0.44
C SER A 131 -37.15 -31.89 0.98
N PRO A 132 -37.37 -30.66 1.46
CA PRO A 132 -36.95 -30.26 2.81
C PRO A 132 -37.71 -31.02 3.90
N ALA A 133 -38.96 -31.37 3.62
CA ALA A 133 -39.79 -32.06 4.60
C ALA A 133 -39.57 -33.56 4.56
N LEU A 134 -38.82 -34.04 3.58
CA LEU A 134 -38.57 -35.45 3.45
C LEU A 134 -37.09 -35.75 3.64
N HIS A 135 -36.59 -35.58 4.77
N GLN A 1 21.02 -4.13 -2.07
CA GLN A 1 19.82 -4.26 -1.22
C GLN A 1 18.75 -5.05 -1.95
N LEU A 2 17.71 -5.43 -1.24
CA LEU A 2 16.61 -6.13 -1.84
C LEU A 2 15.37 -5.26 -1.78
N GLN A 3 14.65 -5.18 -2.88
CA GLN A 3 13.43 -4.38 -2.94
C GLN A 3 12.27 -5.22 -3.44
N GLU A 4 11.14 -5.11 -2.78
CA GLU A 4 9.92 -5.72 -3.27
C GLU A 4 8.91 -4.64 -3.55
N LYS A 5 8.32 -4.67 -4.73
CA LYS A 5 7.41 -3.62 -5.13
C LYS A 5 6.03 -4.18 -5.25
N LEU A 6 5.15 -3.71 -4.42
CA LEU A 6 3.79 -4.17 -4.43
C LEU A 6 2.91 -3.10 -5.04
N TYR A 7 2.66 -3.26 -6.33
CA TYR A 7 1.95 -2.26 -7.10
C TYR A 7 0.53 -2.07 -6.61
N VAL A 8 0.11 -0.82 -6.59
CA VAL A 8 -1.26 -0.50 -6.30
C VAL A 8 -1.63 0.72 -7.13
N PRO A 9 -2.47 0.52 -8.14
CA PRO A 9 -2.63 1.50 -9.21
C PRO A 9 -3.45 2.70 -8.79
N VAL A 10 -2.76 3.75 -8.37
CA VAL A 10 -3.40 4.99 -7.98
C VAL A 10 -4.02 5.65 -9.20
N LYS A 11 -3.51 5.28 -10.36
CA LYS A 11 -4.06 5.73 -11.63
C LYS A 11 -5.43 5.08 -11.86
N GLU A 12 -5.62 3.91 -11.28
CA GLU A 12 -6.88 3.19 -11.35
C GLU A 12 -7.88 3.77 -10.35
N TYR A 13 -7.37 4.22 -9.22
CA TYR A 13 -8.21 4.74 -8.16
C TYR A 13 -7.86 6.19 -7.85
N PRO A 14 -8.39 7.13 -8.63
CA PRO A 14 -8.13 8.56 -8.42
C PRO A 14 -8.76 9.07 -7.13
N ASP A 15 -9.78 8.36 -6.66
CA ASP A 15 -10.51 8.75 -5.46
C ASP A 15 -9.94 8.07 -4.23
N PHE A 16 -8.97 7.19 -4.43
CA PHE A 16 -8.33 6.51 -3.32
C PHE A 16 -6.84 6.83 -3.31
N ASN A 17 -6.43 7.65 -2.38
CA ASN A 17 -5.03 8.01 -2.26
C ASN A 17 -4.28 6.96 -1.47
N PHE A 18 -3.50 6.15 -2.15
CA PHE A 18 -2.73 5.14 -1.45
C PHE A 18 -1.64 5.79 -0.59
N VAL A 19 -1.17 6.96 -1.01
CA VAL A 19 -0.28 7.75 -0.16
C VAL A 19 -1.06 8.35 1.00
N GLY A 20 -2.16 9.01 0.69
CA GLY A 20 -3.01 9.55 1.72
C GLY A 20 -3.59 8.48 2.62
N ARG A 21 -3.48 7.23 2.21
CA ARG A 21 -3.94 6.12 3.02
C ARG A 21 -2.78 5.39 3.70
N ILE A 22 -1.65 5.22 3.00
CA ILE A 22 -0.50 4.49 3.57
C ILE A 22 0.11 5.30 4.69
N LEU A 23 0.46 6.53 4.35
CA LEU A 23 1.15 7.40 5.28
C LEU A 23 0.21 8.46 5.81
N GLY A 24 -0.92 8.62 5.11
CA GLY A 24 -1.84 9.70 5.40
C GLY A 24 -2.15 9.85 6.88
N PRO A 25 -3.13 9.09 7.39
CA PRO A 25 -3.40 9.01 8.80
C PRO A 25 -2.68 7.83 9.46
N ARG A 26 -2.18 6.92 8.63
CA ARG A 26 -1.61 5.67 9.13
C ARG A 26 -0.09 5.62 8.93
N GLY A 27 0.53 6.78 8.70
CA GLY A 27 1.97 6.84 8.45
C GLY A 27 2.79 6.11 9.50
N LEU A 28 2.23 6.00 10.70
CA LEU A 28 2.88 5.29 11.80
C LEU A 28 3.33 3.90 11.36
N THR A 29 2.49 3.21 10.57
CA THR A 29 2.80 1.85 10.16
C THR A 29 4.09 1.79 9.36
N ALA A 30 4.28 2.74 8.45
CA ALA A 30 5.47 2.74 7.59
C ALA A 30 6.71 2.89 8.44
N LYS A 31 6.62 3.76 9.44
CA LYS A 31 7.72 4.03 10.34
C LYS A 31 8.02 2.85 11.25
N GLN A 32 6.98 2.14 11.65
CA GLN A 32 7.16 1.00 12.53
C GLN A 32 7.85 -0.13 11.76
N LEU A 33 7.56 -0.23 10.48
CA LEU A 33 8.13 -1.31 9.68
C LEU A 33 9.62 -1.09 9.50
N GLU A 34 10.03 0.13 9.20
CA GLU A 34 11.45 0.41 8.99
C GLU A 34 12.20 0.31 10.31
N ALA A 35 11.55 0.77 11.38
CA ALA A 35 12.14 0.72 12.70
C ALA A 35 12.32 -0.72 13.20
N GLU A 36 11.30 -1.55 13.00
CA GLU A 36 11.34 -2.92 13.51
C GLU A 36 11.99 -3.87 12.52
N THR A 37 11.51 -3.87 11.29
CA THR A 37 11.92 -4.89 10.33
C THR A 37 13.31 -4.60 9.78
N GLY A 38 13.72 -3.34 9.88
CA GLY A 38 14.97 -2.91 9.29
C GLY A 38 14.82 -2.65 7.82
N CYS A 39 13.57 -2.69 7.37
CA CYS A 39 13.26 -2.36 6.00
C CYS A 39 12.56 -1.03 5.92
N LYS A 40 13.18 -0.11 5.23
CA LYS A 40 12.58 1.16 4.99
C LYS A 40 11.60 1.01 3.85
N ILE A 41 10.34 0.80 4.19
CA ILE A 41 9.33 0.64 3.17
C ILE A 41 8.92 2.01 2.65
N MET A 42 9.36 2.29 1.45
CA MET A 42 9.11 3.56 0.84
C MET A 42 8.15 3.40 -0.30
N VAL A 43 7.18 4.26 -0.37
CA VAL A 43 6.29 4.27 -1.50
C VAL A 43 7.04 4.82 -2.71
N ARG A 44 6.93 4.12 -3.82
CA ARG A 44 7.57 4.53 -5.04
C ARG A 44 6.51 4.66 -6.11
N GLY A 45 6.58 5.70 -6.89
CA GLY A 45 5.48 6.05 -7.75
C GLY A 45 4.93 7.40 -7.40
N LYS A 46 3.76 7.68 -7.92
CA LYS A 46 3.13 8.98 -7.78
C LYS A 46 2.80 9.35 -6.33
N GLY A 47 3.57 10.25 -5.74
CA GLY A 47 3.07 10.93 -4.55
C GLY A 47 3.78 10.56 -3.27
N SER A 48 4.95 9.99 -3.37
CA SER A 48 5.67 9.53 -2.20
C SER A 48 6.10 10.71 -1.31
N MET A 49 6.89 11.60 -1.91
CA MET A 49 7.44 12.76 -1.22
C MET A 49 7.05 14.02 -1.97
N ARG A 50 5.83 13.98 -2.52
CA ARG A 50 5.28 15.00 -3.43
C ARG A 50 5.13 16.39 -2.76
N ASP A 51 5.92 16.65 -1.74
CA ASP A 51 5.94 17.95 -1.10
C ASP A 51 6.45 19.01 -2.07
N LYS A 52 5.79 20.14 -2.13
CA LYS A 52 6.18 21.20 -3.06
C LYS A 52 7.51 21.80 -2.66
N LYS A 53 7.74 21.85 -1.35
CA LYS A 53 9.03 22.31 -0.85
C LYS A 53 10.11 21.34 -1.30
N LYS A 54 9.74 20.08 -1.43
CA LYS A 54 10.65 19.04 -1.87
C LYS A 54 10.99 19.22 -3.35
N GLU A 55 10.04 19.75 -4.09
CA GLU A 55 10.23 20.00 -5.51
C GLU A 55 11.18 21.18 -5.71
N GLU A 56 11.28 22.02 -4.70
CA GLU A 56 12.17 23.17 -4.76
C GLU A 56 13.60 22.79 -4.38
N GLN A 57 13.77 22.18 -3.22
CA GLN A 57 15.11 21.94 -2.67
C GLN A 57 15.56 20.48 -2.81
N ASN A 58 14.63 19.54 -2.75
CA ASN A 58 14.97 18.12 -2.83
C ASN A 58 14.66 17.58 -4.23
N ARG A 59 14.37 18.52 -5.12
CA ARG A 59 14.08 18.21 -6.50
C ARG A 59 15.16 17.34 -7.14
N GLY A 60 14.73 16.41 -7.97
CA GLY A 60 15.63 15.49 -8.64
C GLY A 60 16.00 14.28 -7.78
N LYS A 61 15.57 14.27 -6.52
CA LYS A 61 15.90 13.18 -5.61
C LYS A 61 14.89 12.03 -5.71
N PRO A 62 15.22 10.85 -5.12
CA PRO A 62 14.39 9.62 -5.12
C PRO A 62 12.88 9.81 -5.23
N ASN A 63 12.37 10.90 -4.69
CA ASN A 63 10.93 11.17 -4.71
C ASN A 63 10.49 11.40 -6.14
N TRP A 64 11.32 12.11 -6.86
CA TRP A 64 11.07 12.43 -8.24
C TRP A 64 11.70 11.36 -9.11
N GLU A 65 12.63 10.62 -8.52
CA GLU A 65 13.20 9.42 -9.14
C GLU A 65 12.07 8.48 -9.55
N HIS A 66 11.28 8.11 -8.57
CA HIS A 66 10.23 7.11 -8.76
C HIS A 66 8.87 7.75 -9.02
N LEU A 67 8.82 9.09 -9.07
CA LEU A 67 7.58 9.80 -9.35
C LEU A 67 7.10 9.49 -10.77
N ASN A 68 7.99 8.91 -11.55
CA ASN A 68 7.73 8.64 -12.95
C ASN A 68 7.05 7.29 -13.10
N GLU A 69 6.95 6.58 -12.00
CA GLU A 69 6.32 5.27 -11.96
C GLU A 69 4.90 5.41 -11.40
N ASP A 70 4.09 4.38 -11.60
CA ASP A 70 2.76 4.35 -10.98
C ASP A 70 2.90 3.98 -9.53
N LEU A 71 2.07 4.60 -8.70
CA LEU A 71 2.19 4.47 -7.25
C LEU A 71 2.20 3.01 -6.80
N HIS A 72 3.23 2.65 -6.08
CA HIS A 72 3.31 1.35 -5.48
C HIS A 72 4.06 1.43 -4.15
N VAL A 73 3.96 0.38 -3.37
CA VAL A 73 4.65 0.33 -2.10
C VAL A 73 5.87 -0.57 -2.23
N LEU A 74 6.98 -0.17 -1.66
CA LEU A 74 8.20 -0.92 -1.81
C LEU A 74 8.90 -1.08 -0.50
N ILE A 75 9.06 -2.32 -0.12
CA ILE A 75 9.88 -2.64 1.01
C ILE A 75 11.34 -2.72 0.56
N THR A 76 12.12 -1.73 0.97
CA THR A 76 13.54 -1.69 0.66
C THR A 76 14.32 -2.18 1.87
N VAL A 77 14.87 -3.37 1.76
CA VAL A 77 15.58 -3.98 2.86
C VAL A 77 17.03 -4.24 2.47
N GLU A 78 17.94 -3.73 3.29
CA GLU A 78 19.35 -3.98 3.09
C GLU A 78 19.79 -5.17 3.94
N ASP A 79 19.76 -6.36 3.34
CA ASP A 79 20.11 -7.61 4.00
C ASP A 79 20.23 -8.70 2.95
N ALA A 80 20.75 -9.86 3.33
CA ALA A 80 20.80 -11.00 2.44
C ALA A 80 19.41 -11.36 1.95
N GLN A 81 18.50 -11.67 2.89
CA GLN A 81 17.11 -12.00 2.56
C GLN A 81 16.33 -12.51 3.77
N ASN A 82 16.57 -13.78 4.11
CA ASN A 82 15.64 -14.60 4.91
C ASN A 82 15.06 -13.90 6.14
N ARG A 83 15.91 -13.52 7.09
CA ARG A 83 15.41 -13.03 8.37
C ARG A 83 14.74 -11.67 8.22
N ALA A 84 15.43 -10.76 7.55
CA ALA A 84 14.93 -9.41 7.40
C ALA A 84 13.67 -9.40 6.58
N GLU A 85 13.74 -9.97 5.37
CA GLU A 85 12.62 -9.89 4.44
C GLU A 85 11.38 -10.47 5.06
N LEU A 86 11.57 -11.50 5.87
CA LEU A 86 10.46 -12.17 6.54
C LEU A 86 9.71 -11.18 7.42
N LYS A 87 10.45 -10.33 8.10
CA LYS A 87 9.84 -9.38 9.02
C LYS A 87 9.09 -8.28 8.25
N LEU A 88 9.73 -7.73 7.22
CA LEU A 88 9.10 -6.67 6.42
C LEU A 88 7.97 -7.18 5.55
N LYS A 89 8.10 -8.41 5.05
CA LYS A 89 7.08 -8.96 4.16
C LYS A 89 5.79 -9.23 4.91
N ARG A 90 5.89 -9.66 6.16
CA ARG A 90 4.70 -9.88 6.97
C ARG A 90 4.06 -8.55 7.32
N ALA A 91 4.90 -7.54 7.57
CA ALA A 91 4.42 -6.20 7.85
C ALA A 91 3.79 -5.57 6.61
N VAL A 92 4.48 -5.71 5.49
CA VAL A 92 4.01 -5.18 4.22
C VAL A 92 2.76 -5.93 3.75
N GLU A 93 2.62 -7.18 4.16
CA GLU A 93 1.41 -7.93 3.89
C GLU A 93 0.21 -7.33 4.62
N GLU A 94 0.45 -6.80 5.81
CA GLU A 94 -0.56 -6.00 6.50
C GLU A 94 -0.88 -4.77 5.65
N VAL A 95 0.12 -4.26 4.95
CA VAL A 95 -0.07 -3.18 4.00
C VAL A 95 -0.85 -3.67 2.78
N LYS A 96 -0.63 -4.92 2.38
CA LYS A 96 -1.42 -5.52 1.31
C LYS A 96 -2.91 -5.43 1.63
N LYS A 97 -3.22 -5.50 2.93
CA LYS A 97 -4.58 -5.31 3.40
C LYS A 97 -4.95 -3.82 3.38
N LEU A 98 -3.97 -2.98 3.73
CA LEU A 98 -4.21 -1.54 3.83
C LEU A 98 -4.38 -0.90 2.46
N LEU A 99 -3.52 -1.28 1.52
CA LEU A 99 -3.52 -0.69 0.18
C LEU A 99 -4.77 -1.04 -0.62
N VAL A 100 -5.71 -1.74 0.01
CA VAL A 100 -6.96 -2.05 -0.64
C VAL A 100 -7.86 -0.81 -0.60
N PRO A 101 -8.36 -0.39 -1.77
CA PRO A 101 -9.19 0.82 -1.90
C PRO A 101 -10.55 0.69 -1.20
N ALA A 102 -10.75 -0.46 -0.56
CA ALA A 102 -11.89 -0.67 0.33
C ALA A 102 -13.21 -0.67 -0.42
N ALA A 103 -13.15 -1.06 -1.69
CA ALA A 103 -14.33 -1.13 -2.54
C ALA A 103 -15.00 0.22 -2.69
N GLU A 104 -14.20 1.27 -2.77
CA GLU A 104 -14.73 2.59 -3.05
C GLU A 104 -13.91 3.27 -4.13
N GLY A 105 -14.54 4.19 -4.84
CA GLY A 105 -13.92 4.83 -5.98
C GLY A 105 -14.89 4.85 -7.13
N GLU A 106 -15.70 3.79 -7.19
CA GLU A 106 -16.79 3.69 -8.12
C GLU A 106 -18.11 3.79 -7.37
N ASP A 107 -19.02 4.58 -7.90
CA ASP A 107 -20.35 4.79 -7.32
C ASP A 107 -21.07 3.47 -7.08
N SER A 108 -20.89 2.54 -8.00
CA SER A 108 -21.59 1.28 -7.96
C SER A 108 -21.06 0.37 -6.85
N LEU A 109 -19.83 0.61 -6.45
CA LEU A 109 -19.18 -0.20 -5.44
C LEU A 109 -19.84 -0.01 -4.08
N LYS A 110 -20.12 1.25 -3.73
CA LYS A 110 -20.69 1.56 -2.43
C LYS A 110 -22.21 1.43 -2.45
N LYS A 111 -22.85 2.19 -3.32
CA LYS A 111 -24.31 2.29 -3.31
C LYS A 111 -24.98 0.97 -3.70
N MET A 112 -24.51 0.34 -4.76
CA MET A 112 -25.18 -0.83 -5.32
C MET A 112 -24.99 -2.06 -4.45
N LYS A 113 -23.90 -2.12 -3.71
CA LYS A 113 -23.69 -3.24 -2.80
C LYS A 113 -24.61 -3.16 -1.58
N LEU A 114 -24.83 -1.96 -1.07
CA LEU A 114 -25.61 -1.82 0.13
C LEU A 114 -27.08 -1.52 -0.16
N MET A 115 -27.34 -0.35 -0.75
CA MET A 115 -28.70 0.14 -0.92
C MET A 115 -29.35 -0.41 -2.18
N GLU A 116 -28.63 -0.34 -3.29
CA GLU A 116 -29.18 -0.77 -4.58
C GLU A 116 -29.29 -2.28 -4.65
N LEU A 117 -28.65 -2.96 -3.71
CA LEU A 117 -28.70 -4.42 -3.66
C LEU A 117 -30.09 -4.87 -3.23
N ALA A 118 -30.50 -4.42 -2.05
CA ALA A 118 -31.77 -4.76 -1.46
C ALA A 118 -31.92 -4.06 -0.12
N ILE A 119 -32.74 -3.02 -0.08
CA ILE A 119 -32.93 -2.28 1.14
C ILE A 119 -33.91 -3.02 2.04
N LEU A 120 -35.09 -3.28 1.50
CA LEU A 120 -36.10 -4.04 2.22
C LEU A 120 -35.87 -5.53 1.98
N ASN A 121 -34.74 -6.01 2.48
CA ASN A 121 -34.31 -7.39 2.24
C ASN A 121 -34.78 -8.32 3.35
N GLY A 122 -35.54 -7.77 4.29
CA GLY A 122 -36.01 -8.57 5.41
C GLY A 122 -35.54 -8.01 6.73
N THR A 123 -34.41 -7.31 6.72
CA THR A 123 -33.91 -6.65 7.92
C THR A 123 -34.92 -5.62 8.42
N TYR A 124 -35.45 -4.83 7.49
CA TYR A 124 -36.48 -3.87 7.83
C TYR A 124 -37.76 -4.19 7.08
N ARG A 125 -38.63 -4.96 7.70
CA ARG A 125 -39.90 -5.33 7.08
C ARG A 125 -40.97 -4.31 7.42
N ASP A 126 -40.68 -3.47 8.40
CA ASP A 126 -41.59 -2.43 8.82
C ASP A 126 -41.29 -1.14 8.07
N ALA A 127 -40.04 -0.97 7.65
CA ALA A 127 -39.65 0.18 6.83
C ALA A 127 -40.27 0.09 5.44
N ASN A 128 -40.85 -1.08 5.16
CA ASN A 128 -41.61 -1.31 3.96
C ASN A 128 -42.78 -0.32 3.89
N LEU A 129 -43.29 0.05 5.05
CA LEU A 129 -44.38 1.01 5.13
C LEU A 129 -43.86 2.34 5.64
N LYS A 130 -44.01 3.39 4.83
CA LYS A 130 -43.62 4.71 5.23
C LYS A 130 -44.69 5.32 6.14
N SER A 131 -44.56 6.61 6.45
CA SER A 131 -45.51 7.30 7.31
C SER A 131 -46.96 7.06 6.90
N PRO A 132 -47.74 6.36 7.75
CA PRO A 132 -49.16 6.15 7.53
C PRO A 132 -49.95 7.42 7.81
N ALA A 133 -49.50 8.14 8.84
CA ALA A 133 -50.12 9.40 9.21
C ALA A 133 -49.08 10.34 9.82
N LEU A 134 -48.32 11.00 8.95
CA LEU A 134 -47.31 11.98 9.35
C LEU A 134 -46.19 11.34 10.16
N HIS A 135 -45.18 10.91 9.55
N GLN A 1 21.11 -4.71 -1.64
CA GLN A 1 19.77 -4.68 -0.99
C GLN A 1 18.78 -5.47 -1.83
N LEU A 2 17.57 -5.61 -1.33
CA LEU A 2 16.51 -6.22 -2.11
C LEU A 2 15.25 -5.37 -1.97
N GLN A 3 14.48 -5.26 -3.04
CA GLN A 3 13.27 -4.47 -3.03
C GLN A 3 12.11 -5.29 -3.56
N GLU A 4 10.99 -5.23 -2.86
CA GLU A 4 9.77 -5.84 -3.37
C GLU A 4 8.72 -4.77 -3.54
N LYS A 5 8.15 -4.68 -4.72
CA LYS A 5 7.22 -3.62 -5.02
C LYS A 5 5.83 -4.18 -5.22
N LEU A 6 4.94 -3.78 -4.37
CA LEU A 6 3.57 -4.22 -4.44
C LEU A 6 2.75 -3.11 -5.09
N TYR A 7 2.49 -3.27 -6.38
CA TYR A 7 1.89 -2.22 -7.19
C TYR A 7 0.41 -2.03 -6.90
N VAL A 8 0.02 -0.77 -6.85
CA VAL A 8 -1.37 -0.39 -6.84
C VAL A 8 -1.60 0.70 -7.88
N PRO A 9 -2.32 0.39 -8.94
CA PRO A 9 -2.51 1.33 -10.03
C PRO A 9 -3.35 2.52 -9.60
N VAL A 10 -2.69 3.59 -9.20
CA VAL A 10 -3.36 4.82 -8.80
C VAL A 10 -4.12 5.39 -9.99
N LYS A 11 -3.69 4.96 -11.18
CA LYS A 11 -4.36 5.30 -12.43
C LYS A 11 -5.77 4.71 -12.43
N GLU A 12 -5.88 3.54 -11.80
CA GLU A 12 -7.13 2.80 -11.71
C GLU A 12 -8.01 3.37 -10.62
N TYR A 13 -7.38 3.86 -9.56
CA TYR A 13 -8.10 4.39 -8.42
C TYR A 13 -7.72 5.85 -8.19
N PRO A 14 -8.24 6.78 -9.00
CA PRO A 14 -7.91 8.20 -8.89
C PRO A 14 -8.47 8.80 -7.61
N ASP A 15 -9.50 8.17 -7.07
CA ASP A 15 -10.17 8.69 -5.88
C ASP A 15 -9.58 8.02 -4.63
N PHE A 16 -8.83 6.94 -4.81
CA PHE A 16 -8.19 6.31 -3.68
C PHE A 16 -6.71 6.66 -3.67
N ASN A 17 -6.35 7.51 -2.73
CA ASN A 17 -4.95 7.86 -2.56
C ASN A 17 -4.26 6.81 -1.71
N PHE A 18 -3.59 5.87 -2.35
CA PHE A 18 -2.88 4.84 -1.62
C PHE A 18 -1.85 5.44 -0.68
N VAL A 19 -1.16 6.48 -1.10
CA VAL A 19 -0.27 7.20 -0.20
C VAL A 19 -1.05 7.88 0.91
N GLY A 20 -2.13 8.57 0.55
CA GLY A 20 -3.00 9.19 1.54
C GLY A 20 -3.65 8.17 2.45
N ARG A 21 -3.55 6.91 2.07
CA ARG A 21 -4.10 5.82 2.85
C ARG A 21 -3.00 5.15 3.68
N ILE A 22 -1.88 4.88 3.04
CA ILE A 22 -0.82 4.07 3.65
C ILE A 22 -0.03 4.89 4.66
N LEU A 23 0.49 6.02 4.21
CA LEU A 23 1.23 6.89 5.10
C LEU A 23 0.40 8.11 5.50
N GLY A 24 -0.72 8.32 4.81
CA GLY A 24 -1.57 9.47 5.07
C GLY A 24 -1.89 9.69 6.54
N PRO A 25 -2.93 9.02 7.07
CA PRO A 25 -3.26 9.09 8.49
C PRO A 25 -2.60 7.96 9.28
N ARG A 26 -2.11 6.95 8.57
CA ARG A 26 -1.58 5.76 9.20
C ARG A 26 -0.10 5.56 8.87
N GLY A 27 0.59 6.64 8.51
CA GLY A 27 2.02 6.57 8.21
C GLY A 27 2.83 5.94 9.32
N LEU A 28 2.24 5.89 10.51
CA LEU A 28 2.86 5.25 11.67
C LEU A 28 3.41 3.87 11.30
N THR A 29 2.63 3.10 10.54
CA THR A 29 3.04 1.73 10.20
C THR A 29 4.34 1.72 9.39
N ALA A 30 4.45 2.62 8.41
CA ALA A 30 5.61 2.64 7.54
C ALA A 30 6.88 2.89 8.35
N LYS A 31 6.77 3.79 9.30
CA LYS A 31 7.87 4.14 10.16
C LYS A 31 8.21 2.98 11.09
N GLN A 32 7.20 2.27 11.56
CA GLN A 32 7.41 1.16 12.47
C GLN A 32 8.07 0.00 11.73
N LEU A 33 7.78 -0.14 10.45
CA LEU A 33 8.32 -1.25 9.69
C LEU A 33 9.81 -1.05 9.49
N GLU A 34 10.25 0.15 9.15
CA GLU A 34 11.67 0.38 8.95
C GLU A 34 12.41 0.26 10.28
N ALA A 35 11.79 0.79 11.33
CA ALA A 35 12.39 0.74 12.66
C ALA A 35 12.48 -0.68 13.18
N GLU A 36 11.42 -1.45 12.98
CA GLU A 36 11.34 -2.81 13.51
C GLU A 36 11.99 -3.84 12.59
N THR A 37 11.63 -3.83 11.32
CA THR A 37 12.07 -4.88 10.42
C THR A 37 13.47 -4.60 9.89
N GLY A 38 13.91 -3.34 10.01
CA GLY A 38 15.17 -2.94 9.43
C GLY A 38 15.03 -2.67 7.94
N CYS A 39 13.81 -2.80 7.47
CA CYS A 39 13.49 -2.57 6.08
C CYS A 39 12.67 -1.31 5.95
N LYS A 40 13.22 -0.34 5.24
CA LYS A 40 12.55 0.91 5.08
C LYS A 40 11.59 0.79 3.91
N ILE A 41 10.35 0.51 4.23
CA ILE A 41 9.35 0.38 3.21
C ILE A 41 8.90 1.75 2.74
N MET A 42 9.33 2.08 1.55
CA MET A 42 9.11 3.38 1.00
C MET A 42 8.08 3.28 -0.10
N VAL A 43 7.13 4.18 -0.07
CA VAL A 43 6.13 4.17 -1.09
C VAL A 43 6.69 4.87 -2.32
N ARG A 44 6.62 4.20 -3.45
CA ARG A 44 7.16 4.72 -4.70
C ARG A 44 5.98 5.09 -5.60
N GLY A 45 6.22 5.85 -6.63
CA GLY A 45 5.15 6.34 -7.45
C GLY A 45 4.91 7.80 -7.16
N LYS A 46 3.83 8.34 -7.67
CA LYS A 46 3.54 9.73 -7.47
C LYS A 46 2.82 9.95 -6.15
N GLY A 47 3.45 10.73 -5.26
CA GLY A 47 2.75 11.11 -4.05
C GLY A 47 3.43 10.63 -2.78
N SER A 48 4.67 10.19 -2.89
CA SER A 48 5.40 9.72 -1.72
C SER A 48 5.79 10.89 -0.80
N MET A 49 6.60 11.79 -1.33
CA MET A 49 7.06 12.97 -0.60
C MET A 49 6.74 14.22 -1.41
N ARG A 50 5.64 14.16 -2.15
CA ARG A 50 5.27 15.15 -3.19
C ARG A 50 5.02 16.57 -2.67
N ASP A 51 5.62 16.94 -1.57
CA ASP A 51 5.44 18.27 -1.03
C ASP A 51 6.32 19.26 -1.80
N LYS A 52 5.77 20.41 -2.14
CA LYS A 52 6.43 21.37 -3.01
C LYS A 52 7.82 21.77 -2.50
N LYS A 53 7.93 21.92 -1.18
CA LYS A 53 9.19 22.32 -0.58
C LYS A 53 10.27 21.28 -0.87
N LYS A 54 9.86 20.02 -0.97
CA LYS A 54 10.80 18.94 -1.16
C LYS A 54 11.24 18.89 -2.60
N GLU A 55 10.32 19.20 -3.49
CA GLU A 55 10.63 19.30 -4.92
C GLU A 55 11.68 20.36 -5.14
N GLU A 56 11.73 21.33 -4.24
CA GLU A 56 12.71 22.39 -4.31
C GLU A 56 14.02 22.03 -3.60
N GLN A 57 13.93 21.41 -2.42
CA GLN A 57 15.13 21.14 -1.62
C GLN A 57 15.68 19.72 -1.87
N ASN A 58 14.79 18.73 -1.92
CA ASN A 58 15.18 17.34 -2.10
C ASN A 58 14.93 16.92 -3.54
N ARG A 59 14.83 17.92 -4.40
CA ARG A 59 14.70 17.72 -5.84
C ARG A 59 15.66 16.65 -6.38
N GLY A 60 15.15 15.86 -7.30
CA GLY A 60 15.96 14.85 -7.96
C GLY A 60 16.17 13.59 -7.13
N LYS A 61 15.73 13.61 -5.88
CA LYS A 61 15.96 12.49 -4.97
C LYS A 61 14.85 11.44 -5.10
N PRO A 62 15.07 10.22 -4.56
CA PRO A 62 14.15 9.07 -4.59
C PRO A 62 12.65 9.38 -4.69
N ASN A 63 12.22 10.45 -4.07
CA ASN A 63 10.80 10.79 -4.05
C ASN A 63 10.35 11.15 -5.45
N TRP A 64 11.24 11.80 -6.17
CA TRP A 64 11.00 12.19 -7.54
C TRP A 64 11.51 11.12 -8.45
N GLU A 65 12.45 10.33 -7.95
CA GLU A 65 12.96 9.17 -8.66
C GLU A 65 11.82 8.30 -9.13
N HIS A 66 10.96 7.96 -8.20
CA HIS A 66 9.82 7.11 -8.48
C HIS A 66 8.55 7.93 -8.70
N LEU A 67 8.68 9.25 -8.63
CA LEU A 67 7.55 10.15 -8.91
C LEU A 67 7.10 9.96 -10.34
N ASN A 68 8.05 9.59 -11.17
CA ASN A 68 7.81 9.37 -12.60
C ASN A 68 7.37 7.92 -12.84
N GLU A 69 7.27 7.17 -11.75
CA GLU A 69 6.77 5.81 -11.78
C GLU A 69 5.32 5.78 -11.32
N ASP A 70 4.74 4.58 -11.23
CA ASP A 70 3.37 4.43 -10.79
C ASP A 70 3.33 4.08 -9.30
N LEU A 71 2.34 4.65 -8.61
CA LEU A 71 2.20 4.50 -7.17
C LEU A 71 2.22 3.02 -6.73
N HIS A 72 3.24 2.64 -6.00
CA HIS A 72 3.31 1.30 -5.45
C HIS A 72 4.03 1.32 -4.11
N VAL A 73 3.79 0.33 -3.27
CA VAL A 73 4.47 0.26 -1.99
C VAL A 73 5.66 -0.67 -2.12
N LEU A 74 6.83 -0.17 -1.75
CA LEU A 74 8.05 -0.92 -1.96
C LEU A 74 8.80 -1.09 -0.65
N ILE A 75 8.94 -2.34 -0.27
CA ILE A 75 9.72 -2.69 0.89
C ILE A 75 11.19 -2.78 0.48
N THR A 76 11.96 -1.83 0.97
CA THR A 76 13.37 -1.76 0.64
C THR A 76 14.17 -2.27 1.83
N VAL A 77 14.85 -3.37 1.63
CA VAL A 77 15.60 -3.98 2.70
C VAL A 77 17.09 -4.00 2.39
N GLU A 78 17.84 -3.28 3.19
CA GLU A 78 19.28 -3.24 3.07
C GLU A 78 19.88 -4.16 4.12
N ASP A 79 20.13 -5.38 3.69
CA ASP A 79 20.61 -6.45 4.56
C ASP A 79 20.92 -7.65 3.68
N ALA A 80 21.23 -8.80 4.28
CA ALA A 80 21.39 -10.02 3.52
C ALA A 80 20.09 -10.33 2.78
N GLN A 81 19.09 -10.83 3.52
CA GLN A 81 17.72 -10.96 3.01
C GLN A 81 16.80 -11.75 3.96
N ASN A 82 17.25 -12.92 4.41
CA ASN A 82 16.36 -13.96 4.92
C ASN A 82 15.44 -13.48 6.06
N ARG A 83 16.03 -13.08 7.19
CA ARG A 83 15.22 -12.72 8.35
C ARG A 83 14.53 -11.38 8.13
N ALA A 84 15.22 -10.48 7.46
CA ALA A 84 14.71 -9.15 7.22
C ALA A 84 13.50 -9.18 6.30
N GLU A 85 13.61 -9.92 5.19
CA GLU A 85 12.51 -10.03 4.23
C GLU A 85 11.32 -10.74 4.87
N LEU A 86 11.60 -11.66 5.77
CA LEU A 86 10.55 -12.33 6.53
C LEU A 86 9.77 -11.31 7.36
N LYS A 87 10.50 -10.45 8.05
CA LYS A 87 9.90 -9.47 8.92
C LYS A 87 9.18 -8.38 8.11
N LEU A 88 9.78 -7.95 6.99
CA LEU A 88 9.17 -6.93 6.17
C LEU A 88 7.92 -7.45 5.45
N LYS A 89 7.92 -8.73 5.08
CA LYS A 89 6.80 -9.27 4.32
C LYS A 89 5.56 -9.31 5.18
N ARG A 90 5.69 -9.69 6.45
CA ARG A 90 4.52 -9.72 7.33
C ARG A 90 4.02 -8.30 7.59
N ALA A 91 4.97 -7.39 7.76
CA ALA A 91 4.64 -5.99 7.99
C ALA A 91 4.00 -5.37 6.75
N VAL A 92 4.60 -5.65 5.60
CA VAL A 92 4.11 -5.13 4.34
C VAL A 92 2.78 -5.78 3.96
N GLU A 93 2.57 -7.01 4.42
CA GLU A 93 1.31 -7.68 4.26
C GLU A 93 0.20 -6.93 4.97
N GLU A 94 0.53 -6.33 6.11
CA GLU A 94 -0.40 -5.47 6.81
C GLU A 94 -0.72 -4.27 5.94
N VAL A 95 0.31 -3.74 5.27
CA VAL A 95 0.14 -2.66 4.31
C VAL A 95 -0.67 -3.13 3.11
N LYS A 96 -0.50 -4.39 2.71
CA LYS A 96 -1.28 -4.95 1.61
C LYS A 96 -2.76 -4.79 1.86
N LYS A 97 -3.17 -4.91 3.12
CA LYS A 97 -4.57 -4.77 3.46
C LYS A 97 -4.97 -3.31 3.53
N LEU A 98 -4.08 -2.46 4.04
CA LEU A 98 -4.27 -1.02 4.01
C LEU A 98 -4.32 -0.55 2.56
N LEU A 99 -3.69 -1.31 1.70
CA LEU A 99 -3.61 -0.98 0.30
C LEU A 99 -4.97 -0.93 -0.34
N VAL A 100 -5.72 -1.99 -0.15
CA VAL A 100 -6.94 -2.19 -0.90
C VAL A 100 -7.89 -1.00 -0.74
N PRO A 101 -8.42 -0.50 -1.88
CA PRO A 101 -9.29 0.69 -1.92
C PRO A 101 -10.44 0.63 -0.92
N ALA A 102 -10.87 -0.60 -0.60
CA ALA A 102 -11.82 -0.87 0.48
C ALA A 102 -13.25 -0.53 0.11
N ALA A 103 -13.40 0.52 -0.67
CA ALA A 103 -14.71 0.97 -1.12
C ALA A 103 -15.16 0.22 -2.36
N GLU A 104 -14.46 -0.89 -2.66
CA GLU A 104 -14.73 -1.73 -3.83
C GLU A 104 -14.33 -1.02 -5.12
N GLY A 105 -14.93 0.12 -5.36
CA GLY A 105 -14.61 0.90 -6.54
C GLY A 105 -15.72 0.85 -7.57
N GLU A 106 -15.72 -0.20 -8.38
CA GLU A 106 -16.64 -0.34 -9.51
C GLU A 106 -18.08 -0.04 -9.13
N ASP A 107 -18.56 1.13 -9.55
CA ASP A 107 -19.95 1.59 -9.29
C ASP A 107 -20.19 1.92 -7.82
N SER A 108 -19.45 1.25 -6.95
CA SER A 108 -19.55 1.48 -5.52
C SER A 108 -19.11 2.91 -5.20
N LEU A 109 -18.17 3.43 -5.99
CA LEU A 109 -17.72 4.82 -5.84
C LEU A 109 -18.91 5.78 -5.97
N LYS A 110 -19.84 5.43 -6.83
CA LYS A 110 -21.02 6.26 -7.06
C LYS A 110 -22.03 6.07 -5.94
N LYS A 111 -22.35 4.81 -5.68
CA LYS A 111 -23.37 4.46 -4.68
C LYS A 111 -22.94 4.89 -3.28
N MET A 112 -21.67 4.67 -2.97
CA MET A 112 -21.14 4.98 -1.65
C MET A 112 -21.01 6.48 -1.41
N LYS A 113 -20.93 7.26 -2.48
CA LYS A 113 -20.93 8.71 -2.32
C LYS A 113 -22.31 9.22 -1.95
N LEU A 114 -23.34 8.58 -2.48
CA LEU A 114 -24.69 9.06 -2.29
C LEU A 114 -25.29 8.59 -0.97
N MET A 115 -25.50 7.28 -0.85
CA MET A 115 -26.14 6.73 0.34
C MET A 115 -25.12 6.19 1.35
N GLU A 116 -24.21 5.34 0.86
CA GLU A 116 -23.27 4.61 1.72
C GLU A 116 -22.32 5.54 2.47
N LEU A 117 -22.32 6.81 2.08
CA LEU A 117 -21.41 7.81 2.66
C LEU A 117 -21.63 7.91 4.17
N ALA A 118 -22.88 7.70 4.58
CA ALA A 118 -23.24 7.63 6.00
C ALA A 118 -22.97 8.96 6.69
N ILE A 119 -23.60 9.99 6.16
CA ILE A 119 -23.44 11.34 6.68
C ILE A 119 -24.06 11.46 8.07
N LEU A 120 -23.64 12.48 8.81
CA LEU A 120 -24.10 12.66 10.18
C LEU A 120 -25.53 13.19 10.20
N ASN A 121 -26.47 12.28 10.25
CA ASN A 121 -27.89 12.64 10.22
C ASN A 121 -28.57 12.23 11.52
N GLY A 122 -27.77 11.84 12.52
CA GLY A 122 -28.31 11.44 13.80
C GLY A 122 -28.41 9.94 13.94
N THR A 123 -28.89 9.28 12.89
CA THR A 123 -29.02 7.83 12.87
C THR A 123 -27.67 7.16 13.07
N TYR A 124 -26.70 7.55 12.25
CA TYR A 124 -25.34 7.08 12.39
C TYR A 124 -24.44 8.20 12.86
N ARG A 125 -24.39 8.38 14.16
CA ARG A 125 -23.55 9.40 14.78
C ARG A 125 -22.17 8.80 15.07
N ASP A 126 -22.07 7.50 14.88
CA ASP A 126 -20.80 6.79 15.02
C ASP A 126 -19.76 7.33 14.06
N ALA A 127 -20.22 7.76 12.89
CA ALA A 127 -19.33 8.26 11.84
C ALA A 127 -18.83 9.66 12.15
N ASN A 128 -19.17 10.16 13.33
CA ASN A 128 -18.69 11.46 13.79
C ASN A 128 -17.19 11.38 14.06
N LEU A 129 -16.76 10.24 14.59
CA LEU A 129 -15.36 10.04 14.93
C LEU A 129 -14.64 9.26 13.84
N LYS A 130 -13.39 9.60 13.60
CA LYS A 130 -12.57 8.91 12.63
C LYS A 130 -11.39 8.25 13.33
N SER A 131 -10.53 7.57 12.57
CA SER A 131 -9.37 6.90 13.15
C SER A 131 -8.43 7.87 13.89
N PRO A 132 -8.11 9.07 13.34
CA PRO A 132 -7.29 10.06 14.05
C PRO A 132 -8.03 10.70 15.23
N ALA A 133 -9.24 10.21 15.48
CA ALA A 133 -10.03 10.64 16.63
C ALA A 133 -10.29 9.46 17.56
N LEU A 134 -9.48 8.40 17.37
CA LEU A 134 -9.55 7.19 18.17
C LEU A 134 -10.74 6.33 17.76
N HIS A 135 -11.88 6.65 18.15
N GLN A 1 21.10 -4.48 -2.51
CA GLN A 1 19.98 -4.78 -1.59
C GLN A 1 18.92 -5.58 -2.33
N LEU A 2 17.77 -5.75 -1.69
CA LEU A 2 16.64 -6.39 -2.31
C LEU A 2 15.43 -5.48 -2.17
N GLN A 3 14.69 -5.29 -3.25
CA GLN A 3 13.48 -4.50 -3.21
C GLN A 3 12.31 -5.31 -3.72
N GLU A 4 11.18 -5.22 -3.05
CA GLU A 4 9.97 -5.82 -3.57
C GLU A 4 8.94 -4.72 -3.81
N LYS A 5 8.32 -4.74 -4.97
CA LYS A 5 7.40 -3.68 -5.34
C LYS A 5 6.00 -4.23 -5.45
N LEU A 6 5.14 -3.76 -4.59
CA LEU A 6 3.77 -4.16 -4.60
C LEU A 6 2.93 -3.03 -5.16
N TYR A 7 2.69 -3.10 -6.45
CA TYR A 7 2.05 -2.01 -7.18
C TYR A 7 0.59 -1.87 -6.83
N VAL A 8 0.18 -0.64 -6.58
CA VAL A 8 -1.21 -0.30 -6.46
C VAL A 8 -1.50 0.81 -7.47
N PRO A 9 -2.27 0.53 -8.51
CA PRO A 9 -2.42 1.47 -9.60
C PRO A 9 -3.27 2.65 -9.20
N VAL A 10 -2.62 3.70 -8.73
CA VAL A 10 -3.30 4.87 -8.22
C VAL A 10 -4.00 5.60 -9.38
N LYS A 11 -3.53 5.32 -10.60
CA LYS A 11 -4.21 5.79 -11.80
C LYS A 11 -5.57 5.11 -11.91
N GLU A 12 -5.61 3.84 -11.52
CA GLU A 12 -6.81 3.02 -11.61
C GLU A 12 -7.81 3.42 -10.55
N TYR A 13 -7.29 3.94 -9.43
CA TYR A 13 -8.12 4.35 -8.32
C TYR A 13 -7.82 5.79 -7.94
N PRO A 14 -8.31 6.75 -8.72
CA PRO A 14 -8.05 8.17 -8.49
C PRO A 14 -8.74 8.67 -7.23
N ASP A 15 -9.81 7.99 -6.85
CA ASP A 15 -10.57 8.35 -5.65
C ASP A 15 -9.99 7.68 -4.42
N PHE A 16 -9.12 6.70 -4.64
CA PHE A 16 -8.48 6.00 -3.53
C PHE A 16 -7.02 6.36 -3.49
N ASN A 17 -6.65 7.18 -2.52
CA ASN A 17 -5.27 7.60 -2.39
C ASN A 17 -4.49 6.60 -1.55
N PHE A 18 -3.75 5.73 -2.21
CA PHE A 18 -3.00 4.70 -1.51
C PHE A 18 -2.02 5.31 -0.51
N VAL A 19 -1.41 6.44 -0.86
CA VAL A 19 -0.58 7.18 0.07
C VAL A 19 -1.42 7.81 1.18
N GLY A 20 -2.56 8.39 0.82
CA GLY A 20 -3.46 8.93 1.83
C GLY A 20 -4.07 7.84 2.69
N ARG A 21 -3.93 6.61 2.23
CA ARG A 21 -4.43 5.44 2.93
C ARG A 21 -3.32 4.82 3.79
N ILE A 22 -2.13 4.71 3.22
CA ILE A 22 -1.04 4.02 3.88
C ILE A 22 -0.23 4.98 4.73
N LEU A 23 -0.03 6.17 4.21
CA LEU A 23 0.80 7.19 4.85
C LEU A 23 -0.07 8.19 5.58
N GLY A 24 -1.24 8.45 5.00
CA GLY A 24 -2.13 9.49 5.47
C GLY A 24 -2.37 9.50 6.97
N PRO A 25 -3.37 8.74 7.46
CA PRO A 25 -3.65 8.65 8.88
C PRO A 25 -2.91 7.49 9.54
N ARG A 26 -2.41 6.57 8.72
CA ARG A 26 -1.83 5.35 9.22
C ARG A 26 -0.35 5.24 8.85
N GLY A 27 0.23 6.36 8.38
CA GLY A 27 1.61 6.37 7.93
C GLY A 27 2.59 5.90 8.99
N LEU A 28 2.14 5.90 10.24
CA LEU A 28 2.90 5.34 11.34
C LEU A 28 3.43 3.96 10.97
N THR A 29 2.62 3.19 10.26
CA THR A 29 2.97 1.83 9.92
C THR A 29 4.25 1.80 9.08
N ALA A 30 4.36 2.66 8.09
CA ALA A 30 5.52 2.66 7.21
C ALA A 30 6.78 2.95 7.99
N LYS A 31 6.67 3.95 8.86
CA LYS A 31 7.76 4.35 9.71
C LYS A 31 8.15 3.23 10.67
N GLN A 32 7.16 2.52 11.18
CA GLN A 32 7.42 1.45 12.13
C GLN A 32 8.07 0.27 11.43
N LEU A 33 7.73 0.05 10.18
CA LEU A 33 8.28 -1.09 9.46
C LEU A 33 9.78 -0.94 9.29
N GLU A 34 10.23 0.25 8.91
CA GLU A 34 11.66 0.46 8.74
C GLU A 34 12.36 0.50 10.08
N ALA A 35 11.69 1.05 11.07
CA ALA A 35 12.22 1.12 12.41
C ALA A 35 12.38 -0.26 13.04
N GLU A 36 11.37 -1.11 12.85
CA GLU A 36 11.34 -2.41 13.51
C GLU A 36 11.94 -3.53 12.64
N THR A 37 11.48 -3.64 11.39
CA THR A 37 11.85 -4.78 10.56
C THR A 37 13.25 -4.62 10.00
N GLY A 38 13.70 -3.38 9.90
CA GLY A 38 14.98 -3.10 9.27
C GLY A 38 14.81 -2.85 7.79
N CYS A 39 13.59 -3.04 7.30
CA CYS A 39 13.26 -2.75 5.93
C CYS A 39 12.63 -1.39 5.82
N LYS A 40 13.29 -0.52 5.08
CA LYS A 40 12.75 0.79 4.87
C LYS A 40 11.78 0.72 3.73
N ILE A 41 10.50 0.54 4.06
CA ILE A 41 9.49 0.48 3.03
C ILE A 41 9.14 1.88 2.59
N MET A 42 9.52 2.19 1.38
CA MET A 42 9.23 3.48 0.82
C MET A 42 8.19 3.32 -0.25
N VAL A 43 7.18 4.16 -0.20
CA VAL A 43 6.19 4.18 -1.24
C VAL A 43 6.81 4.81 -2.48
N ARG A 44 6.88 4.04 -3.54
CA ARG A 44 7.53 4.47 -4.75
C ARG A 44 6.51 4.72 -5.83
N GLY A 45 6.59 5.88 -6.42
CA GLY A 45 5.55 6.32 -7.31
C GLY A 45 5.25 7.79 -7.10
N LYS A 46 4.17 8.27 -7.70
CA LYS A 46 3.80 9.66 -7.59
C LYS A 46 3.13 9.94 -6.25
N GLY A 47 3.87 10.61 -5.36
CA GLY A 47 3.25 11.07 -4.12
C GLY A 47 3.88 10.46 -2.90
N SER A 48 5.18 10.27 -2.95
CA SER A 48 5.91 9.62 -1.87
C SER A 48 6.21 10.63 -0.74
N MET A 49 7.02 11.63 -1.05
CA MET A 49 7.42 12.64 -0.08
C MET A 49 7.10 14.04 -0.62
N ARG A 50 6.03 14.14 -1.39
CA ARG A 50 5.66 15.37 -2.11
C ARG A 50 5.29 16.55 -1.20
N ASP A 51 5.83 16.55 0.01
CA ASP A 51 5.62 17.66 0.92
C ASP A 51 6.44 18.86 0.45
N LYS A 52 5.92 20.07 0.66
CA LYS A 52 6.57 21.28 0.16
C LYS A 52 8.01 21.38 0.62
N LYS A 53 8.28 20.92 1.84
CA LYS A 53 9.62 21.01 2.39
C LYS A 53 10.59 20.11 1.62
N LYS A 54 10.13 18.95 1.20
CA LYS A 54 11.01 18.00 0.57
C LYS A 54 11.26 18.34 -0.89
N GLU A 55 10.30 18.97 -1.54
CA GLU A 55 10.51 19.44 -2.90
C GLU A 55 11.43 20.67 -2.91
N GLU A 56 11.51 21.36 -1.78
CA GLU A 56 12.41 22.51 -1.67
C GLU A 56 13.87 22.06 -1.66
N GLN A 57 14.21 21.33 -0.62
CA GLN A 57 15.60 20.99 -0.33
C GLN A 57 15.92 19.53 -0.63
N ASN A 58 14.94 18.66 -0.39
CA ASN A 58 15.14 17.23 -0.54
C ASN A 58 14.87 16.84 -1.99
N ARG A 59 14.59 17.86 -2.80
CA ARG A 59 14.31 17.72 -4.21
C ARG A 59 15.35 16.86 -4.92
N GLY A 60 14.90 16.10 -5.90
CA GLY A 60 15.79 15.28 -6.70
C GLY A 60 16.13 13.95 -6.03
N LYS A 61 15.78 13.81 -4.77
CA LYS A 61 16.07 12.58 -4.01
C LYS A 61 15.06 11.48 -4.31
N PRO A 62 15.37 10.22 -3.92
CA PRO A 62 14.54 9.02 -4.13
C PRO A 62 13.04 9.23 -4.24
N ASN A 63 12.50 10.18 -3.52
CA ASN A 63 11.08 10.44 -3.53
C ASN A 63 10.66 10.97 -4.89
N TRP A 64 11.52 11.78 -5.45
CA TRP A 64 11.32 12.33 -6.77
C TRP A 64 11.96 11.41 -7.79
N GLU A 65 12.88 10.58 -7.31
CA GLU A 65 13.44 9.51 -8.12
C GLU A 65 12.33 8.57 -8.57
N HIS A 66 11.63 8.01 -7.58
CA HIS A 66 10.55 7.08 -7.85
C HIS A 66 9.24 7.81 -8.09
N LEU A 67 9.27 9.14 -8.05
CA LEU A 67 8.11 9.96 -8.42
C LEU A 67 7.78 9.71 -9.89
N ASN A 68 8.79 9.20 -10.59
CA ASN A 68 8.68 8.93 -12.02
C ASN A 68 8.11 7.55 -12.27
N GLU A 69 7.67 6.90 -11.19
CA GLU A 69 7.03 5.60 -11.28
C GLU A 69 5.56 5.73 -10.93
N ASP A 70 4.78 4.70 -11.20
CA ASP A 70 3.38 4.70 -10.79
C ASP A 70 3.28 4.17 -9.37
N LEU A 71 2.35 4.71 -8.61
CA LEU A 71 2.30 4.52 -7.16
C LEU A 71 2.34 3.04 -6.79
N HIS A 72 3.35 2.66 -6.03
CA HIS A 72 3.43 1.33 -5.48
C HIS A 72 4.10 1.37 -4.13
N VAL A 73 3.96 0.30 -3.38
CA VAL A 73 4.60 0.19 -2.09
C VAL A 73 5.78 -0.74 -2.21
N LEU A 74 6.95 -0.26 -1.87
CA LEU A 74 8.15 -1.02 -2.06
C LEU A 74 8.90 -1.17 -0.76
N ILE A 75 9.05 -2.43 -0.38
CA ILE A 75 9.84 -2.78 0.76
C ILE A 75 11.30 -2.88 0.32
N THR A 76 12.09 -1.93 0.78
CA THR A 76 13.50 -1.90 0.46
C THR A 76 14.30 -2.42 1.63
N VAL A 77 14.92 -3.55 1.45
CA VAL A 77 15.68 -4.16 2.52
C VAL A 77 17.14 -4.26 2.14
N GLU A 78 17.98 -3.58 2.89
CA GLU A 78 19.40 -3.72 2.72
C GLU A 78 19.86 -4.84 3.64
N ASP A 79 19.80 -6.06 3.11
CA ASP A 79 20.10 -7.28 3.86
C ASP A 79 19.67 -8.49 3.02
N ALA A 80 20.50 -9.51 2.98
CA ALA A 80 20.23 -10.67 2.12
C ALA A 80 19.59 -11.83 2.87
N GLN A 81 19.25 -11.62 4.13
CA GLN A 81 18.76 -12.70 4.98
C GLN A 81 17.24 -12.82 4.96
N ASN A 82 16.79 -14.06 5.06
CA ASN A 82 15.36 -14.38 5.06
C ASN A 82 14.66 -13.75 6.25
N ARG A 83 15.34 -13.64 7.38
CA ARG A 83 14.76 -13.04 8.57
C ARG A 83 14.32 -11.60 8.31
N ALA A 84 15.11 -10.88 7.51
CA ALA A 84 14.78 -9.50 7.17
C ALA A 84 13.55 -9.45 6.27
N GLU A 85 13.61 -10.16 5.17
CA GLU A 85 12.51 -10.16 4.20
C GLU A 85 11.24 -10.76 4.80
N LEU A 86 11.41 -11.71 5.71
CA LEU A 86 10.28 -12.29 6.41
C LEU A 86 9.53 -11.23 7.21
N LYS A 87 10.30 -10.43 7.93
CA LYS A 87 9.71 -9.42 8.81
C LYS A 87 9.09 -8.28 8.00
N LEU A 88 9.72 -7.89 6.91
CA LEU A 88 9.19 -6.82 6.08
C LEU A 88 7.93 -7.26 5.33
N LYS A 89 7.88 -8.53 4.92
CA LYS A 89 6.75 -9.00 4.14
C LYS A 89 5.48 -9.08 4.99
N ARG A 90 5.62 -9.43 6.25
CA ARG A 90 4.48 -9.43 7.17
C ARG A 90 4.07 -7.99 7.47
N ALA A 91 5.05 -7.13 7.63
CA ALA A 91 4.80 -5.71 7.85
C ALA A 91 4.06 -5.11 6.66
N VAL A 92 4.60 -5.35 5.48
CA VAL A 92 3.99 -4.86 4.26
C VAL A 92 2.64 -5.53 4.02
N GLU A 93 2.47 -6.72 4.57
CA GLU A 93 1.20 -7.42 4.50
C GLU A 93 0.10 -6.69 5.29
N GLU A 94 0.44 -5.97 6.35
CA GLU A 94 -0.55 -5.14 6.99
C GLU A 94 -0.84 -3.94 6.11
N VAL A 95 0.17 -3.51 5.37
CA VAL A 95 -0.07 -2.55 4.29
C VAL A 95 -1.00 -3.18 3.27
N LYS A 96 -0.80 -4.47 2.99
CA LYS A 96 -1.69 -5.23 2.11
C LYS A 96 -3.14 -5.15 2.58
N LYS A 97 -3.31 -5.05 3.89
CA LYS A 97 -4.63 -4.97 4.49
C LYS A 97 -5.25 -3.61 4.22
N LEU A 98 -4.40 -2.59 4.16
CA LEU A 98 -4.89 -1.24 3.94
C LEU A 98 -4.90 -0.84 2.46
N LEU A 99 -3.89 -1.25 1.71
CA LEU A 99 -3.69 -0.81 0.32
C LEU A 99 -4.79 -1.32 -0.61
N VAL A 100 -5.78 -2.02 -0.07
CA VAL A 100 -6.90 -2.46 -0.86
C VAL A 100 -7.83 -1.28 -1.14
N PRO A 101 -8.03 -0.95 -2.42
CA PRO A 101 -8.87 0.20 -2.83
C PRO A 101 -10.34 0.00 -2.50
N ALA A 102 -10.69 -1.20 -2.08
CA ALA A 102 -12.04 -1.52 -1.66
C ALA A 102 -13.03 -1.26 -2.79
N ALA A 103 -14.23 -0.80 -2.44
CA ALA A 103 -15.27 -0.46 -3.41
C ALA A 103 -15.71 -1.69 -4.23
N GLU A 104 -15.39 -1.70 -5.51
CA GLU A 104 -15.86 -2.75 -6.40
C GLU A 104 -15.11 -4.06 -6.16
N GLY A 105 -13.85 -4.09 -6.54
CA GLY A 105 -13.05 -5.28 -6.35
C GLY A 105 -12.30 -5.69 -7.58
N GLU A 106 -12.28 -7.01 -7.83
CA GLU A 106 -11.46 -7.64 -8.89
C GLU A 106 -10.06 -7.06 -8.94
N ASP A 107 -9.58 -6.72 -7.78
CA ASP A 107 -8.28 -6.10 -7.59
C ASP A 107 -7.16 -6.97 -8.15
N SER A 108 -6.85 -8.01 -7.41
CA SER A 108 -5.82 -8.95 -7.79
C SER A 108 -6.14 -9.59 -9.14
N LEU A 109 -7.41 -9.72 -9.44
CA LEU A 109 -7.84 -10.34 -10.70
C LEU A 109 -7.39 -9.52 -11.89
N LYS A 110 -7.72 -8.23 -11.88
CA LYS A 110 -7.37 -7.34 -12.98
C LYS A 110 -5.88 -7.02 -12.95
N LYS A 111 -5.42 -6.64 -11.78
CA LYS A 111 -4.04 -6.19 -11.57
C LYS A 111 -3.03 -7.25 -11.96
N MET A 112 -3.17 -8.45 -11.41
CA MET A 112 -2.19 -9.50 -11.60
C MET A 112 -2.29 -10.15 -12.97
N LYS A 113 -3.48 -10.20 -13.53
CA LYS A 113 -3.65 -10.78 -14.86
C LYS A 113 -3.11 -9.87 -15.95
N LEU A 114 -3.22 -8.57 -15.78
CA LEU A 114 -2.81 -7.65 -16.82
C LEU A 114 -1.32 -7.34 -16.74
N MET A 115 -0.90 -6.67 -15.68
CA MET A 115 0.48 -6.20 -15.59
C MET A 115 1.37 -7.18 -14.85
N GLU A 116 0.88 -7.72 -13.73
CA GLU A 116 1.67 -8.65 -12.91
C GLU A 116 1.94 -9.94 -13.68
N LEU A 117 1.25 -10.11 -14.79
CA LEU A 117 1.46 -11.23 -15.68
C LEU A 117 2.81 -11.08 -16.36
N ALA A 118 3.12 -9.84 -16.73
CA ALA A 118 4.39 -9.52 -17.35
C ALA A 118 5.45 -9.23 -16.30
N ILE A 119 5.06 -8.45 -15.28
CA ILE A 119 5.94 -8.03 -14.20
C ILE A 119 6.99 -7.02 -14.68
N LEU A 120 7.71 -7.38 -15.74
CA LEU A 120 8.69 -6.50 -16.34
C LEU A 120 7.98 -5.48 -17.24
N ASN A 121 8.75 -4.61 -17.86
CA ASN A 121 8.19 -3.55 -18.72
C ASN A 121 7.53 -4.09 -19.99
N GLY A 122 7.43 -5.42 -20.10
CA GLY A 122 6.76 -6.03 -21.24
C GLY A 122 7.66 -6.14 -22.46
N THR A 123 8.22 -5.01 -22.87
CA THR A 123 9.13 -4.97 -24.01
C THR A 123 10.31 -5.91 -23.84
N TYR A 124 10.84 -5.93 -22.61
CA TYR A 124 11.98 -6.77 -22.30
C TYR A 124 11.65 -7.73 -21.17
N ARG A 125 11.31 -8.96 -21.52
CA ARG A 125 11.14 -10.00 -20.52
C ARG A 125 12.47 -10.70 -20.29
N ASP A 126 13.48 -10.27 -21.04
CA ASP A 126 14.82 -10.76 -20.90
C ASP A 126 15.39 -10.35 -19.54
N ALA A 127 14.98 -9.18 -19.06
CA ALA A 127 15.43 -8.66 -17.79
C ALA A 127 14.81 -9.44 -16.62
N ASN A 128 13.97 -10.42 -16.97
CA ASN A 128 13.33 -11.27 -15.97
C ASN A 128 14.34 -12.24 -15.37
N LEU A 129 15.26 -12.72 -16.21
CA LEU A 129 16.29 -13.64 -15.76
C LEU A 129 17.68 -13.16 -16.17
N LYS A 130 17.72 -12.08 -16.95
CA LYS A 130 18.96 -11.53 -17.48
C LYS A 130 19.62 -12.51 -18.44
N SER A 131 20.85 -12.21 -18.84
CA SER A 131 21.59 -13.09 -19.73
C SER A 131 22.18 -14.26 -18.94
N PRO A 132 21.68 -15.48 -19.18
CA PRO A 132 22.13 -16.69 -18.47
C PRO A 132 23.39 -17.28 -19.09
N ALA A 133 24.12 -16.45 -19.86
CA ALA A 133 25.38 -16.86 -20.48
C ALA A 133 25.16 -17.94 -21.53
N LEU A 134 23.98 -17.96 -22.11
CA LEU A 134 23.65 -18.92 -23.14
C LEU A 134 22.88 -18.25 -24.28
N HIS A 135 21.89 -17.54 -24.00
N GLN A 1 20.56 -3.43 -2.86
CA GLN A 1 19.54 -3.87 -1.87
C GLN A 1 18.50 -4.74 -2.53
N LEU A 2 17.64 -5.32 -1.72
CA LEU A 2 16.55 -6.14 -2.21
C LEU A 2 15.27 -5.34 -2.06
N GLN A 3 14.45 -5.32 -3.10
CA GLN A 3 13.21 -4.56 -3.06
C GLN A 3 12.07 -5.37 -3.61
N GLU A 4 10.94 -5.34 -2.92
CA GLU A 4 9.70 -5.86 -3.50
C GLU A 4 8.72 -4.71 -3.63
N LYS A 5 8.33 -4.42 -4.85
CA LYS A 5 7.38 -3.35 -5.07
C LYS A 5 6.01 -3.93 -5.15
N LEU A 6 5.19 -3.57 -4.20
CA LEU A 6 3.83 -4.03 -4.20
C LEU A 6 2.96 -2.95 -4.82
N TYR A 7 2.76 -3.09 -6.11
CA TYR A 7 2.11 -2.08 -6.93
C TYR A 7 0.64 -1.95 -6.62
N VAL A 8 0.19 -0.73 -6.48
CA VAL A 8 -1.22 -0.42 -6.52
C VAL A 8 -1.42 0.55 -7.66
N PRO A 9 -2.07 0.11 -8.72
CA PRO A 9 -2.19 0.92 -9.92
C PRO A 9 -3.10 2.11 -9.68
N VAL A 10 -2.51 3.24 -9.33
CA VAL A 10 -3.27 4.45 -9.05
C VAL A 10 -3.99 4.91 -10.32
N LYS A 11 -3.48 4.45 -11.45
CA LYS A 11 -4.06 4.74 -12.75
C LYS A 11 -5.35 3.95 -12.92
N GLU A 12 -5.41 2.85 -12.20
CA GLU A 12 -6.59 2.00 -12.17
C GLU A 12 -7.63 2.59 -11.23
N TYR A 13 -7.14 3.20 -10.15
CA TYR A 13 -8.02 3.78 -9.13
C TYR A 13 -7.75 5.28 -9.02
N PRO A 14 -8.25 6.09 -9.97
CA PRO A 14 -7.95 7.52 -10.01
C PRO A 14 -8.57 8.27 -8.83
N ASP A 15 -9.56 7.64 -8.21
CA ASP A 15 -10.26 8.25 -7.09
C ASP A 15 -9.82 7.64 -5.76
N PHE A 16 -8.82 6.77 -5.80
CA PHE A 16 -8.28 6.26 -4.55
C PHE A 16 -6.82 6.65 -4.40
N ASN A 17 -6.57 7.34 -3.30
CA ASN A 17 -5.27 7.86 -2.99
C ASN A 17 -4.59 6.97 -1.94
N PHE A 18 -3.74 6.05 -2.41
CA PHE A 18 -3.10 5.08 -1.54
C PHE A 18 -2.13 5.72 -0.56
N VAL A 19 -1.59 6.87 -0.92
CA VAL A 19 -0.69 7.61 -0.04
C VAL A 19 -1.39 8.05 1.23
N GLY A 20 -2.52 8.71 1.08
CA GLY A 20 -3.26 9.17 2.24
C GLY A 20 -3.93 8.01 2.94
N ARG A 21 -4.07 6.92 2.22
CA ARG A 21 -4.62 5.71 2.76
C ARG A 21 -3.57 4.95 3.57
N ILE A 22 -2.35 4.89 3.05
CA ILE A 22 -1.30 4.11 3.67
C ILE A 22 -0.50 4.92 4.68
N LEU A 23 0.12 6.01 4.23
CA LEU A 23 0.94 6.81 5.12
C LEU A 23 0.27 8.12 5.52
N GLY A 24 -0.96 8.35 5.01
CA GLY A 24 -1.69 9.56 5.35
C GLY A 24 -1.75 9.82 6.84
N PRO A 25 -2.59 9.10 7.58
CA PRO A 25 -2.63 9.17 9.04
C PRO A 25 -1.59 8.25 9.68
N ARG A 26 -1.06 7.33 8.88
CA ARG A 26 -0.18 6.29 9.38
C ARG A 26 1.21 6.37 8.76
N GLY A 27 1.67 7.58 8.46
CA GLY A 27 3.04 7.76 7.99
C GLY A 27 4.05 7.18 8.94
N LEU A 28 3.77 7.30 10.23
CA LEU A 28 4.61 6.71 11.27
C LEU A 28 4.70 5.20 11.08
N THR A 29 3.63 4.62 10.55
CA THR A 29 3.58 3.19 10.25
C THR A 29 4.69 2.80 9.28
N ALA A 30 4.92 3.62 8.25
CA ALA A 30 5.98 3.34 7.28
C ALA A 30 7.33 3.39 7.98
N LYS A 31 7.46 4.35 8.88
CA LYS A 31 8.68 4.54 9.65
C LYS A 31 8.91 3.37 10.61
N GLN A 32 7.83 2.91 11.23
CA GLN A 32 7.94 1.81 12.18
C GLN A 32 8.36 0.53 11.48
N LEU A 33 7.93 0.38 10.24
CA LEU A 33 8.24 -0.82 9.51
C LEU A 33 9.72 -0.86 9.20
N GLU A 34 10.30 0.25 8.76
CA GLU A 34 11.72 0.24 8.43
C GLU A 34 12.56 0.11 9.68
N ALA A 35 12.07 0.69 10.76
CA ALA A 35 12.73 0.59 12.04
C ALA A 35 12.68 -0.85 12.57
N GLU A 36 11.52 -1.50 12.43
CA GLU A 36 11.29 -2.81 13.04
C GLU A 36 11.60 -3.97 12.10
N THR A 37 11.38 -3.79 10.81
CA THR A 37 11.60 -4.87 9.85
C THR A 37 13.04 -4.87 9.37
N GLY A 38 13.72 -3.74 9.55
CA GLY A 38 15.03 -3.55 8.96
C GLY A 38 14.93 -3.35 7.47
N CYS A 39 13.70 -3.19 7.02
CA CYS A 39 13.39 -2.94 5.64
C CYS A 39 12.72 -1.61 5.50
N LYS A 40 13.29 -0.76 4.67
CA LYS A 40 12.80 0.58 4.53
C LYS A 40 11.71 0.54 3.49
N ILE A 41 10.49 0.39 3.97
CA ILE A 41 9.37 0.36 3.08
C ILE A 41 9.00 1.78 2.66
N MET A 42 9.32 2.08 1.41
CA MET A 42 9.14 3.41 0.87
C MET A 42 8.00 3.38 -0.11
N VAL A 43 7.13 4.36 -0.01
CA VAL A 43 6.03 4.44 -0.93
C VAL A 43 6.50 5.12 -2.19
N ARG A 44 6.51 4.38 -3.27
CA ARG A 44 7.01 4.87 -4.54
C ARG A 44 5.84 5.27 -5.41
N GLY A 45 6.14 6.01 -6.47
CA GLY A 45 5.09 6.54 -7.28
C GLY A 45 4.81 7.98 -6.92
N LYS A 46 3.72 8.49 -7.45
CA LYS A 46 3.35 9.88 -7.24
C LYS A 46 2.75 10.10 -5.88
N GLY A 47 3.45 10.84 -5.02
CA GLY A 47 2.84 11.27 -3.79
C GLY A 47 3.56 10.80 -2.56
N SER A 48 4.81 10.41 -2.71
CA SER A 48 5.59 9.89 -1.61
C SER A 48 5.86 10.96 -0.55
N MET A 49 6.58 12.00 -0.94
CA MET A 49 6.98 13.06 -0.01
C MET A 49 6.58 14.44 -0.52
N ARG A 50 5.42 14.53 -1.17
CA ARG A 50 4.93 15.75 -1.87
C ARG A 50 4.84 17.03 -1.00
N ASP A 51 5.66 17.12 0.03
CA ASP A 51 5.77 18.30 0.86
C ASP A 51 6.37 19.44 0.04
N LYS A 52 5.77 20.62 0.10
CA LYS A 52 6.14 21.74 -0.76
C LYS A 52 7.63 22.05 -0.68
N LYS A 53 8.17 22.09 0.53
CA LYS A 53 9.57 22.46 0.70
C LYS A 53 10.48 21.34 0.23
N LYS A 54 10.01 20.11 0.36
CA LYS A 54 10.80 18.95 -0.01
C LYS A 54 11.10 18.98 -1.50
N GLU A 55 10.05 19.12 -2.28
CA GLU A 55 10.19 19.21 -3.73
C GLU A 55 10.92 20.47 -4.16
N GLU A 56 10.94 21.47 -3.30
CA GLU A 56 11.75 22.67 -3.55
C GLU A 56 13.24 22.42 -3.31
N GLN A 57 13.60 22.07 -2.09
CA GLN A 57 15.01 22.02 -1.70
C GLN A 57 15.57 20.60 -1.58
N ASN A 58 14.71 19.61 -1.47
CA ASN A 58 15.14 18.21 -1.44
C ASN A 58 14.70 17.50 -2.72
N ARG A 59 14.33 18.32 -3.69
CA ARG A 59 14.02 17.85 -5.03
C ARG A 59 15.06 16.87 -5.56
N GLY A 60 14.61 15.93 -6.38
CA GLY A 60 15.52 14.95 -6.97
C GLY A 60 15.75 13.74 -6.09
N LYS A 61 15.50 13.87 -4.80
CA LYS A 61 15.71 12.78 -3.86
C LYS A 61 14.70 11.65 -4.09
N PRO A 62 15.00 10.43 -3.57
CA PRO A 62 14.17 9.22 -3.69
C PRO A 62 12.67 9.41 -3.85
N ASN A 63 12.12 10.40 -3.19
CA ASN A 63 10.69 10.66 -3.20
C ASN A 63 10.27 11.15 -4.56
N TRP A 64 11.14 11.94 -5.15
CA TRP A 64 10.94 12.48 -6.47
C TRP A 64 11.56 11.54 -7.48
N GLU A 65 12.51 10.77 -6.98
CA GLU A 65 13.16 9.74 -7.76
C GLU A 65 12.17 8.69 -8.21
N HIS A 66 11.37 8.21 -7.27
CA HIS A 66 10.33 7.25 -7.59
C HIS A 66 9.00 7.94 -7.82
N LEU A 67 9.00 9.27 -7.72
CA LEU A 67 7.82 10.08 -8.01
C LEU A 67 7.42 9.88 -9.47
N ASN A 68 8.43 9.59 -10.28
CA ASN A 68 8.22 9.40 -11.71
C ASN A 68 7.85 7.95 -12.01
N GLU A 69 7.62 7.19 -10.95
CA GLU A 69 7.07 5.84 -11.06
C GLU A 69 5.57 5.87 -10.83
N ASP A 70 4.94 4.71 -10.86
CA ASP A 70 3.52 4.62 -10.53
C ASP A 70 3.37 4.18 -9.09
N LEU A 71 2.37 4.73 -8.41
CA LEU A 71 2.21 4.57 -6.96
C LEU A 71 2.24 3.11 -6.51
N HIS A 72 3.28 2.74 -5.80
CA HIS A 72 3.39 1.40 -5.24
C HIS A 72 4.13 1.43 -3.91
N VAL A 73 3.80 0.50 -3.04
CA VAL A 73 4.50 0.40 -1.77
C VAL A 73 5.65 -0.58 -1.88
N LEU A 74 6.85 -0.12 -1.61
CA LEU A 74 8.02 -0.94 -1.79
C LEU A 74 8.76 -1.15 -0.48
N ILE A 75 8.86 -2.40 -0.10
CA ILE A 75 9.71 -2.78 1.01
C ILE A 75 11.13 -2.95 0.51
N THR A 76 12.00 -2.04 0.90
CA THR A 76 13.37 -2.07 0.46
C THR A 76 14.30 -2.48 1.58
N VAL A 77 15.00 -3.58 1.37
CA VAL A 77 15.79 -4.17 2.42
C VAL A 77 17.26 -4.17 2.08
N GLU A 78 18.05 -3.67 3.02
CA GLU A 78 19.48 -3.82 2.95
C GLU A 78 19.92 -4.83 3.99
N ASP A 79 20.00 -6.09 3.58
CA ASP A 79 20.34 -7.19 4.47
C ASP A 79 20.67 -8.41 3.63
N ALA A 80 21.06 -9.51 4.27
CA ALA A 80 21.27 -10.76 3.57
C ALA A 80 19.99 -11.14 2.83
N GLN A 81 18.91 -11.33 3.61
CA GLN A 81 17.58 -11.59 3.06
C GLN A 81 16.59 -12.03 4.14
N ASN A 82 16.74 -13.27 4.60
CA ASN A 82 15.68 -13.99 5.31
C ASN A 82 15.12 -13.25 6.52
N ARG A 83 15.95 -12.99 7.51
CA ARG A 83 15.51 -12.36 8.77
C ARG A 83 14.73 -11.08 8.51
N ALA A 84 15.29 -10.21 7.66
CA ALA A 84 14.68 -8.92 7.39
C ALA A 84 13.44 -9.06 6.50
N GLU A 85 13.53 -9.94 5.50
CA GLU A 85 12.41 -10.16 4.58
C GLU A 85 11.25 -10.81 5.33
N LEU A 86 11.58 -11.60 6.32
CA LEU A 86 10.60 -12.23 7.17
C LEU A 86 9.76 -11.15 7.85
N LYS A 87 10.48 -10.22 8.44
CA LYS A 87 9.87 -9.08 9.11
C LYS A 87 9.11 -8.19 8.12
N LEU A 88 9.73 -7.86 6.99
CA LEU A 88 9.08 -6.92 6.09
C LEU A 88 7.85 -7.52 5.41
N LYS A 89 7.86 -8.83 5.16
CA LYS A 89 6.75 -9.45 4.46
C LYS A 89 5.51 -9.48 5.33
N ARG A 90 5.70 -9.70 6.64
CA ARG A 90 4.56 -9.72 7.56
C ARG A 90 3.97 -8.31 7.72
N ALA A 91 4.85 -7.32 7.89
CA ALA A 91 4.42 -5.94 8.06
C ALA A 91 3.80 -5.41 6.79
N VAL A 92 4.43 -5.71 5.67
CA VAL A 92 3.95 -5.25 4.38
C VAL A 92 2.65 -5.96 4.00
N GLU A 93 2.46 -7.18 4.48
CA GLU A 93 1.21 -7.89 4.27
C GLU A 93 0.07 -7.17 4.97
N GLU A 94 0.37 -6.54 6.09
CA GLU A 94 -0.60 -5.70 6.76
C GLU A 94 -0.90 -4.47 5.91
N VAL A 95 0.11 -3.98 5.19
CA VAL A 95 -0.10 -2.92 4.22
C VAL A 95 -0.95 -3.44 3.06
N LYS A 96 -0.73 -4.68 2.67
CA LYS A 96 -1.57 -5.32 1.63
C LYS A 96 -3.03 -5.34 2.07
N LYS A 97 -3.24 -5.39 3.37
CA LYS A 97 -4.57 -5.25 3.94
C LYS A 97 -5.03 -3.79 3.88
N LEU A 98 -4.06 -2.88 3.87
CA LEU A 98 -4.35 -1.46 3.88
C LEU A 98 -4.49 -0.85 2.48
N LEU A 99 -3.65 -1.26 1.53
CA LEU A 99 -3.61 -0.62 0.20
C LEU A 99 -4.82 -1.00 -0.67
N VAL A 100 -5.91 -1.34 -0.03
CA VAL A 100 -7.14 -1.65 -0.72
C VAL A 100 -8.00 -0.38 -0.84
N PRO A 101 -8.48 -0.07 -2.06
CA PRO A 101 -9.31 1.12 -2.31
C PRO A 101 -10.58 1.14 -1.46
N ALA A 102 -11.03 -0.05 -1.08
CA ALA A 102 -12.21 -0.23 -0.23
C ALA A 102 -13.49 0.14 -0.98
N ALA A 103 -13.36 0.33 -2.28
CA ALA A 103 -14.49 0.65 -3.14
C ALA A 103 -15.15 -0.62 -3.62
N GLU A 104 -14.53 -1.74 -3.31
CA GLU A 104 -15.05 -3.06 -3.68
C GLU A 104 -15.79 -3.68 -2.50
N GLY A 105 -15.62 -3.09 -1.33
CA GLY A 105 -16.27 -3.58 -0.13
C GLY A 105 -15.51 -4.72 0.51
N GLU A 106 -15.39 -5.82 -0.23
CA GLU A 106 -14.67 -6.99 0.25
C GLU A 106 -13.81 -7.57 -0.87
N ASP A 107 -12.49 -7.51 -0.69
CA ASP A 107 -11.57 -8.00 -1.71
C ASP A 107 -11.20 -9.46 -1.45
N SER A 108 -10.64 -9.73 -0.30
CA SER A 108 -10.18 -11.06 0.05
C SER A 108 -11.37 -12.00 0.26
N LEU A 109 -12.53 -11.43 0.53
CA LEU A 109 -13.73 -12.21 0.77
C LEU A 109 -14.43 -12.58 -0.53
N LYS A 110 -14.71 -11.57 -1.35
CA LYS A 110 -15.50 -11.77 -2.57
C LYS A 110 -14.68 -12.38 -3.69
N LYS A 111 -13.60 -11.72 -4.06
CA LYS A 111 -12.81 -12.10 -5.23
C LYS A 111 -12.20 -13.48 -5.05
N MET A 112 -11.74 -13.77 -3.84
CA MET A 112 -11.09 -15.04 -3.55
C MET A 112 -12.08 -16.19 -3.51
N LYS A 113 -13.33 -15.91 -3.18
CA LYS A 113 -14.36 -16.94 -3.15
C LYS A 113 -14.74 -17.33 -4.58
N LEU A 114 -14.76 -16.36 -5.48
CA LEU A 114 -15.20 -16.63 -6.83
C LEU A 114 -14.04 -17.00 -7.75
N MET A 115 -13.13 -16.06 -7.98
CA MET A 115 -12.07 -16.25 -8.95
C MET A 115 -10.88 -16.98 -8.36
N GLU A 116 -10.40 -16.49 -7.22
CA GLU A 116 -9.20 -17.05 -6.60
C GLU A 116 -9.45 -18.47 -6.08
N LEU A 117 -10.72 -18.84 -6.00
CA LEU A 117 -11.10 -20.17 -5.53
C LEU A 117 -10.72 -21.22 -6.59
N ALA A 118 -11.29 -21.04 -7.78
CA ALA A 118 -11.04 -21.92 -8.91
C ALA A 118 -11.75 -21.39 -10.14
N ILE A 119 -12.11 -20.10 -10.08
CA ILE A 119 -12.91 -19.46 -11.13
C ILE A 119 -14.21 -20.23 -11.34
N LEU A 120 -14.86 -20.03 -12.48
CA LEU A 120 -16.09 -20.74 -12.78
C LEU A 120 -15.77 -22.11 -13.36
N ASN A 121 -15.46 -23.04 -12.47
CA ASN A 121 -15.10 -24.39 -12.87
C ASN A 121 -16.33 -25.29 -12.93
N GLY A 122 -17.49 -24.70 -12.64
CA GLY A 122 -18.73 -25.45 -12.62
C GLY A 122 -19.47 -25.31 -11.31
N THR A 123 -18.74 -24.82 -10.30
CA THR A 123 -19.30 -24.64 -8.96
C THR A 123 -20.62 -23.84 -8.99
N TYR A 124 -20.56 -22.64 -9.56
CA TYR A 124 -21.75 -21.81 -9.68
C TYR A 124 -22.15 -21.67 -11.14
N ARG A 125 -21.20 -21.18 -11.94
CA ARG A 125 -21.36 -20.96 -13.38
C ARG A 125 -22.21 -19.73 -13.69
N ASP A 126 -23.27 -19.51 -12.91
CA ASP A 126 -24.10 -18.32 -13.11
C ASP A 126 -23.41 -17.10 -12.52
N ALA A 127 -22.43 -17.34 -11.67
CA ALA A 127 -21.58 -16.28 -11.14
C ALA A 127 -20.49 -15.92 -12.15
N ASN A 128 -20.65 -16.43 -13.36
CA ASN A 128 -19.73 -16.13 -14.45
C ASN A 128 -19.85 -14.66 -14.87
N LEU A 129 -21.00 -14.08 -14.57
CA LEU A 129 -21.23 -12.67 -14.83
C LEU A 129 -20.55 -11.81 -13.79
N LYS A 130 -19.23 -11.72 -13.85
CA LYS A 130 -18.48 -10.81 -13.00
C LYS A 130 -18.72 -9.38 -13.48
N SER A 131 -19.03 -9.27 -14.76
CA SER A 131 -19.41 -8.00 -15.35
C SER A 131 -20.76 -8.16 -16.05
N PRO A 132 -21.86 -8.05 -15.29
CA PRO A 132 -23.23 -8.29 -15.79
C PRO A 132 -23.82 -7.06 -16.49
N ALA A 133 -22.99 -6.38 -17.29
CA ALA A 133 -23.41 -5.20 -18.03
C ALA A 133 -23.92 -4.11 -17.08
N LEU A 134 -23.32 -4.04 -15.92
CA LEU A 134 -23.67 -3.02 -14.93
C LEU A 134 -22.98 -1.72 -15.30
N HIS A 135 -21.74 -1.73 -15.45
N GLN A 1 20.81 -5.68 -1.88
CA GLN A 1 19.58 -5.31 -1.17
C GLN A 1 18.40 -6.06 -1.79
N LEU A 2 17.28 -6.06 -1.11
CA LEU A 2 16.06 -6.62 -1.67
C LEU A 2 14.97 -5.56 -1.71
N GLN A 3 14.29 -5.47 -2.83
CA GLN A 3 13.12 -4.63 -2.94
C GLN A 3 11.96 -5.47 -3.42
N GLU A 4 10.82 -5.33 -2.79
CA GLU A 4 9.61 -5.96 -3.28
C GLU A 4 8.59 -4.88 -3.56
N LYS A 5 8.08 -4.87 -4.78
CA LYS A 5 7.19 -3.81 -5.20
C LYS A 5 5.79 -4.36 -5.30
N LEU A 6 4.90 -3.77 -4.54
CA LEU A 6 3.52 -4.17 -4.54
C LEU A 6 2.70 -3.06 -5.17
N TYR A 7 2.39 -3.23 -6.44
CA TYR A 7 1.77 -2.18 -7.23
C TYR A 7 0.31 -1.96 -6.86
N VAL A 8 -0.05 -0.69 -6.73
CA VAL A 8 -1.43 -0.28 -6.63
C VAL A 8 -1.68 0.81 -7.63
N PRO A 9 -2.48 0.55 -8.66
CA PRO A 9 -2.66 1.51 -9.73
C PRO A 9 -3.49 2.70 -9.27
N VAL A 10 -2.79 3.72 -8.77
CA VAL A 10 -3.45 4.92 -8.26
C VAL A 10 -4.14 5.65 -9.41
N LYS A 11 -3.69 5.35 -10.62
CA LYS A 11 -4.34 5.84 -11.84
C LYS A 11 -5.70 5.20 -11.99
N GLU A 12 -5.81 3.96 -11.51
CA GLU A 12 -7.05 3.21 -11.57
C GLU A 12 -8.02 3.69 -10.50
N TYR A 13 -7.47 4.20 -9.41
CA TYR A 13 -8.28 4.70 -8.30
C TYR A 13 -8.00 6.17 -8.07
N PRO A 14 -8.65 7.05 -8.84
CA PRO A 14 -8.45 8.49 -8.75
C PRO A 14 -9.00 9.07 -7.45
N ASP A 15 -9.92 8.35 -6.83
CA ASP A 15 -10.55 8.82 -5.61
C ASP A 15 -9.92 8.19 -4.38
N PHE A 16 -9.14 7.14 -4.59
CA PHE A 16 -8.47 6.48 -3.48
C PHE A 16 -6.97 6.74 -3.55
N ASN A 17 -6.50 7.57 -2.63
CA ASN A 17 -5.09 7.90 -2.56
C ASN A 17 -4.33 6.87 -1.73
N PHE A 18 -3.67 5.93 -2.39
CA PHE A 18 -2.96 4.87 -1.68
C PHE A 18 -1.90 5.42 -0.72
N VAL A 19 -1.26 6.52 -1.06
CA VAL A 19 -0.36 7.18 -0.13
C VAL A 19 -1.12 7.79 1.04
N GLY A 20 -2.15 8.56 0.75
CA GLY A 20 -2.98 9.11 1.81
C GLY A 20 -3.69 8.03 2.60
N ARG A 21 -3.66 6.82 2.06
CA ARG A 21 -4.16 5.64 2.75
C ARG A 21 -3.05 4.99 3.59
N ILE A 22 -1.88 4.85 2.99
CA ILE A 22 -0.79 4.12 3.61
C ILE A 22 -0.05 4.98 4.63
N LEU A 23 0.42 6.14 4.22
CA LEU A 23 1.10 7.03 5.13
C LEU A 23 0.21 8.17 5.60
N GLY A 24 -0.93 8.35 4.93
CA GLY A 24 -1.85 9.43 5.29
C GLY A 24 -2.20 9.43 6.78
N PRO A 25 -3.10 8.55 7.22
CA PRO A 25 -3.42 8.41 8.63
C PRO A 25 -2.61 7.31 9.29
N ARG A 26 -1.99 6.46 8.47
CA ARG A 26 -1.31 5.27 8.96
C ARG A 26 0.20 5.35 8.74
N GLY A 27 0.72 6.55 8.47
CA GLY A 27 2.15 6.73 8.20
C GLY A 27 3.04 6.08 9.24
N LEU A 28 2.54 6.01 10.47
CA LEU A 28 3.27 5.39 11.56
C LEU A 28 3.70 3.98 11.22
N THR A 29 2.85 3.23 10.49
CA THR A 29 3.14 1.83 10.19
C THR A 29 4.35 1.69 9.28
N ALA A 30 4.53 2.65 8.38
CA ALA A 30 5.68 2.64 7.48
C ALA A 30 6.95 2.87 8.28
N LYS A 31 6.88 3.83 9.20
CA LYS A 31 8.00 4.18 10.04
C LYS A 31 8.32 3.05 11.01
N GLN A 32 7.30 2.34 11.47
CA GLN A 32 7.50 1.20 12.37
C GLN A 32 8.20 0.07 11.63
N LEU A 33 7.87 -0.06 10.36
CA LEU A 33 8.40 -1.13 9.55
C LEU A 33 9.91 -0.94 9.37
N GLU A 34 10.34 0.27 9.07
CA GLU A 34 11.76 0.52 8.89
C GLU A 34 12.49 0.50 10.23
N ALA A 35 11.84 1.04 11.25
CA ALA A 35 12.43 1.10 12.58
C ALA A 35 12.59 -0.30 13.19
N GLU A 36 11.58 -1.15 13.03
CA GLU A 36 11.59 -2.46 13.66
C GLU A 36 12.15 -3.55 12.76
N THR A 37 11.70 -3.61 11.50
CA THR A 37 12.10 -4.71 10.64
C THR A 37 13.48 -4.48 10.05
N GLY A 38 13.87 -3.21 9.96
CA GLY A 38 15.11 -2.86 9.29
C GLY A 38 14.87 -2.60 7.81
N CYS A 39 13.65 -2.80 7.38
CA CYS A 39 13.26 -2.57 6.01
C CYS A 39 12.63 -1.21 5.85
N LYS A 40 13.27 -0.40 5.04
CA LYS A 40 12.72 0.90 4.74
C LYS A 40 11.70 0.72 3.63
N ILE A 41 10.44 0.56 4.01
CA ILE A 41 9.38 0.45 3.03
C ILE A 41 9.01 1.83 2.52
N MET A 42 9.25 2.05 1.24
CA MET A 42 9.04 3.34 0.64
C MET A 42 7.94 3.27 -0.40
N VAL A 43 7.03 4.21 -0.35
CA VAL A 43 6.06 4.39 -1.40
C VAL A 43 6.72 5.01 -2.61
N ARG A 44 6.37 4.52 -3.77
CA ARG A 44 7.01 4.89 -5.01
C ARG A 44 5.96 5.29 -6.02
N GLY A 45 6.36 6.04 -7.03
CA GLY A 45 5.40 6.62 -7.94
C GLY A 45 4.86 7.92 -7.38
N LYS A 46 3.89 8.50 -8.05
CA LYS A 46 3.27 9.71 -7.53
C LYS A 46 2.52 9.39 -6.25
N GLY A 47 2.52 10.34 -5.35
CA GLY A 47 2.15 10.08 -4.00
C GLY A 47 3.38 10.19 -3.14
N SER A 48 4.52 10.04 -3.81
CA SER A 48 5.80 10.35 -3.23
C SER A 48 6.05 11.86 -3.34
N MET A 49 5.03 12.54 -3.87
CA MET A 49 5.09 13.94 -4.27
C MET A 49 4.14 14.75 -3.40
N ARG A 50 3.95 14.24 -2.23
CA ARG A 50 2.92 14.69 -1.31
C ARG A 50 3.43 15.74 -0.32
N ASP A 51 4.74 15.80 -0.12
CA ASP A 51 5.27 16.60 0.97
C ASP A 51 5.74 17.92 0.42
N LYS A 52 4.97 18.97 0.66
CA LYS A 52 5.29 20.29 0.14
C LYS A 52 6.66 20.72 0.62
N LYS A 53 6.97 20.38 1.85
CA LYS A 53 8.28 20.65 2.39
C LYS A 53 9.35 19.89 1.63
N LYS A 54 9.10 18.61 1.35
CA LYS A 54 10.09 17.79 0.66
C LYS A 54 10.35 18.32 -0.74
N GLU A 55 9.29 18.65 -1.46
CA GLU A 55 9.43 19.13 -2.84
C GLU A 55 10.09 20.50 -2.89
N GLU A 56 10.05 21.22 -1.79
CA GLU A 56 10.70 22.51 -1.73
C GLU A 56 12.19 22.37 -1.42
N GLN A 57 12.51 21.69 -0.33
CA GLN A 57 13.90 21.67 0.15
C GLN A 57 14.62 20.35 -0.11
N ASN A 58 13.87 19.24 -0.13
CA ASN A 58 14.49 17.92 -0.26
C ASN A 58 14.11 17.30 -1.62
N ARG A 59 13.71 18.18 -2.53
CA ARG A 59 13.36 17.83 -3.90
C ARG A 59 14.50 17.11 -4.62
N GLY A 60 14.16 16.41 -5.70
CA GLY A 60 15.17 15.68 -6.46
C GLY A 60 15.55 14.35 -5.82
N LYS A 61 15.19 14.19 -4.56
CA LYS A 61 15.49 12.95 -3.82
C LYS A 61 14.57 11.79 -4.25
N PRO A 62 14.92 10.56 -3.82
CA PRO A 62 14.18 9.31 -4.04
C PRO A 62 12.68 9.37 -4.32
N ASN A 63 11.96 10.25 -3.68
CA ASN A 63 10.52 10.27 -3.84
C ASN A 63 10.17 10.92 -5.15
N TRP A 64 10.99 11.87 -5.51
CA TRP A 64 10.87 12.61 -6.73
C TRP A 64 11.62 11.85 -7.81
N GLU A 65 12.56 11.04 -7.34
CA GLU A 65 13.23 10.05 -8.16
C GLU A 65 12.22 9.07 -8.75
N HIS A 66 11.49 8.41 -7.85
CA HIS A 66 10.50 7.43 -8.26
C HIS A 66 9.14 8.07 -8.46
N LEU A 67 9.05 9.39 -8.32
CA LEU A 67 7.83 10.14 -8.63
C LEU A 67 7.41 9.85 -10.06
N ASN A 68 8.41 9.46 -10.84
CA ASN A 68 8.25 9.26 -12.27
C ASN A 68 7.74 7.86 -12.55
N GLU A 69 7.39 7.16 -11.47
CA GLU A 69 6.77 5.84 -11.55
C GLU A 69 5.28 5.95 -11.26
N ASP A 70 4.60 4.82 -11.20
CA ASP A 70 3.22 4.78 -10.75
C ASP A 70 3.17 4.26 -9.33
N LEU A 71 2.25 4.80 -8.54
CA LEU A 71 2.21 4.55 -7.12
C LEU A 71 2.20 3.07 -6.78
N HIS A 72 3.23 2.64 -6.09
CA HIS A 72 3.29 1.29 -5.55
C HIS A 72 4.03 1.32 -4.23
N VAL A 73 3.92 0.25 -3.46
CA VAL A 73 4.61 0.20 -2.18
C VAL A 73 5.80 -0.73 -2.30
N LEU A 74 6.91 -0.33 -1.72
CA LEU A 74 8.14 -1.08 -1.89
C LEU A 74 8.84 -1.27 -0.57
N ILE A 75 8.94 -2.52 -0.17
CA ILE A 75 9.75 -2.87 0.97
C ILE A 75 11.19 -3.01 0.54
N THR A 76 11.99 -2.06 0.93
CA THR A 76 13.41 -2.07 0.64
C THR A 76 14.20 -2.48 1.86
N VAL A 77 14.86 -3.61 1.78
CA VAL A 77 15.70 -4.05 2.88
C VAL A 77 17.14 -4.16 2.43
N GLU A 78 18.04 -3.55 3.19
CA GLU A 78 19.45 -3.67 2.91
C GLU A 78 20.08 -4.67 3.86
N ASP A 79 20.11 -5.93 3.43
CA ASP A 79 20.68 -7.03 4.21
C ASP A 79 20.37 -8.35 3.50
N ALA A 80 21.07 -9.41 3.89
CA ALA A 80 20.88 -10.71 3.26
C ALA A 80 20.00 -11.64 4.10
N GLN A 81 19.76 -11.28 5.36
CA GLN A 81 19.05 -12.16 6.28
C GLN A 81 17.59 -12.37 5.89
N ASN A 82 17.20 -13.65 5.84
CA ASN A 82 15.81 -14.02 5.64
C ASN A 82 14.95 -13.47 6.78
N ARG A 83 15.54 -13.39 7.97
CA ARG A 83 14.85 -12.81 9.12
C ARG A 83 14.39 -11.39 8.82
N ALA A 84 15.18 -10.65 8.07
CA ALA A 84 14.86 -9.28 7.73
C ALA A 84 13.70 -9.24 6.76
N GLU A 85 13.84 -9.96 5.64
CA GLU A 85 12.79 -9.99 4.64
C GLU A 85 11.50 -10.59 5.20
N LEU A 86 11.64 -11.54 6.12
CA LEU A 86 10.48 -12.14 6.77
C LEU A 86 9.72 -11.11 7.60
N LYS A 87 10.47 -10.25 8.26
CA LYS A 87 9.88 -9.24 9.11
C LYS A 87 9.18 -8.17 8.28
N LEU A 88 9.82 -7.75 7.19
CA LEU A 88 9.23 -6.76 6.30
C LEU A 88 8.03 -7.32 5.54
N LYS A 89 8.12 -8.58 5.11
CA LYS A 89 7.06 -9.17 4.30
C LYS A 89 5.78 -9.31 5.12
N ARG A 90 5.92 -9.63 6.40
CA ARG A 90 4.75 -9.80 7.26
C ARG A 90 4.08 -8.45 7.49
N ALA A 91 4.89 -7.42 7.73
CA ALA A 91 4.38 -6.07 7.96
C ALA A 91 3.79 -5.51 6.68
N VAL A 92 4.47 -5.71 5.57
CA VAL A 92 4.01 -5.21 4.29
C VAL A 92 2.76 -5.95 3.83
N GLU A 93 2.62 -7.21 4.24
CA GLU A 93 1.42 -7.96 3.96
C GLU A 93 0.21 -7.36 4.67
N GLU A 94 0.42 -6.84 5.86
CA GLU A 94 -0.61 -6.08 6.54
C GLU A 94 -0.88 -4.77 5.79
N VAL A 95 0.16 -4.22 5.17
CA VAL A 95 -0.03 -3.08 4.27
C VAL A 95 -0.84 -3.52 3.06
N LYS A 96 -0.59 -4.74 2.57
CA LYS A 96 -1.39 -5.31 1.49
C LYS A 96 -2.87 -5.32 1.86
N LYS A 97 -3.16 -5.44 3.14
CA LYS A 97 -4.52 -5.36 3.63
C LYS A 97 -4.97 -3.90 3.64
N LEU A 98 -4.00 -2.99 3.72
CA LEU A 98 -4.28 -1.56 3.77
C LEU A 98 -4.37 -0.91 2.38
N LEU A 99 -3.50 -1.27 1.43
CA LEU A 99 -3.46 -0.60 0.12
C LEU A 99 -4.66 -1.00 -0.76
N VAL A 100 -5.78 -1.28 -0.13
CA VAL A 100 -6.99 -1.66 -0.82
C VAL A 100 -7.98 -0.50 -0.80
N PRO A 101 -8.57 -0.15 -1.97
CA PRO A 101 -9.53 0.95 -2.10
C PRO A 101 -10.73 0.81 -1.15
N ALA A 102 -11.00 -0.42 -0.74
CA ALA A 102 -12.03 -0.71 0.27
C ALA A 102 -13.44 -0.41 -0.26
N ALA A 103 -14.40 -0.40 0.66
CA ALA A 103 -15.82 -0.17 0.35
C ALA A 103 -16.30 -1.14 -0.74
N GLU A 104 -16.50 -0.63 -1.96
CA GLU A 104 -16.89 -1.44 -3.11
C GLU A 104 -18.35 -1.88 -3.08
N GLY A 105 -18.95 -1.88 -4.26
CA GLY A 105 -20.22 -2.55 -4.45
C GLY A 105 -21.39 -1.82 -3.84
N GLU A 106 -21.78 -2.26 -2.66
CA GLU A 106 -23.06 -1.89 -2.08
C GLU A 106 -23.24 -0.37 -1.98
N ASP A 107 -22.28 0.30 -1.38
CA ASP A 107 -22.38 1.74 -1.17
C ASP A 107 -21.87 2.48 -2.38
N SER A 108 -20.93 1.87 -3.05
CA SER A 108 -20.33 2.44 -4.22
C SER A 108 -21.35 2.66 -5.33
N LEU A 109 -22.16 1.65 -5.59
CA LEU A 109 -23.15 1.72 -6.68
C LEU A 109 -24.03 2.95 -6.56
N LYS A 110 -24.55 3.18 -5.36
CA LYS A 110 -25.44 4.32 -5.12
C LYS A 110 -24.66 5.63 -5.11
N LYS A 111 -23.52 5.62 -4.43
CA LYS A 111 -22.66 6.80 -4.32
C LYS A 111 -22.18 7.23 -5.71
N MET A 112 -21.85 6.24 -6.53
CA MET A 112 -21.31 6.48 -7.86
C MET A 112 -22.38 6.92 -8.84
N LYS A 113 -23.58 6.40 -8.70
CA LYS A 113 -24.67 6.80 -9.58
C LYS A 113 -25.14 8.22 -9.25
N LEU A 114 -25.15 8.57 -7.98
CA LEU A 114 -25.64 9.85 -7.58
C LEU A 114 -24.56 10.93 -7.70
N MET A 115 -23.51 10.82 -6.89
CA MET A 115 -22.51 11.88 -6.84
C MET A 115 -21.33 11.60 -7.75
N GLU A 116 -20.73 10.41 -7.62
CA GLU A 116 -19.50 10.07 -8.36
C GLU A 116 -19.73 10.13 -9.88
N LEU A 117 -21.01 10.24 -10.26
CA LEU A 117 -21.40 10.35 -11.65
C LEU A 117 -20.90 11.69 -12.21
N ALA A 118 -20.81 12.68 -11.34
CA ALA A 118 -20.33 13.99 -11.74
C ALA A 118 -19.37 14.55 -10.71
N ILE A 119 -19.87 14.73 -9.48
CA ILE A 119 -19.12 15.30 -8.36
C ILE A 119 -18.88 16.79 -8.60
N LEU A 120 -18.21 17.10 -9.70
CA LEU A 120 -17.95 18.47 -10.09
C LEU A 120 -19.19 19.05 -10.74
N ASN A 121 -20.10 19.48 -9.89
CA ASN A 121 -21.38 20.05 -10.34
C ASN A 121 -21.24 21.53 -10.61
N GLY A 122 -20.02 21.96 -10.90
CA GLY A 122 -19.74 23.36 -11.09
C GLY A 122 -18.71 23.82 -10.09
N THR A 123 -18.46 22.96 -9.11
CA THR A 123 -17.45 23.20 -8.11
C THR A 123 -16.11 22.61 -8.57
N TYR A 124 -15.06 22.90 -7.85
CA TYR A 124 -13.70 22.57 -8.27
C TYR A 124 -12.78 22.30 -7.10
N ARG A 125 -12.27 21.09 -7.05
CA ARG A 125 -11.07 20.84 -6.27
C ARG A 125 -9.98 21.67 -6.93
N ASP A 126 -9.68 21.33 -8.19
CA ASP A 126 -8.91 22.19 -9.07
C ASP A 126 -8.71 21.53 -10.41
N ALA A 127 -8.96 22.30 -11.48
CA ALA A 127 -9.01 21.81 -12.86
C ALA A 127 -10.23 20.93 -13.07
N ASN A 128 -10.74 20.47 -11.95
CA ASN A 128 -12.01 19.81 -11.85
C ASN A 128 -13.14 20.73 -12.27
N LEU A 129 -12.81 22.02 -12.36
CA LEU A 129 -13.77 23.04 -12.81
C LEU A 129 -14.05 22.93 -14.31
N LYS A 130 -13.94 21.73 -14.84
CA LYS A 130 -14.17 21.46 -16.24
C LYS A 130 -15.66 21.24 -16.51
N SER A 131 -15.96 20.70 -17.69
CA SER A 131 -17.32 20.34 -18.03
C SER A 131 -17.66 18.96 -17.46
N PRO A 132 -18.85 18.83 -16.83
CA PRO A 132 -19.28 17.59 -16.14
C PRO A 132 -19.65 16.46 -17.10
N ALA A 133 -18.95 16.39 -18.23
CA ALA A 133 -19.16 15.31 -19.19
C ALA A 133 -17.83 14.88 -19.81
N LEU A 134 -16.75 15.45 -19.29
CA LEU A 134 -15.43 15.16 -19.80
C LEU A 134 -14.67 14.26 -18.83
N HIS A 135 -14.46 14.68 -17.68
N GLN A 1 20.70 -5.78 -2.48
CA GLN A 1 19.53 -5.57 -1.60
C GLN A 1 18.29 -6.17 -2.24
N LEU A 2 17.23 -6.26 -1.48
CA LEU A 2 15.97 -6.72 -2.02
C LEU A 2 14.96 -5.60 -1.97
N GLN A 3 14.24 -5.40 -3.06
CA GLN A 3 13.11 -4.52 -3.05
C GLN A 3 11.88 -5.31 -3.45
N GLU A 4 10.81 -5.17 -2.70
CA GLU A 4 9.56 -5.77 -3.09
C GLU A 4 8.54 -4.68 -3.30
N LYS A 5 8.04 -4.58 -4.51
CA LYS A 5 7.13 -3.52 -4.83
C LYS A 5 5.73 -4.08 -4.98
N LEU A 6 4.86 -3.62 -4.12
CA LEU A 6 3.48 -4.03 -4.14
C LEU A 6 2.70 -2.94 -4.85
N TYR A 7 2.47 -3.15 -6.13
CA TYR A 7 1.94 -2.11 -7.00
C TYR A 7 0.46 -1.89 -6.80
N VAL A 8 0.10 -0.63 -6.69
CA VAL A 8 -1.28 -0.21 -6.67
C VAL A 8 -1.48 0.87 -7.73
N PRO A 9 -2.21 0.55 -8.79
CA PRO A 9 -2.35 1.47 -9.90
C PRO A 9 -3.22 2.67 -9.53
N VAL A 10 -2.56 3.73 -9.12
CA VAL A 10 -3.24 4.95 -8.70
C VAL A 10 -4.01 5.56 -9.87
N LYS A 11 -3.52 5.27 -11.08
CA LYS A 11 -4.18 5.71 -12.29
C LYS A 11 -5.47 4.93 -12.50
N GLU A 12 -5.54 3.75 -11.90
CA GLU A 12 -6.75 2.93 -11.93
C GLU A 12 -7.74 3.42 -10.90
N TYR A 13 -7.24 3.88 -9.77
CA TYR A 13 -8.08 4.37 -8.70
C TYR A 13 -7.70 5.81 -8.36
N PRO A 14 -8.07 6.77 -9.22
CA PRO A 14 -7.76 8.18 -8.97
C PRO A 14 -8.55 8.71 -7.77
N ASP A 15 -9.62 8.01 -7.44
CA ASP A 15 -10.48 8.40 -6.33
C ASP A 15 -10.03 7.74 -5.04
N PHE A 16 -9.17 6.73 -5.16
CA PHE A 16 -8.62 6.08 -3.99
C PHE A 16 -7.18 6.47 -3.82
N ASN A 17 -6.94 7.29 -2.83
CA ASN A 17 -5.62 7.76 -2.52
C ASN A 17 -4.85 6.71 -1.73
N PHE A 18 -4.13 5.83 -2.42
CA PHE A 18 -3.35 4.81 -1.74
C PHE A 18 -2.36 5.44 -0.78
N VAL A 19 -1.74 6.54 -1.19
CA VAL A 19 -0.84 7.27 -0.31
C VAL A 19 -1.60 7.87 0.88
N GLY A 20 -2.70 8.56 0.61
CA GLY A 20 -3.51 9.11 1.69
C GLY A 20 -4.15 8.01 2.53
N ARG A 21 -4.10 6.79 2.00
CA ARG A 21 -4.59 5.62 2.70
C ARG A 21 -3.46 4.98 3.52
N ILE A 22 -2.28 4.91 2.95
CA ILE A 22 -1.17 4.21 3.57
C ILE A 22 -0.31 5.11 4.47
N LEU A 23 0.23 6.18 3.92
CA LEU A 23 1.13 7.04 4.68
C LEU A 23 0.48 8.36 5.10
N GLY A 24 -0.67 8.67 4.48
CA GLY A 24 -1.34 9.95 4.72
C GLY A 24 -1.45 10.33 6.18
N PRO A 25 -2.44 9.82 6.90
CA PRO A 25 -2.57 10.04 8.34
C PRO A 25 -1.84 8.98 9.16
N ARG A 26 -1.50 7.87 8.52
CA ARG A 26 -0.95 6.72 9.22
C ARG A 26 0.45 6.36 8.74
N GLY A 27 1.21 7.37 8.30
CA GLY A 27 2.59 7.15 7.89
C GLY A 27 3.44 6.52 8.98
N LEU A 28 2.92 6.58 10.21
CA LEU A 28 3.56 5.95 11.36
C LEU A 28 3.93 4.51 11.07
N THR A 29 3.05 3.80 10.37
CA THR A 29 3.26 2.39 10.09
C THR A 29 4.51 2.19 9.24
N ALA A 30 4.71 3.05 8.24
CA ALA A 30 5.88 2.92 7.36
C ALA A 30 7.16 3.08 8.16
N LYS A 31 7.13 4.05 9.06
CA LYS A 31 8.26 4.32 9.93
C LYS A 31 8.56 3.13 10.82
N GLN A 32 7.50 2.52 11.33
CA GLN A 32 7.64 1.39 12.24
C GLN A 32 8.26 0.20 11.53
N LEU A 33 7.89 0.01 10.28
CA LEU A 33 8.34 -1.16 9.54
C LEU A 33 9.83 -1.07 9.31
N GLU A 34 10.34 0.09 8.91
CA GLU A 34 11.76 0.20 8.65
C GLU A 34 12.55 0.15 9.93
N ALA A 35 12.01 0.78 10.96
CA ALA A 35 12.68 0.82 12.25
C ALA A 35 12.76 -0.57 12.87
N GLU A 36 11.67 -1.33 12.79
CA GLU A 36 11.59 -2.63 13.45
C GLU A 36 12.10 -3.77 12.57
N THR A 37 11.60 -3.86 11.34
CA THR A 37 11.83 -5.04 10.51
C THR A 37 13.24 -5.09 9.92
N GLY A 38 13.87 -3.93 9.81
CA GLY A 38 15.17 -3.84 9.16
C GLY A 38 15.04 -3.60 7.68
N CYS A 39 13.81 -3.39 7.23
CA CYS A 39 13.58 -2.86 5.91
C CYS A 39 13.64 -1.36 6.00
N LYS A 40 13.57 -0.73 4.87
CA LYS A 40 13.21 0.64 4.80
C LYS A 40 12.12 0.73 3.76
N ILE A 41 10.88 0.64 4.21
CA ILE A 41 9.77 0.62 3.28
C ILE A 41 9.45 2.02 2.82
N MET A 42 9.67 2.25 1.55
CA MET A 42 9.45 3.54 0.98
C MET A 42 8.30 3.45 0.02
N VAL A 43 7.38 4.38 0.14
CA VAL A 43 6.30 4.43 -0.80
C VAL A 43 6.80 5.11 -2.05
N ARG A 44 6.49 4.54 -3.18
CA ARG A 44 7.01 5.02 -4.44
C ARG A 44 5.87 5.29 -5.39
N GLY A 45 6.13 5.99 -6.47
CA GLY A 45 5.06 6.34 -7.37
C GLY A 45 4.39 7.63 -6.95
N LYS A 46 3.24 7.85 -7.54
CA LYS A 46 2.51 9.08 -7.36
C LYS A 46 1.99 9.28 -5.94
N GLY A 47 2.51 10.29 -5.25
CA GLY A 47 1.88 10.70 -4.01
C GLY A 47 2.80 10.58 -2.82
N SER A 48 3.92 9.92 -3.02
CA SER A 48 4.95 9.81 -2.00
C SER A 48 5.59 11.17 -1.73
N MET A 49 5.20 12.18 -2.51
CA MET A 49 5.98 13.39 -2.64
C MET A 49 5.33 14.65 -2.06
N ARG A 50 4.06 14.89 -2.36
CA ARG A 50 3.46 16.21 -2.16
C ARG A 50 3.05 16.51 -0.72
N ASP A 51 3.69 15.87 0.23
CA ASP A 51 3.52 16.26 1.62
C ASP A 51 4.05 17.68 1.78
N LYS A 52 3.36 18.50 2.57
CA LYS A 52 3.60 19.94 2.57
C LYS A 52 5.07 20.28 2.82
N LYS A 53 5.67 19.58 3.75
CA LYS A 53 7.06 19.82 4.08
C LYS A 53 7.97 19.42 2.92
N LYS A 54 7.69 18.28 2.33
CA LYS A 54 8.52 17.76 1.27
C LYS A 54 8.45 18.64 0.05
N GLU A 55 7.26 18.93 -0.43
CA GLU A 55 7.09 19.73 -1.63
C GLU A 55 7.72 21.12 -1.49
N GLU A 56 7.87 21.60 -0.26
CA GLU A 56 8.48 22.91 -0.04
C GLU A 56 10.00 22.81 -0.05
N GLN A 57 10.55 22.00 0.83
CA GLN A 57 11.99 21.96 1.05
C GLN A 57 12.62 20.69 0.47
N ASN A 58 11.94 19.57 0.68
CA ASN A 58 12.39 18.27 0.26
C ASN A 58 11.95 18.01 -1.17
N ARG A 59 11.60 19.08 -1.86
CA ARG A 59 11.20 19.00 -3.25
C ARG A 59 12.35 18.49 -4.11
N GLY A 60 12.00 17.72 -5.12
CA GLY A 60 12.98 17.15 -6.03
C GLY A 60 13.70 15.93 -5.44
N LYS A 61 13.38 15.60 -4.20
CA LYS A 61 14.00 14.47 -3.50
C LYS A 61 13.24 13.18 -3.79
N PRO A 62 13.80 12.00 -3.40
CA PRO A 62 13.28 10.64 -3.68
C PRO A 62 11.78 10.48 -3.96
N ASN A 63 10.94 11.26 -3.34
CA ASN A 63 9.50 11.16 -3.55
C ASN A 63 9.16 11.61 -4.94
N TRP A 64 9.92 12.58 -5.42
CA TRP A 64 9.80 13.10 -6.76
C TRP A 64 10.71 12.30 -7.68
N GLU A 65 11.65 11.59 -7.05
CA GLU A 65 12.53 10.67 -7.75
C GLU A 65 11.73 9.48 -8.27
N HIS A 66 10.99 8.85 -7.38
CA HIS A 66 10.14 7.72 -7.75
C HIS A 66 8.74 8.18 -8.10
N LEU A 67 8.52 9.50 -8.05
CA LEU A 67 7.26 10.10 -8.51
C LEU A 67 7.03 9.74 -9.97
N ASN A 68 8.09 9.36 -10.63
CA ASN A 68 8.05 9.09 -12.05
C ASN A 68 7.63 7.64 -12.29
N GLU A 69 7.25 6.98 -11.23
CA GLU A 69 6.71 5.61 -11.29
C GLU A 69 5.20 5.63 -11.02
N ASP A 70 4.57 4.49 -11.18
CA ASP A 70 3.18 4.30 -10.76
C ASP A 70 3.17 4.01 -9.27
N LEU A 71 2.16 4.52 -8.59
CA LEU A 71 2.09 4.43 -7.13
C LEU A 71 2.23 2.98 -6.66
N HIS A 72 3.24 2.72 -5.86
CA HIS A 72 3.40 1.42 -5.24
C HIS A 72 4.08 1.55 -3.89
N VAL A 73 3.97 0.53 -3.06
CA VAL A 73 4.70 0.50 -1.80
C VAL A 73 5.88 -0.45 -1.95
N LEU A 74 7.00 -0.09 -1.37
CA LEU A 74 8.22 -0.85 -1.58
C LEU A 74 8.94 -1.09 -0.29
N ILE A 75 9.00 -2.34 0.10
CA ILE A 75 9.86 -2.72 1.20
C ILE A 75 11.26 -2.95 0.67
N THR A 76 12.14 -2.04 1.01
CA THR A 76 13.53 -2.13 0.61
C THR A 76 14.37 -2.63 1.77
N VAL A 77 14.83 -3.86 1.67
CA VAL A 77 15.67 -4.41 2.70
C VAL A 77 17.03 -4.74 2.14
N GLU A 78 18.06 -4.24 2.80
CA GLU A 78 19.40 -4.65 2.47
C GLU A 78 19.60 -6.01 3.09
N ASP A 79 19.34 -7.03 2.29
CA ASP A 79 19.09 -8.37 2.79
C ASP A 79 20.28 -8.94 3.52
N ALA A 80 20.03 -9.33 4.76
CA ALA A 80 20.99 -10.07 5.54
C ALA A 80 20.62 -11.54 5.51
N GLN A 81 19.32 -11.80 5.64
CA GLN A 81 18.83 -13.17 5.75
C GLN A 81 17.31 -13.21 5.63
N ASN A 82 16.75 -14.42 5.58
CA ASN A 82 15.31 -14.61 5.48
C ASN A 82 14.58 -13.89 6.61
N ARG A 83 15.17 -13.91 7.81
CA ARG A 83 14.56 -13.26 8.97
C ARG A 83 14.31 -11.78 8.69
N ALA A 84 15.18 -11.16 7.91
CA ALA A 84 15.00 -9.77 7.54
C ALA A 84 13.77 -9.62 6.67
N GLU A 85 13.81 -10.24 5.49
CA GLU A 85 12.72 -10.06 4.53
C GLU A 85 11.40 -10.57 5.10
N LEU A 86 11.47 -11.60 5.93
CA LEU A 86 10.29 -12.19 6.54
C LEU A 86 9.57 -11.18 7.43
N LYS A 87 10.36 -10.41 8.16
CA LYS A 87 9.81 -9.45 9.10
C LYS A 87 9.14 -8.30 8.36
N LEU A 88 9.81 -7.78 7.33
CA LEU A 88 9.27 -6.67 6.54
C LEU A 88 8.10 -7.12 5.66
N LYS A 89 8.15 -8.35 5.15
CA LYS A 89 7.10 -8.83 4.28
C LYS A 89 5.79 -8.99 5.06
N ARG A 90 5.87 -9.39 6.32
CA ARG A 90 4.67 -9.50 7.15
C ARG A 90 4.11 -8.11 7.46
N ALA A 91 5.00 -7.16 7.70
CA ALA A 91 4.59 -5.79 7.98
C ALA A 91 4.00 -5.14 6.74
N VAL A 92 4.64 -5.37 5.61
CA VAL A 92 4.16 -4.86 4.35
C VAL A 92 2.86 -5.54 3.94
N GLU A 93 2.66 -6.77 4.43
CA GLU A 93 1.40 -7.48 4.24
C GLU A 93 0.27 -6.77 4.95
N GLU A 94 0.57 -6.13 6.07
CA GLU A 94 -0.40 -5.28 6.75
C GLU A 94 -0.79 -4.15 5.79
N VAL A 95 0.22 -3.58 5.13
CA VAL A 95 -0.03 -2.59 4.08
C VAL A 95 -0.86 -3.19 2.96
N LYS A 96 -0.59 -4.44 2.61
CA LYS A 96 -1.32 -5.11 1.55
C LYS A 96 -2.82 -5.16 1.83
N LYS A 97 -3.20 -5.18 3.10
CA LYS A 97 -4.61 -5.12 3.46
C LYS A 97 -5.12 -3.68 3.35
N LEU A 98 -4.23 -2.73 3.60
CA LEU A 98 -4.57 -1.31 3.55
C LEU A 98 -4.57 -0.78 2.11
N LEU A 99 -3.63 -1.23 1.29
CA LEU A 99 -3.51 -0.74 -0.09
C LEU A 99 -4.63 -1.27 -0.98
N VAL A 100 -5.61 -1.92 -0.38
CA VAL A 100 -6.79 -2.35 -1.11
C VAL A 100 -7.70 -1.14 -1.36
N PRO A 101 -8.05 -0.90 -2.63
CA PRO A 101 -8.87 0.26 -3.06
C PRO A 101 -10.34 0.16 -2.63
N ALA A 102 -10.58 -0.62 -1.59
CA ALA A 102 -11.89 -0.75 -0.98
C ALA A 102 -12.48 0.61 -0.63
N ALA A 103 -13.41 1.08 -1.45
CA ALA A 103 -14.08 2.33 -1.20
C ALA A 103 -15.28 2.12 -0.28
N GLU A 104 -15.71 0.87 -0.21
CA GLU A 104 -16.83 0.50 0.63
C GLU A 104 -16.53 -0.83 1.31
N GLY A 105 -17.52 -1.39 2.00
CA GLY A 105 -17.35 -2.68 2.63
C GLY A 105 -16.90 -3.74 1.64
N GLU A 106 -15.73 -4.33 1.91
CA GLU A 106 -15.12 -5.28 0.99
C GLU A 106 -16.08 -6.41 0.61
N ASP A 107 -16.14 -6.71 -0.67
CA ASP A 107 -17.02 -7.75 -1.19
C ASP A 107 -16.59 -9.12 -0.69
N SER A 108 -15.34 -9.23 -0.30
CA SER A 108 -14.81 -10.46 0.27
C SER A 108 -15.53 -10.78 1.58
N LEU A 109 -15.95 -9.74 2.27
CA LEU A 109 -16.62 -9.88 3.55
C LEU A 109 -17.96 -10.59 3.38
N LYS A 110 -18.63 -10.28 2.28
CA LYS A 110 -19.93 -10.87 1.98
C LYS A 110 -19.78 -12.21 1.28
N LYS A 111 -18.91 -12.23 0.27
CA LYS A 111 -18.73 -13.42 -0.56
C LYS A 111 -18.19 -14.58 0.27
N MET A 112 -17.32 -14.27 1.23
CA MET A 112 -16.77 -15.28 2.12
C MET A 112 -17.82 -15.79 3.08
N LYS A 113 -18.77 -14.96 3.43
CA LYS A 113 -19.85 -15.39 4.31
C LYS A 113 -20.76 -16.35 3.56
N LEU A 114 -20.93 -16.10 2.28
CA LEU A 114 -21.81 -16.91 1.46
C LEU A 114 -21.12 -18.22 1.03
N MET A 115 -20.05 -18.08 0.26
CA MET A 115 -19.41 -19.24 -0.37
C MET A 115 -18.27 -19.80 0.48
N GLU A 116 -17.41 -18.93 0.97
CA GLU A 116 -16.19 -19.36 1.65
C GLU A 116 -16.50 -19.92 3.04
N LEU A 117 -17.71 -19.65 3.52
CA LEU A 117 -18.13 -20.09 4.84
C LEU A 117 -18.32 -21.60 4.84
N ALA A 118 -19.21 -22.05 3.96
CA ALA A 118 -19.58 -23.46 3.84
C ALA A 118 -20.68 -23.61 2.81
N ILE A 119 -21.44 -22.52 2.62
CA ILE A 119 -22.58 -22.48 1.71
C ILE A 119 -23.77 -23.28 2.27
N LEU A 120 -23.48 -24.51 2.66
CA LEU A 120 -24.45 -25.48 3.11
C LEU A 120 -25.57 -25.71 2.09
N ASN A 121 -25.56 -26.90 1.51
CA ASN A 121 -26.49 -27.26 0.47
C ASN A 121 -26.55 -28.79 0.38
N GLY A 122 -27.10 -29.30 -0.71
CA GLY A 122 -27.27 -30.73 -0.88
C GLY A 122 -25.97 -31.52 -0.81
N THR A 123 -24.84 -30.87 -1.03
CA THR A 123 -23.54 -31.54 -0.97
C THR A 123 -23.26 -32.06 0.44
N TYR A 124 -23.24 -31.15 1.41
CA TYR A 124 -22.94 -31.50 2.79
C TYR A 124 -23.96 -30.90 3.74
N ARG A 125 -24.91 -31.71 4.19
CA ARG A 125 -25.79 -31.32 5.28
C ARG A 125 -25.10 -31.65 6.59
N ASP A 126 -24.02 -32.41 6.46
CA ASP A 126 -23.22 -32.87 7.56
C ASP A 126 -22.87 -31.72 8.50
N ALA A 127 -22.23 -30.68 7.97
CA ALA A 127 -21.75 -29.57 8.78
C ALA A 127 -22.88 -28.62 9.17
N ASN A 128 -24.10 -28.92 8.73
CA ASN A 128 -25.26 -28.14 9.11
C ASN A 128 -25.80 -28.64 10.45
N LEU A 129 -25.91 -29.96 10.56
CA LEU A 129 -26.39 -30.58 11.78
C LEU A 129 -25.25 -30.82 12.76
N LYS A 130 -24.03 -30.90 12.24
CA LYS A 130 -22.86 -31.12 13.08
C LYS A 130 -22.49 -29.86 13.86
N SER A 131 -22.81 -29.87 15.13
CA SER A 131 -22.41 -28.80 16.03
C SER A 131 -21.02 -29.11 16.58
N PRO A 132 -20.15 -28.09 16.76
CA PRO A 132 -18.79 -28.27 17.29
C PRO A 132 -18.78 -28.66 18.77
N ALA A 133 -19.88 -29.21 19.25
CA ALA A 133 -20.03 -29.59 20.63
C ALA A 133 -20.87 -30.87 20.75
N LEU A 134 -20.85 -31.68 19.70
CA LEU A 134 -21.58 -32.95 19.71
C LEU A 134 -20.80 -33.99 20.50
N HIS A 135 -21.01 -34.08 21.72
N GLN A 1 21.14 -4.98 -2.29
CA GLN A 1 19.97 -5.08 -1.38
C GLN A 1 18.82 -5.75 -2.09
N LEU A 2 17.72 -5.93 -1.39
CA LEU A 2 16.54 -6.51 -1.98
C LEU A 2 15.40 -5.51 -1.88
N GLN A 3 14.70 -5.32 -2.98
CA GLN A 3 13.51 -4.50 -2.98
C GLN A 3 12.34 -5.32 -3.48
N GLU A 4 11.23 -5.26 -2.77
CA GLU A 4 10.02 -5.91 -3.24
C GLU A 4 8.97 -4.85 -3.49
N LYS A 5 8.45 -4.83 -4.71
CA LYS A 5 7.52 -3.80 -5.10
C LYS A 5 6.14 -4.39 -5.22
N LEU A 6 5.25 -3.92 -4.39
CA LEU A 6 3.89 -4.37 -4.41
C LEU A 6 3.03 -3.27 -5.01
N TYR A 7 2.76 -3.41 -6.29
CA TYR A 7 2.11 -2.35 -7.05
C TYR A 7 0.64 -2.22 -6.70
N VAL A 8 0.22 -0.99 -6.60
CA VAL A 8 -1.16 -0.66 -6.41
C VAL A 8 -1.50 0.50 -7.34
N PRO A 9 -2.28 0.23 -8.38
CA PRO A 9 -2.39 1.16 -9.49
C PRO A 9 -3.23 2.39 -9.15
N VAL A 10 -2.55 3.48 -8.85
CA VAL A 10 -3.22 4.72 -8.52
C VAL A 10 -3.84 5.32 -9.78
N LYS A 11 -3.30 4.91 -10.92
CA LYS A 11 -3.88 5.26 -12.21
C LYS A 11 -5.25 4.59 -12.36
N GLU A 12 -5.39 3.43 -11.73
CA GLU A 12 -6.63 2.68 -11.75
C GLU A 12 -7.63 3.26 -10.76
N TYR A 13 -7.12 3.72 -9.63
CA TYR A 13 -7.96 4.31 -8.60
C TYR A 13 -7.50 5.74 -8.30
N PRO A 14 -7.71 6.67 -9.24
CA PRO A 14 -7.26 8.05 -9.09
C PRO A 14 -8.03 8.79 -8.01
N ASP A 15 -9.15 8.21 -7.60
CA ASP A 15 -9.97 8.80 -6.55
C ASP A 15 -9.82 8.04 -5.25
N PHE A 16 -8.91 7.07 -5.25
CA PHE A 16 -8.53 6.38 -4.04
C PHE A 16 -7.09 6.70 -3.72
N ASN A 17 -6.87 7.49 -2.68
CA ASN A 17 -5.55 7.93 -2.33
C ASN A 17 -4.80 6.86 -1.55
N PHE A 18 -4.11 5.96 -2.23
CA PHE A 18 -3.35 4.94 -1.51
C PHE A 18 -2.30 5.61 -0.64
N VAL A 19 -1.78 6.74 -1.07
CA VAL A 19 -0.89 7.52 -0.25
C VAL A 19 -1.60 8.03 1.00
N GLY A 20 -2.75 8.68 0.82
CA GLY A 20 -3.52 9.16 1.95
C GLY A 20 -4.12 8.03 2.77
N ARG A 21 -4.08 6.84 2.20
CA ARG A 21 -4.65 5.66 2.83
C ARG A 21 -3.57 4.84 3.54
N ILE A 22 -2.40 4.77 2.94
CA ILE A 22 -1.31 4.00 3.49
C ILE A 22 -0.46 4.82 4.44
N LEU A 23 0.09 5.93 3.96
CA LEU A 23 0.91 6.77 4.81
C LEU A 23 0.20 8.06 5.23
N GLY A 24 -1.04 8.25 4.76
CA GLY A 24 -1.80 9.44 5.11
C GLY A 24 -1.87 9.68 6.60
N PRO A 25 -2.77 8.99 7.32
CA PRO A 25 -2.85 9.08 8.78
C PRO A 25 -1.92 8.07 9.45
N ARG A 26 -1.44 7.10 8.69
CA ARG A 26 -0.67 6.00 9.23
C ARG A 26 0.75 5.95 8.66
N GLY A 27 1.27 7.10 8.22
CA GLY A 27 2.65 7.15 7.75
C GLY A 27 3.63 6.64 8.79
N LEU A 28 3.23 6.79 10.05
CA LEU A 28 4.01 6.31 11.17
C LEU A 28 4.31 4.82 11.04
N THR A 29 3.41 4.09 10.40
CA THR A 29 3.58 2.64 10.28
C THR A 29 4.77 2.32 9.38
N ALA A 30 4.93 3.07 8.29
CA ALA A 30 6.06 2.86 7.40
C ALA A 30 7.36 3.15 8.13
N LYS A 31 7.28 4.14 9.00
CA LYS A 31 8.40 4.52 9.84
C LYS A 31 8.76 3.40 10.83
N GLN A 32 7.73 2.74 11.35
CA GLN A 32 7.93 1.66 12.31
C GLN A 32 8.51 0.44 11.63
N LEU A 33 8.08 0.20 10.39
CA LEU A 33 8.53 -0.97 9.66
C LEU A 33 10.03 -0.89 9.40
N GLU A 34 10.52 0.27 9.00
CA GLU A 34 11.94 0.40 8.72
C GLU A 34 12.75 0.32 10.01
N ALA A 35 12.21 0.89 11.07
CA ALA A 35 12.85 0.87 12.37
C ALA A 35 12.92 -0.55 12.92
N GLU A 36 11.83 -1.29 12.77
CA GLU A 36 11.73 -2.63 13.35
C GLU A 36 12.23 -3.72 12.41
N THR A 37 11.74 -3.74 11.18
CA THR A 37 12.06 -4.84 10.28
C THR A 37 13.46 -4.69 9.71
N GLY A 38 13.98 -3.46 9.74
CA GLY A 38 15.24 -3.15 9.10
C GLY A 38 15.05 -2.87 7.64
N CYS A 39 13.81 -2.98 7.20
CA CYS A 39 13.45 -2.66 5.84
C CYS A 39 12.80 -1.31 5.77
N LYS A 40 13.41 -0.41 5.06
CA LYS A 40 12.81 0.87 4.83
C LYS A 40 11.80 0.74 3.73
N ILE A 41 10.55 0.56 4.11
CA ILE A 41 9.50 0.43 3.14
C ILE A 41 9.11 1.80 2.64
N MET A 42 9.40 2.06 1.39
CA MET A 42 9.16 3.34 0.81
C MET A 42 8.02 3.23 -0.18
N VAL A 43 7.09 4.14 -0.10
CA VAL A 43 6.01 4.17 -1.05
C VAL A 43 6.51 4.88 -2.29
N ARG A 44 6.65 4.14 -3.37
CA ARG A 44 7.19 4.69 -4.59
C ARG A 44 6.06 5.02 -5.54
N GLY A 45 6.31 5.97 -6.41
CA GLY A 45 5.26 6.45 -7.28
C GLY A 45 4.92 7.87 -6.98
N LYS A 46 3.84 8.34 -7.56
CA LYS A 46 3.40 9.70 -7.36
C LYS A 46 2.73 9.85 -5.99
N GLY A 47 3.35 10.63 -5.11
CA GLY A 47 2.71 10.94 -3.84
C GLY A 47 3.50 10.45 -2.64
N SER A 48 4.75 10.07 -2.87
CA SER A 48 5.59 9.60 -1.79
C SER A 48 5.87 10.72 -0.79
N MET A 49 6.50 11.78 -1.27
CA MET A 49 6.74 12.98 -0.49
C MET A 49 6.16 14.19 -1.20
N ARG A 50 5.05 13.98 -1.91
CA ARG A 50 4.40 14.99 -2.76
C ARG A 50 3.93 16.24 -2.01
N ASP A 51 4.56 16.55 -0.90
CA ASP A 51 4.24 17.73 -0.14
C ASP A 51 4.85 18.94 -0.84
N LYS A 52 4.13 20.06 -0.87
CA LYS A 52 4.57 21.24 -1.61
C LYS A 52 5.89 21.77 -1.06
N LYS A 53 6.10 21.61 0.23
CA LYS A 53 7.35 22.03 0.81
C LYS A 53 8.49 21.15 0.30
N LYS A 54 8.24 19.84 0.17
CA LYS A 54 9.27 18.93 -0.31
C LYS A 54 9.76 19.33 -1.70
N GLU A 55 8.85 19.68 -2.59
CA GLU A 55 9.23 20.09 -3.93
C GLU A 55 10.03 21.39 -3.91
N GLU A 56 9.88 22.14 -2.83
CA GLU A 56 10.69 23.35 -2.64
C GLU A 56 12.17 23.01 -2.39
N GLN A 57 12.47 22.30 -1.29
CA GLN A 57 13.87 22.05 -0.92
C GLN A 57 14.30 20.61 -1.22
N ASN A 58 13.40 19.67 -1.01
CA ASN A 58 13.71 18.24 -1.16
C ASN A 58 13.50 17.83 -2.61
N ARG A 59 13.24 18.83 -3.44
CA ARG A 59 13.09 18.66 -4.89
C ARG A 59 14.25 17.88 -5.50
N GLY A 60 13.93 17.03 -6.46
CA GLY A 60 14.94 16.26 -7.16
C GLY A 60 15.38 15.01 -6.40
N LYS A 61 14.93 14.87 -5.16
CA LYS A 61 15.34 13.76 -4.32
C LYS A 61 14.44 12.54 -4.53
N PRO A 62 14.85 11.35 -4.00
CA PRO A 62 14.13 10.07 -4.06
C PRO A 62 12.59 10.16 -4.17
N ASN A 63 12.01 11.18 -3.57
CA ASN A 63 10.57 11.36 -3.60
C ASN A 63 10.11 11.61 -5.01
N TRP A 64 10.87 12.42 -5.72
CA TRP A 64 10.59 12.70 -7.09
C TRP A 64 11.34 11.73 -7.99
N GLU A 65 12.34 11.06 -7.41
CA GLU A 65 13.05 9.99 -8.10
C GLU A 65 12.07 8.91 -8.52
N HIS A 66 11.25 8.49 -7.59
CA HIS A 66 10.25 7.48 -7.87
C HIS A 66 8.87 8.10 -8.12
N LEU A 67 8.80 9.43 -8.05
CA LEU A 67 7.53 10.15 -8.29
C LEU A 67 7.00 9.86 -9.68
N ASN A 68 7.92 9.57 -10.56
CA ASN A 68 7.62 9.41 -11.97
C ASN A 68 7.23 7.97 -12.26
N GLU A 69 7.24 7.16 -11.21
CA GLU A 69 6.75 5.80 -11.26
C GLU A 69 5.29 5.78 -10.82
N ASP A 70 4.61 4.65 -10.97
CA ASP A 70 3.24 4.55 -10.50
C ASP A 70 3.23 4.04 -9.06
N LEU A 71 2.28 4.56 -8.29
CA LEU A 71 2.21 4.32 -6.86
C LEU A 71 2.26 2.84 -6.50
N HIS A 72 3.27 2.47 -5.77
CA HIS A 72 3.38 1.12 -5.23
C HIS A 72 4.11 1.16 -3.91
N VAL A 73 4.05 0.08 -3.16
CA VAL A 73 4.75 0.00 -1.91
C VAL A 73 5.97 -0.88 -2.07
N LEU A 74 7.12 -0.37 -1.68
CA LEU A 74 8.35 -1.08 -1.89
C LEU A 74 9.11 -1.24 -0.60
N ILE A 75 9.24 -2.48 -0.18
CA ILE A 75 10.05 -2.80 0.97
C ILE A 75 11.50 -2.95 0.55
N THR A 76 12.31 -2.00 1.00
CA THR A 76 13.74 -2.00 0.72
C THR A 76 14.52 -2.49 1.93
N VAL A 77 15.01 -3.71 1.85
CA VAL A 77 15.79 -4.27 2.93
C VAL A 77 17.20 -4.56 2.45
N GLU A 78 18.19 -3.97 3.12
CA GLU A 78 19.56 -4.19 2.74
C GLU A 78 20.11 -5.43 3.44
N ASP A 79 19.94 -6.58 2.80
CA ASP A 79 20.40 -7.87 3.32
C ASP A 79 19.76 -8.99 2.52
N ALA A 80 20.38 -10.16 2.48
CA ALA A 80 19.84 -11.30 1.77
C ALA A 80 19.14 -12.26 2.73
N GLN A 81 19.23 -11.97 4.03
CA GLN A 81 18.60 -12.79 5.06
C GLN A 81 17.09 -12.89 4.83
N ASN A 82 16.61 -14.13 4.71
CA ASN A 82 15.19 -14.37 4.47
C ASN A 82 14.38 -14.05 5.72
N ARG A 83 14.98 -14.18 6.89
CA ARG A 83 14.34 -13.78 8.13
C ARG A 83 14.05 -12.29 8.11
N ALA A 84 14.94 -11.52 7.52
CA ALA A 84 14.74 -10.09 7.35
C ALA A 84 13.50 -9.84 6.53
N GLU A 85 13.53 -10.30 5.28
CA GLU A 85 12.45 -10.03 4.33
C GLU A 85 11.13 -10.55 4.88
N LEU A 86 11.18 -11.64 5.64
CA LEU A 86 9.99 -12.20 6.27
C LEU A 86 9.35 -11.18 7.21
N LYS A 87 10.18 -10.42 7.93
CA LYS A 87 9.68 -9.46 8.89
C LYS A 87 9.01 -8.27 8.17
N LEU A 88 9.64 -7.78 7.12
CA LEU A 88 9.08 -6.67 6.34
C LEU A 88 7.86 -7.10 5.54
N LYS A 89 7.86 -8.33 5.03
CA LYS A 89 6.75 -8.80 4.21
C LYS A 89 5.47 -8.94 5.03
N ARG A 90 5.60 -9.33 6.30
CA ARG A 90 4.42 -9.44 7.17
C ARG A 90 3.89 -8.06 7.52
N ALA A 91 4.79 -7.11 7.69
CA ALA A 91 4.37 -5.74 7.95
C ALA A 91 3.77 -5.11 6.69
N VAL A 92 4.40 -5.36 5.57
CA VAL A 92 3.98 -4.76 4.32
C VAL A 92 2.66 -5.35 3.84
N GLU A 93 2.44 -6.62 4.15
CA GLU A 93 1.20 -7.28 3.80
C GLU A 93 0.03 -6.74 4.60
N GLU A 94 0.32 -6.31 5.79
CA GLU A 94 -0.66 -5.53 6.55
C GLU A 94 -1.01 -4.26 5.77
N VAL A 95 0.01 -3.67 5.12
CA VAL A 95 -0.25 -2.62 4.14
C VAL A 95 -1.03 -3.20 2.97
N LYS A 96 -0.72 -4.43 2.59
CA LYS A 96 -1.46 -5.12 1.52
C LYS A 96 -2.96 -5.13 1.81
N LYS A 97 -3.31 -5.12 3.10
CA LYS A 97 -4.71 -5.13 3.50
C LYS A 97 -5.30 -3.73 3.33
N LEU A 98 -4.52 -2.71 3.69
CA LEU A 98 -5.01 -1.34 3.63
C LEU A 98 -4.92 -0.73 2.24
N LEU A 99 -3.96 -1.17 1.45
CA LEU A 99 -3.77 -0.61 0.10
C LEU A 99 -4.88 -1.05 -0.87
N VAL A 100 -6.00 -1.51 -0.32
CA VAL A 100 -7.15 -1.89 -1.12
C VAL A 100 -8.13 -0.71 -1.17
N PRO A 101 -8.68 -0.40 -2.37
CA PRO A 101 -9.68 0.67 -2.56
C PRO A 101 -10.89 0.51 -1.65
N ALA A 102 -11.11 -0.72 -1.21
CA ALA A 102 -12.14 -1.02 -0.23
C ALA A 102 -13.54 -0.70 -0.75
N ALA A 103 -14.50 -0.58 0.17
CA ALA A 103 -15.88 -0.24 -0.15
C ALA A 103 -16.53 -1.30 -1.03
N GLU A 104 -16.07 -2.54 -0.91
CA GLU A 104 -16.62 -3.64 -1.70
C GLU A 104 -17.91 -4.14 -1.07
N GLY A 105 -17.93 -4.19 0.25
CA GLY A 105 -19.06 -4.74 0.95
C GLY A 105 -18.97 -6.24 1.06
N GLU A 106 -17.83 -6.72 1.54
CA GLU A 106 -17.56 -8.15 1.64
C GLU A 106 -18.58 -8.82 2.54
N ASP A 107 -18.78 -8.24 3.71
CA ASP A 107 -19.68 -8.79 4.71
C ASP A 107 -21.13 -8.61 4.31
N SER A 108 -21.36 -7.66 3.43
CA SER A 108 -22.71 -7.36 2.99
C SER A 108 -23.21 -8.41 2.00
N LEU A 109 -22.31 -9.12 1.35
CA LEU A 109 -22.67 -10.05 0.29
C LEU A 109 -23.65 -11.12 0.77
N LYS A 110 -23.30 -11.82 1.84
CA LYS A 110 -24.15 -12.89 2.36
C LYS A 110 -25.21 -12.33 3.30
N LYS A 111 -24.85 -11.31 4.07
CA LYS A 111 -25.78 -10.73 5.03
C LYS A 111 -26.98 -10.10 4.32
N MET A 112 -26.73 -9.48 3.17
CA MET A 112 -27.81 -8.86 2.41
C MET A 112 -28.64 -9.88 1.67
N LYS A 113 -28.03 -10.98 1.27
CA LYS A 113 -28.76 -12.04 0.58
C LYS A 113 -29.67 -12.78 1.55
N LEU A 114 -29.22 -12.95 2.78
CA LEU A 114 -29.98 -13.70 3.74
C LEU A 114 -30.85 -12.80 4.62
N MET A 115 -30.22 -11.95 5.42
CA MET A 115 -30.93 -11.17 6.43
C MET A 115 -31.54 -9.90 5.83
N GLU A 116 -30.72 -9.13 5.14
CA GLU A 116 -31.15 -7.84 4.60
C GLU A 116 -32.21 -8.01 3.51
N LEU A 117 -32.28 -9.23 2.97
CA LEU A 117 -33.21 -9.55 1.90
C LEU A 117 -34.64 -9.52 2.40
N ALA A 118 -34.82 -9.90 3.67
CA ALA A 118 -36.12 -10.00 4.31
C ALA A 118 -36.85 -11.22 3.79
N ILE A 119 -36.54 -12.35 4.39
CA ILE A 119 -37.07 -13.64 3.96
C ILE A 119 -38.50 -13.84 4.43
N LEU A 120 -39.00 -15.07 4.32
CA LEU A 120 -40.39 -15.36 4.64
C LEU A 120 -40.73 -14.99 6.08
N ASN A 121 -41.96 -14.58 6.29
CA ASN A 121 -42.45 -14.14 7.59
C ASN A 121 -43.96 -13.95 7.49
N GLY A 122 -44.52 -13.11 8.35
CA GLY A 122 -45.94 -12.81 8.30
C GLY A 122 -46.36 -12.28 6.94
N THR A 123 -45.51 -11.44 6.35
CA THR A 123 -45.76 -10.91 5.02
C THR A 123 -45.66 -12.00 3.96
N TYR A 124 -44.46 -12.56 3.82
CA TYR A 124 -44.21 -13.57 2.80
C TYR A 124 -44.58 -14.95 3.32
N ARG A 125 -45.88 -15.21 3.38
CA ARG A 125 -46.38 -16.50 3.78
C ARG A 125 -46.30 -17.49 2.61
N ASP A 126 -46.03 -16.95 1.44
CA ASP A 126 -45.87 -17.75 0.23
C ASP A 126 -44.59 -18.59 0.30
N ALA A 127 -43.47 -17.92 0.52
CA ALA A 127 -42.17 -18.58 0.55
C ALA A 127 -41.97 -19.35 1.86
N ASN A 128 -42.99 -19.35 2.69
CA ASN A 128 -42.97 -20.09 3.95
C ASN A 128 -42.96 -21.59 3.63
N LEU A 129 -43.81 -22.00 2.70
CA LEU A 129 -43.85 -23.39 2.29
C LEU A 129 -42.86 -23.63 1.17
N LYS A 130 -41.65 -24.00 1.53
CA LYS A 130 -40.59 -24.19 0.57
C LYS A 130 -40.81 -25.44 -0.27
N SER A 131 -41.11 -25.22 -1.54
CA SER A 131 -41.20 -26.29 -2.50
C SER A 131 -40.08 -26.14 -3.53
N PRO A 132 -39.30 -27.22 -3.75
CA PRO A 132 -38.15 -27.20 -4.67
C PRO A 132 -38.54 -26.91 -6.11
N ALA A 133 -39.81 -27.11 -6.43
CA ALA A 133 -40.32 -26.84 -7.76
C ALA A 133 -41.48 -25.88 -7.69
N LEU A 134 -42.59 -26.38 -7.20
CA LEU A 134 -43.80 -25.60 -7.04
C LEU A 134 -44.75 -26.32 -6.09
N HIS A 135 -45.02 -27.52 -6.31
#